data_3Q49
# 
_entry.id   3Q49 
# 
_audit_conform.dict_name       mmcif_pdbx.dic 
_audit_conform.dict_version    5.380 
_audit_conform.dict_location   http://mmcif.pdb.org/dictionaries/ascii/mmcif_pdbx.dic 
# 
loop_
_database_2.database_id 
_database_2.database_code 
_database_2.pdbx_database_accession 
_database_2.pdbx_DOI 
PDB   3Q49         pdb_00003q49 10.2210/pdb3q49/pdb 
RCSB  RCSB063174   ?            ?                   
WWPDB D_1000063174 ?            ?                   
# 
loop_
_pdbx_database_related.db_name 
_pdbx_database_related.db_id 
_pdbx_database_related.details 
_pdbx_database_related.content_type 
PDB 3Q47 . unspecified 
PDB 3Q4A . unspecified 
# 
_pdbx_database_status.status_code                     REL 
_pdbx_database_status.entry_id                        3Q49 
_pdbx_database_status.recvd_initial_deposition_date   2010-12-23 
_pdbx_database_status.deposit_site                    RCSB 
_pdbx_database_status.process_site                    PDBJ 
_pdbx_database_status.status_code_sf                  REL 
_pdbx_database_status.status_code_mr                  ? 
_pdbx_database_status.SG_entry                        ? 
_pdbx_database_status.status_code_cs                  ? 
_pdbx_database_status.pdb_format_compatible           Y 
_pdbx_database_status.status_code_nmr_data            ? 
_pdbx_database_status.methods_development_category    ? 
# 
loop_
_audit_author.name 
_audit_author.pdbx_ordinal 
'Wang, L.' 1 
'Chen, L.' 2 
'Wu, J.W.' 3 
# 
_citation.id                        primary 
_citation.title                     
'Molecular Mechanism of the Negative Regulation of Smad1/5 Protein by Carboxyl Terminus of Hsc70-interacting Protein (CHIP).' 
_citation.journal_abbrev            J.Biol.Chem. 
_citation.journal_volume            286 
_citation.page_first                15883 
_citation.page_last                 15894 
_citation.year                      2011 
_citation.journal_id_ASTM           JBCHA3 
_citation.country                   US 
_citation.journal_id_ISSN           0021-9258 
_citation.journal_id_CSD            0071 
_citation.book_publisher            ? 
_citation.pdbx_database_id_PubMed   21454478 
_citation.pdbx_database_id_DOI      10.1074/jbc.M110.201814 
# 
loop_
_citation_author.citation_id 
_citation_author.name 
_citation_author.ordinal 
_citation_author.identifier_ORCID 
primary 'Wang, L.'   1 ? 
primary 'Liu, Y.T.'  2 ? 
primary 'Hao, R.'    3 ? 
primary 'Chen, L.'   4 ? 
primary 'Chang, Z.'  5 ? 
primary 'Wang, H.R.' 6 ? 
primary 'Wang, Z.X.' 7 ? 
primary 'Wu, J.W.'   8 ? 
# 
_cell.entry_id           3Q49 
_cell.length_a           46.033 
_cell.length_b           77.967 
_cell.length_c           37.341 
_cell.angle_alpha        90.00 
_cell.angle_beta         90.00 
_cell.angle_gamma        90.00 
_cell.Z_PDB              4 
_cell.pdbx_unique_axis   ? 
_cell.length_a_esd       ? 
_cell.length_b_esd       ? 
_cell.length_c_esd       ? 
_cell.angle_alpha_esd    ? 
_cell.angle_beta_esd     ? 
_cell.angle_gamma_esd    ? 
# 
_symmetry.entry_id                         3Q49 
_symmetry.space_group_name_H-M             'P 21 21 2' 
_symmetry.pdbx_full_space_group_name_H-M   ? 
_symmetry.cell_setting                     ? 
_symmetry.Int_Tables_number                18 
_symmetry.space_group_name_Hall            ? 
# 
loop_
_entity.id 
_entity.type 
_entity.src_method 
_entity.pdbx_description 
_entity.formula_weight 
_entity.pdbx_number_of_molecules 
_entity.pdbx_ec 
_entity.pdbx_mutation 
_entity.pdbx_fragment 
_entity.details 
1 polymer man 'STIP1 homology and U box-containing protein 1' 15733.964 1   6.3.2.- ? 'TPR domain' ? 
2 polymer syn 'Hsp70-C peptide'                               858.890   1   ?       ? ?            ? 
3 water   nat water                                           18.015    197 ?       ? ?            ? 
# 
_entity_name_com.entity_id   1 
_entity_name_com.name        'Carboxy terminus of Hsp70-interacting protein, E3 ubiquitin-protein ligase CHIP' 
# 
loop_
_entity_poly.entity_id 
_entity_poly.type 
_entity_poly.nstd_linkage 
_entity_poly.nstd_monomer 
_entity_poly.pdbx_seq_one_letter_code 
_entity_poly.pdbx_seq_one_letter_code_can 
_entity_poly.pdbx_strand_id 
_entity_poly.pdbx_target_identifier 
1 'polypeptide(L)' no no 
;GPHMKSPSAQELKEQGNRLFVGRKYPEAAACYGRAITRNPLVAVYYTNRALCYLKMQQPEQALADCRRALELDGQSVKAH
FFLGQCQLEMESYDEAIANLQRAYSLAKEQRLNFGDDIPSALRIAKKKRWNSIEERR
;
;GPHMKSPSAQELKEQGNRLFVGRKYPEAAACYGRAITRNPLVAVYYTNRALCYLKMQQPEQALADCRRALELDGQSVKAH
FFLGQCQLEMESYDEAIANLQRAYSLAKEQRLNFGDDIPSALRIAKKKRWNSIEERR
;
B ? 
2 'polypeptide(L)' no no GPTIEEVD GPTIEEVD C ? 
# 
loop_
_entity_poly_seq.entity_id 
_entity_poly_seq.num 
_entity_poly_seq.mon_id 
_entity_poly_seq.hetero 
1 1   GLY n 
1 2   PRO n 
1 3   HIS n 
1 4   MET n 
1 5   LYS n 
1 6   SER n 
1 7   PRO n 
1 8   SER n 
1 9   ALA n 
1 10  GLN n 
1 11  GLU n 
1 12  LEU n 
1 13  LYS n 
1 14  GLU n 
1 15  GLN n 
1 16  GLY n 
1 17  ASN n 
1 18  ARG n 
1 19  LEU n 
1 20  PHE n 
1 21  VAL n 
1 22  GLY n 
1 23  ARG n 
1 24  LYS n 
1 25  TYR n 
1 26  PRO n 
1 27  GLU n 
1 28  ALA n 
1 29  ALA n 
1 30  ALA n 
1 31  CYS n 
1 32  TYR n 
1 33  GLY n 
1 34  ARG n 
1 35  ALA n 
1 36  ILE n 
1 37  THR n 
1 38  ARG n 
1 39  ASN n 
1 40  PRO n 
1 41  LEU n 
1 42  VAL n 
1 43  ALA n 
1 44  VAL n 
1 45  TYR n 
1 46  TYR n 
1 47  THR n 
1 48  ASN n 
1 49  ARG n 
1 50  ALA n 
1 51  LEU n 
1 52  CYS n 
1 53  TYR n 
1 54  LEU n 
1 55  LYS n 
1 56  MET n 
1 57  GLN n 
1 58  GLN n 
1 59  PRO n 
1 60  GLU n 
1 61  GLN n 
1 62  ALA n 
1 63  LEU n 
1 64  ALA n 
1 65  ASP n 
1 66  CYS n 
1 67  ARG n 
1 68  ARG n 
1 69  ALA n 
1 70  LEU n 
1 71  GLU n 
1 72  LEU n 
1 73  ASP n 
1 74  GLY n 
1 75  GLN n 
1 76  SER n 
1 77  VAL n 
1 78  LYS n 
1 79  ALA n 
1 80  HIS n 
1 81  PHE n 
1 82  PHE n 
1 83  LEU n 
1 84  GLY n 
1 85  GLN n 
1 86  CYS n 
1 87  GLN n 
1 88  LEU n 
1 89  GLU n 
1 90  MET n 
1 91  GLU n 
1 92  SER n 
1 93  TYR n 
1 94  ASP n 
1 95  GLU n 
1 96  ALA n 
1 97  ILE n 
1 98  ALA n 
1 99  ASN n 
1 100 LEU n 
1 101 GLN n 
1 102 ARG n 
1 103 ALA n 
1 104 TYR n 
1 105 SER n 
1 106 LEU n 
1 107 ALA n 
1 108 LYS n 
1 109 GLU n 
1 110 GLN n 
1 111 ARG n 
1 112 LEU n 
1 113 ASN n 
1 114 PHE n 
1 115 GLY n 
1 116 ASP n 
1 117 ASP n 
1 118 ILE n 
1 119 PRO n 
1 120 SER n 
1 121 ALA n 
1 122 LEU n 
1 123 ARG n 
1 124 ILE n 
1 125 ALA n 
1 126 LYS n 
1 127 LYS n 
1 128 LYS n 
1 129 ARG n 
1 130 TRP n 
1 131 ASN n 
1 132 SER n 
1 133 ILE n 
1 134 GLU n 
1 135 GLU n 
1 136 ARG n 
1 137 ARG n 
2 1   GLY n 
2 2   PRO n 
2 3   THR n 
2 4   ILE n 
2 5   GLU n 
2 6   GLU n 
2 7   VAL n 
2 8   ASP n 
# 
_entity_src_gen.entity_id                          1 
_entity_src_gen.pdbx_src_id                        1 
_entity_src_gen.pdbx_alt_source_flag               sample 
_entity_src_gen.pdbx_seq_type                      ? 
_entity_src_gen.pdbx_beg_seq_num                   ? 
_entity_src_gen.pdbx_end_seq_num                   ? 
_entity_src_gen.gene_src_common_name               mouse 
_entity_src_gen.gene_src_genus                     ? 
_entity_src_gen.pdbx_gene_src_gene                 'Stub1, Chip' 
_entity_src_gen.gene_src_species                   ? 
_entity_src_gen.gene_src_strain                    ? 
_entity_src_gen.gene_src_tissue                    ? 
_entity_src_gen.gene_src_tissue_fraction           ? 
_entity_src_gen.gene_src_details                   ? 
_entity_src_gen.pdbx_gene_src_fragment             ? 
_entity_src_gen.pdbx_gene_src_scientific_name      'Mus musculus' 
_entity_src_gen.pdbx_gene_src_ncbi_taxonomy_id     10090 
_entity_src_gen.pdbx_gene_src_variant              ? 
_entity_src_gen.pdbx_gene_src_cell_line            ? 
_entity_src_gen.pdbx_gene_src_atcc                 ? 
_entity_src_gen.pdbx_gene_src_organ                ? 
_entity_src_gen.pdbx_gene_src_organelle            ? 
_entity_src_gen.pdbx_gene_src_cell                 ? 
_entity_src_gen.pdbx_gene_src_cellular_location    ? 
_entity_src_gen.host_org_common_name               ? 
_entity_src_gen.pdbx_host_org_scientific_name      'Escherichia coli' 
_entity_src_gen.pdbx_host_org_ncbi_taxonomy_id     562 
_entity_src_gen.host_org_genus                     ? 
_entity_src_gen.pdbx_host_org_gene                 ? 
_entity_src_gen.pdbx_host_org_organ                ? 
_entity_src_gen.host_org_species                   ? 
_entity_src_gen.pdbx_host_org_tissue               ? 
_entity_src_gen.pdbx_host_org_tissue_fraction      ? 
_entity_src_gen.pdbx_host_org_strain               'BL21(DE3)' 
_entity_src_gen.pdbx_host_org_variant              ? 
_entity_src_gen.pdbx_host_org_cell_line            ? 
_entity_src_gen.pdbx_host_org_atcc                 ? 
_entity_src_gen.pdbx_host_org_culture_collection   ? 
_entity_src_gen.pdbx_host_org_cell                 ? 
_entity_src_gen.pdbx_host_org_organelle            ? 
_entity_src_gen.pdbx_host_org_cellular_location    ? 
_entity_src_gen.pdbx_host_org_vector_type          Plasmid 
_entity_src_gen.pdbx_host_org_vector               ? 
_entity_src_gen.host_org_details                   ? 
_entity_src_gen.expression_system_id               ? 
_entity_src_gen.plasmid_name                       pET-Duet-1 
_entity_src_gen.plasmid_details                    ? 
_entity_src_gen.pdbx_description                   ? 
# 
_pdbx_entity_src_syn.entity_id              2 
_pdbx_entity_src_syn.pdbx_src_id            1 
_pdbx_entity_src_syn.pdbx_alt_source_flag   sample 
_pdbx_entity_src_syn.pdbx_beg_seq_num       ? 
_pdbx_entity_src_syn.pdbx_end_seq_num       ? 
_pdbx_entity_src_syn.organism_scientific    'Homo sapiens' 
_pdbx_entity_src_syn.organism_common_name   human 
_pdbx_entity_src_syn.ncbi_taxonomy_id       9606 
_pdbx_entity_src_syn.details                'The peptide was chemically synthesized.' 
# 
loop_
_struct_ref.id 
_struct_ref.db_name 
_struct_ref.db_code 
_struct_ref.pdbx_db_accession 
_struct_ref.entity_id 
_struct_ref.pdbx_seq_one_letter_code 
_struct_ref.pdbx_align_begin 
_struct_ref.pdbx_db_isoform 
1 UNP CHIP_MOUSE Q9WUD1 1 
;KSPSAQELKEQGNRLFVGRKYPEAAACYGRAITRNPLVAVYYTNRALCYLKMQQPEQALADCRRALELDGQSVKAHFFLG
QCQLEMESYDEAIANLQRAYSLAKEQRLNFGDDIPSALRIAKKKRWNSIEERR
;
23 ? 
2 PDB 3Q49       3Q49   2 ? ?  ? 
# 
loop_
_struct_ref_seq.align_id 
_struct_ref_seq.ref_id 
_struct_ref_seq.pdbx_PDB_id_code 
_struct_ref_seq.pdbx_strand_id 
_struct_ref_seq.seq_align_beg 
_struct_ref_seq.pdbx_seq_align_beg_ins_code 
_struct_ref_seq.seq_align_end 
_struct_ref_seq.pdbx_seq_align_end_ins_code 
_struct_ref_seq.pdbx_db_accession 
_struct_ref_seq.db_align_beg 
_struct_ref_seq.pdbx_db_align_beg_ins_code 
_struct_ref_seq.db_align_end 
_struct_ref_seq.pdbx_db_align_end_ins_code 
_struct_ref_seq.pdbx_auth_seq_align_beg 
_struct_ref_seq.pdbx_auth_seq_align_end 
1 1 3Q49 B 5 ? 137 ? Q9WUD1 23  ? 155 ? 23  155 
2 2 3Q49 C 1 ? 8   ? 3Q49   634 ? 641 ? 634 641 
# 
loop_
_struct_ref_seq_dif.align_id 
_struct_ref_seq_dif.pdbx_pdb_id_code 
_struct_ref_seq_dif.mon_id 
_struct_ref_seq_dif.pdbx_pdb_strand_id 
_struct_ref_seq_dif.seq_num 
_struct_ref_seq_dif.pdbx_pdb_ins_code 
_struct_ref_seq_dif.pdbx_seq_db_name 
_struct_ref_seq_dif.pdbx_seq_db_accession_code 
_struct_ref_seq_dif.db_mon_id 
_struct_ref_seq_dif.pdbx_seq_db_seq_num 
_struct_ref_seq_dif.details 
_struct_ref_seq_dif.pdbx_auth_seq_num 
_struct_ref_seq_dif.pdbx_ordinal 
1 3Q49 GLY B 1 ? UNP Q9WUD1 ? ? 'expression tag' 19 1 
1 3Q49 PRO B 2 ? UNP Q9WUD1 ? ? 'expression tag' 20 2 
1 3Q49 HIS B 3 ? UNP Q9WUD1 ? ? 'expression tag' 21 3 
1 3Q49 MET B 4 ? UNP Q9WUD1 ? ? 'expression tag' 22 4 
# 
loop_
_chem_comp.id 
_chem_comp.type 
_chem_comp.mon_nstd_flag 
_chem_comp.name 
_chem_comp.pdbx_synonyms 
_chem_comp.formula 
_chem_comp.formula_weight 
ALA 'L-peptide linking' y ALANINE         ? 'C3 H7 N O2'     89.093  
ARG 'L-peptide linking' y ARGININE        ? 'C6 H15 N4 O2 1' 175.209 
ASN 'L-peptide linking' y ASPARAGINE      ? 'C4 H8 N2 O3'    132.118 
ASP 'L-peptide linking' y 'ASPARTIC ACID' ? 'C4 H7 N O4'     133.103 
CYS 'L-peptide linking' y CYSTEINE        ? 'C3 H7 N O2 S'   121.158 
GLN 'L-peptide linking' y GLUTAMINE       ? 'C5 H10 N2 O3'   146.144 
GLU 'L-peptide linking' y 'GLUTAMIC ACID' ? 'C5 H9 N O4'     147.129 
GLY 'peptide linking'   y GLYCINE         ? 'C2 H5 N O2'     75.067  
HIS 'L-peptide linking' y HISTIDINE       ? 'C6 H10 N3 O2 1' 156.162 
HOH non-polymer         . WATER           ? 'H2 O'           18.015  
ILE 'L-peptide linking' y ISOLEUCINE      ? 'C6 H13 N O2'    131.173 
LEU 'L-peptide linking' y LEUCINE         ? 'C6 H13 N O2'    131.173 
LYS 'L-peptide linking' y LYSINE          ? 'C6 H15 N2 O2 1' 147.195 
MET 'L-peptide linking' y METHIONINE      ? 'C5 H11 N O2 S'  149.211 
PHE 'L-peptide linking' y PHENYLALANINE   ? 'C9 H11 N O2'    165.189 
PRO 'L-peptide linking' y PROLINE         ? 'C5 H9 N O2'     115.130 
SER 'L-peptide linking' y SERINE          ? 'C3 H7 N O3'     105.093 
THR 'L-peptide linking' y THREONINE       ? 'C4 H9 N O3'     119.119 
TRP 'L-peptide linking' y TRYPTOPHAN      ? 'C11 H12 N2 O2'  204.225 
TYR 'L-peptide linking' y TYROSINE        ? 'C9 H11 N O3'    181.189 
VAL 'L-peptide linking' y VALINE          ? 'C5 H11 N O2'    117.146 
# 
_exptl.entry_id          3Q49 
_exptl.method            'X-RAY DIFFRACTION' 
_exptl.crystals_number   1 
# 
_exptl_crystal.id                    1 
_exptl_crystal.density_meas          ? 
_exptl_crystal.density_Matthews      2.02 
_exptl_crystal.density_percent_sol   39.09 
_exptl_crystal.description           ? 
_exptl_crystal.F_000                 ? 
_exptl_crystal.preparation           ? 
# 
_exptl_crystal_grow.crystal_id      1 
_exptl_crystal_grow.method          'VAPOR DIFFUSION, HANGING DROP' 
_exptl_crystal_grow.temp            294 
_exptl_crystal_grow.temp_details    ? 
_exptl_crystal_grow.pH              7.0 
_exptl_crystal_grow.pdbx_details    
'100mM Bis-tris propane pH 7.0, 40% PEG MME 2000, 3% (w/v) xylitol, VAPOR DIFFUSION, HANGING DROP, temperature 294K' 
_exptl_crystal_grow.pdbx_pH_range   ? 
# 
_diffrn.id                     1 
_diffrn.ambient_temp           100 
_diffrn.ambient_temp_details   ? 
_diffrn.crystal_id             1 
# 
_diffrn_detector.diffrn_id              1 
_diffrn_detector.detector               CCD 
_diffrn_detector.type                   'MARMOSAIC 225 mm CCD' 
_diffrn_detector.pdbx_collection_date   2009-07-12 
_diffrn_detector.details                ? 
# 
_diffrn_radiation.diffrn_id                        1 
_diffrn_radiation.wavelength_id                    1 
_diffrn_radiation.pdbx_monochromatic_or_laue_m_l   M 
_diffrn_radiation.monochromator                    GRAPHITE 
_diffrn_radiation.pdbx_diffrn_protocol             'SINGLE WAVELENGTH' 
_diffrn_radiation.pdbx_scattering_type             x-ray 
# 
_diffrn_radiation_wavelength.id           1 
_diffrn_radiation_wavelength.wavelength   0.97924 
_diffrn_radiation_wavelength.wt           1.0 
# 
_diffrn_source.diffrn_id                   1 
_diffrn_source.source                      SYNCHROTRON 
_diffrn_source.type                        'SSRF BEAMLINE BL17U' 
_diffrn_source.pdbx_synchrotron_site       SSRF 
_diffrn_source.pdbx_synchrotron_beamline   BL17U 
_diffrn_source.pdbx_wavelength             ? 
_diffrn_source.pdbx_wavelength_list        0.97924 
# 
_reflns.entry_id                     3Q49 
_reflns.observed_criterion_sigma_I   0 
_reflns.observed_criterion_sigma_F   0 
_reflns.d_resolution_low             33.7 
_reflns.d_resolution_high            1.54 
_reflns.number_obs                   20035 
_reflns.number_all                   20426 
_reflns.percent_possible_obs         99.8 
_reflns.pdbx_Rmerge_I_obs            0.062 
_reflns.pdbx_Rsym_value              ? 
_reflns.pdbx_netI_over_sigmaI        52.2 
_reflns.B_iso_Wilson_estimate        ? 
_reflns.pdbx_redundancy              7.5 
_reflns.R_free_details               ? 
_reflns.limit_h_max                  ? 
_reflns.limit_h_min                  ? 
_reflns.limit_k_max                  ? 
_reflns.limit_k_min                  ? 
_reflns.limit_l_max                  ? 
_reflns.limit_l_min                  ? 
_reflns.observed_criterion_F_max     ? 
_reflns.observed_criterion_F_min     ? 
_reflns.pdbx_chi_squared             ? 
_reflns.pdbx_scaling_rejects         ? 
_reflns.pdbx_ordinal                 1 
_reflns.pdbx_diffrn_id               1 
# 
_reflns_shell.d_res_high                  1.54 
_reflns_shell.d_res_low                   1.57 
_reflns_shell.percent_possible_all        99.7 
_reflns_shell.Rmerge_I_obs                0.195 
_reflns_shell.pdbx_Rsym_value             ? 
_reflns_shell.meanI_over_sigI_obs         11.2 
_reflns_shell.pdbx_redundancy             6.6 
_reflns_shell.percent_possible_obs        ? 
_reflns_shell.number_unique_all           ? 
_reflns_shell.number_measured_all         ? 
_reflns_shell.number_measured_obs         ? 
_reflns_shell.number_unique_obs           ? 
_reflns_shell.pdbx_chi_squared            ? 
_reflns_shell.pdbx_rejects                ? 
_reflns_shell.pdbx_netI_over_sigmaI_obs   ? 
_reflns_shell.number_possible             ? 
_reflns_shell.Rmerge_F_all                ? 
_reflns_shell.Rmerge_F_obs                ? 
_reflns_shell.Rmerge_I_all                ? 
_reflns_shell.meanI_over_sigI_all         ? 
_reflns_shell.pdbx_Rrim_I_all             ? 
_reflns_shell.pdbx_Rpim_I_all             ? 
_reflns_shell.pdbx_ordinal                1 
_reflns_shell.pdbx_diffrn_id              1 
# 
_refine.entry_id                                 3Q49 
_refine.ls_number_reflns_obs                     20035 
_refine.ls_number_reflns_all                     20426 
_refine.pdbx_ls_sigma_I                          ? 
_refine.pdbx_ls_sigma_F                          0.12 
_refine.pdbx_data_cutoff_high_absF               ? 
_refine.pdbx_data_cutoff_low_absF                ? 
_refine.pdbx_data_cutoff_high_rms_absF           ? 
_refine.ls_d_res_low                             33.678 
_refine.ls_d_res_high                            1.543 
_refine.ls_percent_reflns_obs                    97.99 
_refine.ls_R_factor_obs                          0.1695 
_refine.ls_R_factor_all                          ? 
_refine.ls_R_factor_R_work                       0.1676 
_refine.ls_R_factor_R_free                       0.2065 
_refine.ls_R_factor_R_free_error                 ? 
_refine.ls_R_factor_R_free_error_details         ? 
_refine.ls_percent_reflns_R_free                 5.13 
_refine.ls_number_reflns_R_free                  1027 
_refine.ls_number_parameters                     ? 
_refine.ls_number_restraints                     ? 
_refine.occupancy_min                            ? 
_refine.occupancy_max                            ? 
_refine.correlation_coeff_Fo_to_Fc               ? 
_refine.correlation_coeff_Fo_to_Fc_free          ? 
_refine.B_iso_mean                               ? 
_refine.aniso_B[1][1]                            -5.2402 
_refine.aniso_B[2][2]                            -3.9653 
_refine.aniso_B[3][3]                            9.4765 
_refine.aniso_B[1][2]                            -0.0000 
_refine.aniso_B[1][3]                            0.0000 
_refine.aniso_B[2][3]                            -0.0000 
_refine.solvent_model_details                    'FLAT BULK SOLVENT MODEL' 
_refine.solvent_model_param_ksol                 0.362 
_refine.solvent_model_param_bsol                 77.083 
_refine.pdbx_solvent_vdw_probe_radii             1.11 
_refine.pdbx_solvent_ion_probe_radii             ? 
_refine.pdbx_solvent_shrinkage_radii             0.90 
_refine.pdbx_ls_cross_valid_method               ? 
_refine.details                                  ? 
_refine.pdbx_starting_model                      2C2L 
_refine.pdbx_method_to_determine_struct          'MOLECULAR REPLACEMENT' 
_refine.pdbx_isotropic_thermal_model             ? 
_refine.pdbx_stereochemistry_target_values       ML 
_refine.pdbx_stereochem_target_val_spec_case     ? 
_refine.pdbx_R_Free_selection_details            RANDOM 
_refine.pdbx_overall_ESU_R_Free                  ? 
_refine.overall_SU_ML                            0.15 
_refine.overall_SU_B                             ? 
_refine.overall_SU_R_Cruickshank_DPI             ? 
_refine.ls_redundancy_reflns_obs                 ? 
_refine.B_iso_min                                ? 
_refine.B_iso_max                                ? 
_refine.overall_SU_R_free                        ? 
_refine.ls_wR_factor_R_free                      ? 
_refine.ls_wR_factor_R_work                      ? 
_refine.overall_FOM_free_R_set                   ? 
_refine.overall_FOM_work_R_set                   ? 
_refine.pdbx_overall_phase_error                 ? 
_refine.pdbx_refine_id                           'X-RAY DIFFRACTION' 
_refine.pdbx_overall_ESU_R                       ? 
_refine.pdbx_diffrn_id                           1 
_refine.pdbx_TLS_residual_ADP_flag               ? 
_refine.pdbx_overall_SU_R_free_Cruickshank_DPI   ? 
_refine.pdbx_overall_SU_R_Blow_DPI               ? 
_refine.pdbx_overall_SU_R_free_Blow_DPI          ? 
# 
_refine_hist.pdbx_refine_id                   'X-RAY DIFFRACTION' 
_refine_hist.cycle_id                         LAST 
_refine_hist.pdbx_number_atoms_protein        1121 
_refine_hist.pdbx_number_atoms_nucleic_acid   0 
_refine_hist.pdbx_number_atoms_ligand         0 
_refine_hist.number_atoms_solvent             197 
_refine_hist.number_atoms_total               1318 
_refine_hist.d_res_high                       1.543 
_refine_hist.d_res_low                        33.678 
# 
loop_
_refine_ls_restr.type 
_refine_ls_restr.dev_ideal 
_refine_ls_restr.dev_ideal_target 
_refine_ls_restr.weight 
_refine_ls_restr.number 
_refine_ls_restr.pdbx_refine_id 
_refine_ls_restr.pdbx_restraint_function 
f_bond_d           0.005  ? ? 1139 'X-RAY DIFFRACTION' ? 
f_angle_d          0.865  ? ? 1532 'X-RAY DIFFRACTION' ? 
f_dihedral_angle_d 16.574 ? ? 438  'X-RAY DIFFRACTION' ? 
f_chiral_restr     0.058  ? ? 161  'X-RAY DIFFRACTION' ? 
f_plane_restr      0.004  ? ? 205  'X-RAY DIFFRACTION' ? 
# 
loop_
_refine_ls_shell.pdbx_refine_id 
_refine_ls_shell.pdbx_total_number_of_bins_used 
_refine_ls_shell.d_res_high 
_refine_ls_shell.d_res_low 
_refine_ls_shell.number_reflns_R_work 
_refine_ls_shell.R_factor_R_work 
_refine_ls_shell.percent_reflns_obs 
_refine_ls_shell.R_factor_R_free 
_refine_ls_shell.R_factor_R_free_error 
_refine_ls_shell.percent_reflns_R_free 
_refine_ls_shell.number_reflns_R_free 
_refine_ls_shell.number_reflns_all 
_refine_ls_shell.R_factor_all 
_refine_ls_shell.number_reflns_obs 
_refine_ls_shell.redundancy_reflns_obs 
'X-RAY DIFFRACTION' 7 1.5428 1.6242  2563 0.1736 95.00  0.2350 . . 145 . . . . 
'X-RAY DIFFRACTION' 7 1.6242 1.7259  2636 0.1762 97.00  0.2072 . . 135 . . . . 
'X-RAY DIFFRACTION' 7 1.7259 1.8592  2677 0.1749 97.00  0.2041 . . 135 . . . . 
'X-RAY DIFFRACTION' 7 1.8592 2.0462  2696 0.1734 99.00  0.2183 . . 159 . . . . 
'X-RAY DIFFRACTION' 7 2.0462 2.3423  2729 0.1636 99.00  0.1912 . . 166 . . . . 
'X-RAY DIFFRACTION' 7 2.3423 2.9508  2779 0.1695 100.00 0.2080 . . 153 . . . . 
'X-RAY DIFFRACTION' 7 2.9508 33.6858 2928 0.1549 99.00  0.1955 . . 134 . . . . 
# 
_struct.entry_id                  3Q49 
_struct.title                     'Crystal structure of the TPR domain of CHIP complexed with Hsp70-C peptide' 
_struct.pdbx_model_details        ? 
_struct.pdbx_CASP_flag            N 
_struct.pdbx_model_type_details   ? 
# 
_struct_keywords.entry_id        3Q49 
_struct_keywords.pdbx_keywords   LIGASE/CHAPERONE 
_struct_keywords.text            'E3 ubiquitin ligase, LIGASE-CHAPERONE complex' 
# 
loop_
_struct_asym.id 
_struct_asym.pdbx_blank_PDB_chainid_flag 
_struct_asym.pdbx_modified 
_struct_asym.entity_id 
_struct_asym.details 
A N N 1 ? 
B N N 2 ? 
C N N 3 ? 
D N N 3 ? 
# 
_struct_biol.id        1 
_struct_biol.details   ? 
# 
loop_
_struct_conf.conf_type_id 
_struct_conf.id 
_struct_conf.pdbx_PDB_helix_id 
_struct_conf.beg_label_comp_id 
_struct_conf.beg_label_asym_id 
_struct_conf.beg_label_seq_id 
_struct_conf.pdbx_beg_PDB_ins_code 
_struct_conf.end_label_comp_id 
_struct_conf.end_label_asym_id 
_struct_conf.end_label_seq_id 
_struct_conf.pdbx_end_PDB_ins_code 
_struct_conf.beg_auth_comp_id 
_struct_conf.beg_auth_asym_id 
_struct_conf.beg_auth_seq_id 
_struct_conf.end_auth_comp_id 
_struct_conf.end_auth_asym_id 
_struct_conf.end_auth_seq_id 
_struct_conf.pdbx_PDB_helix_class 
_struct_conf.details 
_struct_conf.pdbx_PDB_helix_length 
HELX_P HELX_P1 1 SER A 8   ? GLY A 22  ? SER B 26  GLY B 40  1 ? 15 
HELX_P HELX_P2 2 LYS A 24  ? ASN A 39  ? LYS B 42  ASN B 57  1 ? 16 
HELX_P HELX_P3 3 VAL A 42  ? MET A 56  ? VAL B 60  MET B 74  1 ? 15 
HELX_P HELX_P4 4 GLN A 58  ? ASP A 73  ? GLN B 76  ASP B 91  1 ? 16 
HELX_P HELX_P5 5 SER A 76  ? MET A 90  ? SER B 94  MET B 108 1 ? 15 
HELX_P HELX_P6 6 SER A 92  ? GLN A 110 ? SER B 110 GLN B 128 1 ? 19 
HELX_P HELX_P7 7 ASP A 116 ? GLU A 135 ? ASP B 134 GLU B 153 1 ? 20 
# 
_struct_conf_type.id          HELX_P 
_struct_conf_type.criteria    ? 
_struct_conf_type.reference   ? 
# 
_atom_sites.entry_id                    3Q49 
_atom_sites.fract_transf_matrix[1][1]   -0.00094476 
_atom_sites.fract_transf_matrix[1][2]   0.02106207 
_atom_sites.fract_transf_matrix[1][3]   0.00523726 
_atom_sites.fract_transf_matrix[2][1]   0.00647795 
_atom_sites.fract_transf_matrix[2][2]   -0.00239676 
_atom_sites.fract_transf_matrix[2][3]   0.01080731 
_atom_sites.fract_transf_matrix[3][1]   0.02308397 
_atom_sites.fract_transf_matrix[3][2]   0.00424212 
_atom_sites.fract_transf_matrix[3][3]   -0.01289585 
_atom_sites.fract_transf_vector[1]      -0.368798 
_atom_sites.fract_transf_vector[2]      -0.129280 
_atom_sites.fract_transf_vector[3]      0.428050 
# 
loop_
_atom_type.symbol 
C 
N 
O 
S 
# 
loop_
_atom_site.group_PDB 
_atom_site.id 
_atom_site.type_symbol 
_atom_site.label_atom_id 
_atom_site.label_alt_id 
_atom_site.label_comp_id 
_atom_site.label_asym_id 
_atom_site.label_entity_id 
_atom_site.label_seq_id 
_atom_site.pdbx_PDB_ins_code 
_atom_site.Cartn_x 
_atom_site.Cartn_y 
_atom_site.Cartn_z 
_atom_site.occupancy 
_atom_site.B_iso_or_equiv 
_atom_site.pdbx_formal_charge 
_atom_site.auth_seq_id 
_atom_site.auth_comp_id 
_atom_site.auth_asym_id 
_atom_site.auth_atom_id 
_atom_site.pdbx_PDB_model_num 
ATOM   1    N N   . SER A 1 6   ? -19.795 -15.527 -13.486 0.78 35.33 ? 24  SER B N   1 
ATOM   2    C CA  . SER A 1 6   ? -19.700 -14.187 -14.054 0.63 30.44 ? 24  SER B CA  1 
ATOM   3    C C   . SER A 1 6   ? -19.886 -13.117 -12.984 0.76 28.48 ? 24  SER B C   1 
ATOM   4    O O   . SER A 1 6   ? -20.828 -12.333 -13.050 0.79 29.53 ? 24  SER B O   1 
ATOM   5    C CB  . SER A 1 6   ? -20.748 -14.004 -15.149 0.88 35.25 ? 24  SER B CB  1 
ATOM   6    O OG  . SER A 1 6   ? -22.045 -14.271 -14.649 0.40 35.65 ? 24  SER B OG  1 
ATOM   7    N N   . PRO A 1 7   ? -18.985 -13.082 -11.992 0.90 26.16 ? 25  PRO B N   1 
ATOM   8    C CA  . PRO A 1 7   ? -19.123 -12.124 -10.887 0.82 25.61 ? 25  PRO B CA  1 
ATOM   9    C C   . PRO A 1 7   ? -18.844 -10.683 -11.302 1.00 24.08 ? 25  PRO B C   1 
ATOM   10   O O   . PRO A 1 7   ? -18.038 -10.439 -12.199 0.85 25.46 ? 25  PRO B O   1 
ATOM   11   C CB  . PRO A 1 7   ? -18.066 -12.589 -9.880  1.00 23.14 ? 25  PRO B CB  1 
ATOM   12   C CG  . PRO A 1 7   ? -17.079 -13.364 -10.677 0.68 26.94 ? 25  PRO B CG  1 
ATOM   13   C CD  . PRO A 1 7   ? -17.809 -13.958 -11.839 0.91 26.78 ? 25  PRO B CD  1 
ATOM   14   N N   . SER A 1 8   ? -19.504 -9.742  -10.634 1.00 22.36 ? 26  SER B N   1 
ATOM   15   C CA  . SER A 1 8   ? -19.293 -8.323  -10.864 1.00 21.41 ? 26  SER B CA  1 
ATOM   16   C C   . SER A 1 8   ? -17.962 -7.881  -10.268 0.93 20.22 ? 26  SER B C   1 
ATOM   17   O O   . SER A 1 8   ? -17.372 -8.592  -9.448  0.96 19.57 ? 26  SER B O   1 
ATOM   18   C CB  . SER A 1 8   ? -20.418 -7.524  -10.212 1.00 24.14 ? 26  SER B CB  1 
ATOM   19   O OG  . SER A 1 8   ? -20.341 -7.630  -8.797  0.89 21.87 ? 26  SER B OG  1 
ATOM   20   N N   . ALA A 1 9   ? -17.506 -6.697  -10.666 1.00 18.92 ? 27  ALA B N   1 
ATOM   21   C CA  . ALA A 1 9   ? -16.285 -6.117  -10.111 0.99 17.33 ? 27  ALA B CA  1 
ATOM   22   C C   . ALA A 1 9   ? -16.346 -6.059  -8.588  0.85 16.68 ? 27  ALA B C   1 
ATOM   23   O O   . ALA A 1 9   ? -15.383 -6.418  -7.908  0.96 16.03 ? 27  ALA B O   1 
ATOM   24   C CB  . ALA A 1 9   ? -16.044 -4.729  -10.686 1.00 16.44 ? 27  ALA B CB  1 
ATOM   25   N N   . GLN A 1 10  ? -17.481 -5.607  -8.056  0.99 18.07 ? 28  GLN B N   1 
ATOM   26   C CA  . GLN A 1 10  ? -17.667 -5.521  -6.609  0.99 18.93 ? 28  GLN B CA  1 
ATOM   27   C C   . GLN A 1 10  ? -17.585 -6.890  -5.940  1.00 18.36 ? 28  GLN B C   1 
ATOM   28   O O   . GLN A 1 10  ? -16.958 -7.031  -4.889  0.98 17.11 ? 28  GLN B O   1 
ATOM   29   C CB  . GLN A 1 10  ? -19.001 -4.841  -6.266  1.00 19.22 ? 28  GLN B CB  1 
ATOM   30   C CG  . GLN A 1 10  ? -19.329 -4.837  -4.765  1.00 21.44 ? 28  GLN B CG  1 
ATOM   31   C CD  . GLN A 1 10  ? -18.383 -3.969  -3.948  0.56 23.28 ? 28  GLN B CD  1 
ATOM   32   O OE1 . GLN A 1 10  ? -17.656 -3.144  -4.494  0.66 28.05 ? 28  GLN B OE1 1 
ATOM   33   N NE2 . GLN A 1 10  ? -18.390 -4.154  -2.631  0.80 28.15 ? 28  GLN B NE2 1 
ATOM   34   N N   . GLU A 1 11  ? -18.220 -7.892  -6.541  0.95 16.97 ? 29  GLU B N   1 
ATOM   35   C CA  . GLU A 1 11  ? -18.182 -9.257  -6.024  1.00 17.74 ? 29  GLU B CA  1 
ATOM   36   C C   . GLU A 1 11  ? -16.755 -9.791  -6.009  1.00 16.39 ? 29  GLU B C   1 
ATOM   37   O O   . GLU A 1 11  ? -16.353 -10.495 -5.082  0.91 17.87 ? 29  GLU B O   1 
ATOM   38   C CB  . GLU A 1 11  ? -19.080 -10.180 -6.858  1.00 22.63 ? 29  GLU B CB  1 
ATOM   39   C CG  . GLU A 1 11  ? -20.563 -10.069 -6.527  0.81 23.28 ? 29  GLU B CG  1 
ATOM   40   C CD  . GLU A 1 11  ? -21.436 -10.932 -7.424  0.74 26.87 ? 29  GLU B CD  1 
ATOM   41   O OE1 . GLU A 1 11  ? -21.105 -11.088 -8.619  0.75 26.17 ? 29  GLU B OE1 1 
ATOM   42   O OE2 . GLU A 1 11  ? -22.462 -11.450 -6.933  0.42 28.95 ? 29  GLU B OE2 1 
ATOM   43   N N   . LEU A 1 12  ? -15.991 -9.456  -7.041  1.00 14.97 ? 30  LEU B N   1 
ATOM   44   C CA  . LEU A 1 12  ? -14.599 -9.891  -7.109  0.97 15.55 ? 30  LEU B CA  1 
ATOM   45   C C   . LEU A 1 12  ? -13.744 -9.197  -6.055  0.90 13.94 ? 30  LEU B C   1 
ATOM   46   O O   . LEU A 1 12  ? -12.884 -9.824  -5.438  0.93 14.41 ? 30  LEU B O   1 
ATOM   47   C CB  . LEU A 1 12  ? -14.024 -9.668  -8.504  1.00 15.67 ? 30  LEU B CB  1 
ATOM   48   C CG  . LEU A 1 12  ? -14.582 -10.643 -9.543  0.97 14.81 ? 30  LEU B CG  1 
ATOM   49   C CD1 . LEU A 1 12  ? -14.405 -10.067 -10.949 1.00 17.49 ? 30  LEU B CD1 1 
ATOM   50   C CD2 . LEU A 1 12  ? -13.924 -12.014 -9.387  1.00 17.97 ? 30  LEU B CD2 1 
ATOM   51   N N   . LYS A 1 13  ? -13.973 -7.903  -5.839  0.99 13.47 ? 31  LYS B N   1 
ATOM   52   C CA  . LYS A 1 13  ? -13.250 -7.228  -4.768  1.00 14.18 ? 31  LYS B CA  1 
ATOM   53   C C   . LYS A 1 13  ? -13.588 -7.868  -3.430  0.82 14.52 ? 31  LYS B C   1 
ATOM   54   O O   . LYS A 1 13  ? -12.711 -8.089  -2.602  0.97 14.75 ? 31  LYS B O   1 
ATOM   55   C CB  . LYS A 1 13  ? -13.571 -5.733  -4.705  0.97 15.51 ? 31  LYS B CB  1 
ATOM   56   C CG  . LYS A 1 13  ? -12.677 -4.990  -3.700  0.99 15.20 ? 31  LYS B CG  1 
ATOM   57   C CD  . LYS A 1 13  ? -13.296 -3.677  -3.225  1.00 18.95 ? 31  LYS B CD  1 
ATOM   58   C CE  . LYS A 1 13  ? -14.470 -3.933  -2.297  0.99 20.00 ? 31  LYS B CE  1 
ATOM   59   N NZ  . LYS A 1 13  ? -14.913 -2.664  -1.637  0.86 24.29 ? 31  LYS B NZ  1 
ATOM   60   N N   . GLU A 1 14  ? -14.864 -8.157  -3.212  0.99 15.43 ? 32  GLU B N   1 
ATOM   61   C CA  . GLU A 1 14  ? -15.275 -8.774  -1.955  0.96 17.56 ? 32  GLU B CA  1 
ATOM   62   C C   . GLU A 1 14  ? -14.664 -10.162 -1.774  0.94 15.94 ? 32  GLU B C   1 
ATOM   63   O O   . GLU A 1 14  ? -14.258 -10.525 -0.671  0.93 14.52 ? 32  GLU B O   1 
ATOM   64   C CB  . GLU A 1 14  ? -16.799 -8.818  -1.833  1.00 18.25 ? 32  GLU B CB  1 
ATOM   65   C CG  . GLU A 1 14  ? -17.434 -7.436  -1.771  1.00 20.29 ? 32  GLU B CG  1 
ATOM   66   C CD  . GLU A 1 14  ? -18.943 -7.473  -1.904  0.87 21.28 ? 32  GLU B CD  1 
ATOM   67   O OE1 . GLU A 1 14  ? -19.475 -8.496  -2.381  0.62 23.73 ? 32  GLU B OE1 1 
ATOM   68   O OE2 . GLU A 1 14  ? -19.592 -6.464  -1.548  0.71 25.73 ? 32  GLU B OE2 1 
ATOM   69   N N   . GLN A 1 15  ? -14.584 -10.936 -2.852  0.93 14.64 ? 33  GLN B N   1 
ATOM   70   C CA  . GLN A 1 15  ? -13.932 -12.241 -2.780  0.98 14.59 ? 33  GLN B CA  1 
ATOM   71   C C   . GLN A 1 15  ? -12.449 -12.082 -2.462  0.97 16.03 ? 33  GLN B C   1 
ATOM   72   O O   . GLN A 1 15  ? -11.897 -12.808 -1.633  0.96 15.48 ? 33  GLN B O   1 
ATOM   73   C CB  . GLN A 1 15  ? -14.110 -13.028 -4.082  0.99 17.07 ? 33  GLN B CB  1 
ATOM   74   C CG  . GLN A 1 15  ? -13.483 -14.414 -4.031  0.97 17.41 ? 33  GLN B CG  1 
ATOM   75   C CD  . GLN A 1 15  ? -13.610 -15.176 -5.340  0.88 19.25 ? 33  GLN B CD  1 
ATOM   76   O OE1 . GLN A 1 15  ? -14.241 -14.714 -6.285  0.86 25.61 ? 33  GLN B OE1 1 
ATOM   77   N NE2 . GLN A 1 15  ? -13.003 -16.355 -5.394  0.65 24.77 ? 33  GLN B NE2 1 
ATOM   78   N N   . GLY A 1 16  ? -11.807 -11.127 -3.127  1.00 14.27 ? 34  GLY B N   1 
ATOM   79   C CA  . GLY A 1 16  ? -10.425 -10.809 -2.827  1.00 14.85 ? 34  GLY B CA  1 
ATOM   80   C C   . GLY A 1 16  ? -10.228 -10.490 -1.358  0.95 13.64 ? 34  GLY B C   1 
ATOM   81   O O   . GLY A 1 16  ? -9.287  -10.986 -0.725  0.97 13.81 ? 34  GLY B O   1 
ATOM   82   N N   . ASN A 1 17  ? -11.122 -9.673  -0.802  0.95 14.01 ? 35  ASN B N   1 
ATOM   83   C CA  . ASN A 1 17  ? -11.029 -9.291  0.606   1.00 13.90 ? 35  ASN B CA  1 
ATOM   84   C C   . ASN A 1 17  ? -11.155 -10.503 1.536   0.90 15.34 ? 35  ASN B C   1 
ATOM   85   O O   . ASN A 1 17  ? -10.453 -10.595 2.551   0.93 15.22 ? 35  ASN B O   1 
ATOM   86   C CB  . ASN A 1 17  ? -12.091 -8.245  0.954   1.00 13.51 ? 35  ASN B CB  1 
ATOM   87   C CG  . ASN A 1 17  ? -11.839 -6.899  0.294   0.92 14.28 ? 35  ASN B CG  1 
ATOM   88   O OD1 . ASN A 1 17  ? -10.840 -6.702  -0.410  0.96 14.23 ? 35  ASN B OD1 1 
ATOM   89   N ND2 . ASN A 1 17  ? -12.743 -5.953  0.532   0.95 16.62 ? 35  ASN B ND2 1 
ATOM   90   N N   . ARG A 1 18  ? -12.056 -11.423 1.197   0.99 15.76 ? 36  ARG B N   1 
ATOM   91   C CA  . ARG A 1 18  ? -12.211 -12.653 1.968   1.00 15.85 ? 36  ARG B CA  1 
ATOM   92   C C   . ARG A 1 18  ? -10.922 -13.461 1.939   0.86 15.13 ? 36  ARG B C   1 
ATOM   93   O O   . ARG A 1 18  ? -10.438 -13.900 2.980   0.97 14.71 ? 36  ARG B O   1 
ATOM   94   C CB  . ARG A 1 18  ? -13.387 -13.490 1.444   0.99 15.57 ? 36  ARG B CB  1 
ATOM   95   C CG  . ARG A 1 18  ? -14.746 -12.874 1.737   0.99 17.10 ? 36  ARG B CG  1 
ATOM   96   C CD  . ARG A 1 18  ? -15.876 -13.880 1.549   0.95 20.24 ? 36  ARG B CD  1 
ATOM   97   N NE  . ARG A 1 18  ? -16.059 -14.290 0.160   1.00 19.08 ? 36  ARG B NE  1 
ATOM   98   C CZ  . ARG A 1 18  ? -16.721 -13.585 -0.754  0.89 19.55 ? 36  ARG B CZ  1 
ATOM   99   N NH1 . ARG A 1 18  ? -17.262 -12.413 -0.435  0.94 18.98 ? 36  ARG B NH1 1 
ATOM   100  N NH2 . ARG A 1 18  ? -16.839 -14.055 -1.989  0.94 19.76 ? 36  ARG B NH2 1 
ATOM   101  N N   . LEU A 1 19  ? -10.353 -13.634 0.748   0.95 14.92 ? 37  LEU B N   1 
ATOM   102  C CA  . LEU A 1 19  ? -9.084  -14.344 0.620   0.95 15.45 ? 37  LEU B CA  1 
ATOM   103  C C   . LEU A 1 19  ? -7.978  -13.648 1.419   0.96 14.69 ? 37  LEU B C   1 
ATOM   104  O O   . LEU A 1 19  ? -7.119  -14.301 2.003   0.91 14.49 ? 37  LEU B O   1 
ATOM   105  C CB  . LEU A 1 19  ? -8.688  -14.478 -0.851  1.00 13.99 ? 37  LEU B CB  1 
ATOM   106  C CG  . LEU A 1 19  ? -9.543  -15.476 -1.631  0.90 14.44 ? 37  LEU B CG  1 
ATOM   107  C CD1 . LEU A 1 19  ? -9.408  -15.260 -3.140  1.00 16.92 ? 37  LEU B CD1 1 
ATOM   108  C CD2 . LEU A 1 19  ? -9.174  -16.904 -1.245  0.99 16.21 ? 37  LEU B CD2 1 
ATOM   109  N N   . PHE A 1 20  ? -8.005  -12.321 1.446   1.00 13.68 ? 38  PHE B N   1 
ATOM   110  C CA  . PHE A 1 20  ? -7.038  -11.573 2.238   1.00 14.33 ? 38  PHE B CA  1 
ATOM   111  C C   . PHE A 1 20  ? -7.191  -11.889 3.722   0.85 16.72 ? 38  PHE B C   1 
ATOM   112  O O   . PHE A 1 20  ? -6.204  -12.106 4.427   0.96 17.32 ? 38  PHE B O   1 
ATOM   113  C CB  . PHE A 1 20  ? -7.184  -10.067 2.005   1.00 15.05 ? 38  PHE B CB  1 
ATOM   114  C CG  . PHE A 1 20  ? -6.073  -9.260  2.604   1.00 15.79 ? 38  PHE B CG  1 
ATOM   115  C CD1 . PHE A 1 20  ? -6.191  -8.726  3.876   0.97 18.90 ? 38  PHE B CD1 1 
ATOM   116  C CD2 . PHE A 1 20  ? -4.907  -9.034  1.888   0.94 15.04 ? 38  PHE B CD2 1 
ATOM   117  C CE1 . PHE A 1 20  ? -5.161  -7.975  4.432   0.93 17.15 ? 38  PHE B CE1 1 
ATOM   118  C CE2 . PHE A 1 20  ? -3.876  -8.293  2.432   0.90 15.50 ? 38  PHE B CE2 1 
ATOM   119  C CZ  . PHE A 1 20  ? -3.999  -7.765  3.708   0.89 17.04 ? 38  PHE B CZ  1 
ATOM   120  N N   . VAL A 1 21  ? -8.433  -11.915 4.198   1.00 15.70 ? 39  VAL B N   1 
ATOM   121  C CA  . VAL A 1 21  ? -8.690  -12.312 5.579   0.95 17.06 ? 39  VAL B CA  1 
ATOM   122  C C   . VAL A 1 21  ? -8.133  -13.717 5.841   1.00 16.35 ? 39  VAL B C   1 
ATOM   123  O O   . VAL A 1 21  ? -7.590  -13.998 6.911   1.00 18.73 ? 39  VAL B O   1 
ATOM   124  C CB  . VAL A 1 21  ? -10.198 -12.261 5.913   1.00 16.47 ? 39  VAL B CB  1 
ATOM   125  C CG1 . VAL A 1 21  ? -10.467 -12.868 7.283   0.88 19.74 ? 39  VAL B CG1 1 
ATOM   126  C CG2 . VAL A 1 21  ? -10.707 -10.829 5.847   1.00 19.14 ? 39  VAL B CG2 1 
ATOM   127  N N   . GLY A 1 22  ? -8.249  -14.592 4.849   0.95 15.73 ? 40  GLY B N   1 
ATOM   128  C CA  . GLY A 1 22  ? -7.706  -15.939 4.946   0.95 16.40 ? 40  GLY B CA  1 
ATOM   129  C C   . GLY A 1 22  ? -6.197  -16.036 4.742   0.97 16.41 ? 40  GLY B C   1 
ATOM   130  O O   . GLY A 1 22  ? -5.634  -17.133 4.713   0.95 15.85 ? 40  GLY B O   1 
ATOM   131  N N   . ARG A 1 23  ? -5.550  -14.882 4.602   1.00 16.18 ? 41  ARG B N   1 
ATOM   132  C CA  . ARG A 1 23  ? -4.106  -14.803 4.383   0.98 16.73 ? 41  ARG B CA  1 
ATOM   133  C C   . ARG A 1 23  ? -3.657  -15.553 3.132   0.93 16.41 ? 41  ARG B C   1 
ATOM   134  O O   . ARG A 1 23  ? -2.523  -16.024 3.058   0.92 16.93 ? 41  ARG B O   1 
ATOM   135  C CB  . ARG A 1 23  ? -3.317  -15.288 5.616   1.00 18.53 ? 41  ARG B CB  1 
ATOM   136  C CG  . ARG A 1 23  ? -3.810  -14.721 6.936   0.99 23.21 ? 41  ARG B CG  1 
ATOM   137  C CD  . ARG A 1 23  ? -2.793  -14.900 8.081   0.97 23.00 ? 41  ARG B CD  1 
ATOM   138  N NE  . ARG A 1 23  ? -2.391  -16.291 8.289   0.91 21.08 ? 41  ARG B NE  1 
ATOM   139  C CZ  . ARG A 1 23  ? -3.060  -17.162 9.041   0.89 21.75 ? 41  ARG B CZ  1 
ATOM   140  N NH1 . ARG A 1 23  ? -4.167  -16.786 9.667   0.97 26.59 ? 41  ARG B NH1 1 
ATOM   141  N NH2 . ARG A 1 23  ? -2.621  -18.409 9.172   0.99 25.85 ? 41  ARG B NH2 1 
ATOM   142  N N   . LYS A 1 24  ? -4.549  -15.655 2.147   0.95 14.85 ? 42  LYS B N   1 
ATOM   143  C CA  . LYS A 1 24  ? -4.219  -16.262 0.863   0.98 14.57 ? 42  LYS B CA  1 
ATOM   144  C C   . LYS A 1 24  ? -3.858  -15.142 -0.100  0.94 14.33 ? 42  LYS B C   1 
ATOM   145  O O   . LYS A 1 24  ? -4.664  -14.747 -0.939  0.91 13.98 ? 42  LYS B O   1 
ATOM   146  C CB  . LYS A 1 24  ? -5.410  -17.054 0.321   0.98 16.22 ? 42  LYS B CB  1 
ATOM   147  C CG  . LYS A 1 24  ? -5.801  -18.260 1.167   0.99 19.65 ? 42  LYS B CG  1 
ATOM   148  C CD  . LYS A 1 24  ? -4.943  -19.478 0.851   0.39 21.16 ? 42  LYS B CD  1 
ATOM   149  C CE  . LYS A 1 24  ? -3.559  -19.365 1.467   0.18 20.20 ? 42  LYS B CE  1 
ATOM   150  N NZ  . LYS A 1 24  ? -2.721  -20.561 1.193   0.64 19.61 ? 42  LYS B NZ  1 
ATOM   151  N N   . TYR A 1 25  ? -2.640  -14.635 0.015   0.94 13.22 ? 43  TYR B N   1 
ATOM   152  C CA  . TYR A 1 25  ? -2.300  -13.376 -0.652  0.93 12.97 ? 43  TYR B CA  1 
ATOM   153  C C   . TYR A 1 25  ? -2.186  -13.440 -2.185  0.93 12.58 ? 43  TYR B C   1 
ATOM   154  O O   . TYR A 1 25  ? -2.667  -12.543 -2.862  0.93 12.05 ? 43  TYR B O   1 
ATOM   155  C CB  . TYR A 1 25  ? -1.072  -12.733 -0.006  1.00 13.80 ? 43  TYR B CB  1 
ATOM   156  C CG  . TYR A 1 25  ? -1.243  -12.493 1.483   1.00 13.63 ? 43  TYR B CG  1 
ATOM   157  C CD1 . TYR A 1 25  ? -2.269  -11.686 1.964   0.92 13.81 ? 43  TYR B CD1 1 
ATOM   158  C CD2 . TYR A 1 25  ? -0.390  -13.085 2.407   0.95 13.96 ? 43  TYR B CD2 1 
ATOM   159  C CE1 . TYR A 1 25  ? -2.433  -11.465 3.323   1.00 15.16 ? 43  TYR B CE1 1 
ATOM   160  C CE2 . TYR A 1 25  ? -0.537  -12.862 3.768   0.95 16.26 ? 43  TYR B CE2 1 
ATOM   161  C CZ  . TYR A 1 25  ? -1.565  -12.056 4.219   0.94 16.73 ? 43  TYR B CZ  1 
ATOM   162  O OH  . TYR A 1 25  ? -1.728  -11.830 5.568   1.00 20.21 ? 43  TYR B OH  1 
ATOM   163  N N   . PRO A 1 26  ? -1.561  -14.493 -2.741  0.90 13.09 ? 44  PRO B N   1 
ATOM   164  C CA  . PRO A 1 26  ? -1.504  -14.565 -4.208  0.97 13.90 ? 44  PRO B CA  1 
ATOM   165  C C   . PRO A 1 26  ? -2.895  -14.737 -4.815  0.92 12.35 ? 44  PRO B C   1 
ATOM   166  O O   . PRO A 1 26  ? -3.197  -14.184 -5.875  0.95 12.33 ? 44  PRO B O   1 
ATOM   167  C CB  . PRO A 1 26  ? -0.654  -15.815 -4.461  0.92 15.85 ? 44  PRO B CB  1 
ATOM   168  C CG  . PRO A 1 26  ? 0.189   -15.945 -3.211  0.89 13.77 ? 44  PRO B CG  1 
ATOM   169  C CD  . PRO A 1 26  ? -0.748  -15.547 -2.107  1.00 14.14 ? 44  PRO B CD  1 
ATOM   170  N N   . GLU A 1 27  ? -3.742  -15.498 -4.133  0.92 13.11 ? 45  GLU B N   1 
ATOM   171  C CA  . GLU A 1 27  ? -5.111  -15.702 -4.583  0.93 14.71 ? 45  GLU B CA  1 
ATOM   172  C C   . GLU A 1 27  ? -5.908  -14.394 -4.495  0.91 12.39 ? 45  GLU B C   1 
ATOM   173  O O   . GLU A 1 27  ? -6.639  -14.038 -5.422  0.97 13.07 ? 45  GLU B O   1 
ATOM   174  C CB  . GLU A 1 27  ? -5.774  -16.815 -3.763  0.99 16.07 ? 45  GLU B CB  1 
ATOM   175  C CG  . GLU A 1 27  ? -5.211  -18.223 -4.035  0.93 14.76 ? 45  GLU B CG  1 
ATOM   176  C CD  . GLU A 1 27  ? -3.919  -18.546 -3.277  0.77 16.31 ? 45  GLU B CD  1 
ATOM   177  O OE1 . GLU A 1 27  ? -3.459  -17.738 -2.441  0.94 17.48 ? 45  GLU B OE1 1 
ATOM   178  O OE2 . GLU A 1 27  ? -3.359  -19.640 -3.511  0.83 20.53 ? 45  GLU B OE2 1 
ATOM   179  N N   . ALA A 1 28  ? -5.756  -13.675 -3.386  0.96 11.87 ? 46  ALA B N   1 
ATOM   180  C CA  . ALA A 1 28  ? -6.393  -12.368 -3.250  0.93 12.15 ? 46  ALA B CA  1 
ATOM   181  C C   . ALA A 1 28  ? -5.935  -11.419 -4.349  0.90 11.49 ? 46  ALA B C   1 
ATOM   182  O O   . ALA A 1 28  ? -6.751  -10.741 -4.968  0.92 11.81 ? 46  ALA B O   1 
ATOM   183  C CB  . ALA A 1 28  ? -6.106  -11.766 -1.865  0.98 12.71 ? 46  ALA B CB  1 
ATOM   184  N N   . ALA A 1 29  ? -4.633  -11.379 -4.610  0.96 13.20 ? 47  ALA B N   1 
ATOM   185  C CA  . ALA A 1 29  ? -4.110  -10.476 -5.629  0.98 12.81 ? 47  ALA B CA  1 
ATOM   186  C C   . ALA A 1 29  ? -4.709  -10.792 -6.996  0.98 12.09 ? 47  ALA B C   1 
ATOM   187  O O   . ALA A 1 29  ? -5.087  -9.887  -7.741  0.99 12.62 ? 47  ALA B O   1 
ATOM   188  C CB  . ALA A 1 29  ? -2.596  -10.548 -5.679  0.98 12.18 ? 47  ALA B CB  1 
ATOM   189  N N   . ALA A 1 30  ? -4.808  -12.077 -7.311  0.94 12.46 ? 48  ALA B N   1 
ATOM   190  C CA  . ALA A 1 30  ? -5.393  -12.486 -8.582  1.00 11.95 ? 48  ALA B CA  1 
ATOM   191  C C   . ALA A 1 30  ? -6.848  -12.042 -8.680  1.00 12.46 ? 48  ALA B C   1 
ATOM   192  O O   . ALA A 1 30  ? -7.311  -11.603 -9.738  0.97 13.54 ? 48  ALA B O   1 
ATOM   193  C CB  . ALA A 1 30  ? -5.268  -13.993 -8.748  1.00 12.54 ? 48  ALA B CB  1 
ATOM   194  N N   . CYS A 1 31  ? -7.576  -12.147 -7.572  0.96 12.74 ? 49  CYS B N   1 
ATOM   195  C CA  . CYS A 1 31  ? -8.962  -11.692 -7.528  1.00 15.10 ? 49  CYS B CA  1 
ATOM   196  C C   . CYS A 1 31  ? -9.063  -10.192 -7.792  1.00 12.76 ? 49  CYS B C   1 
ATOM   197  O O   . CYS A 1 31  ? -9.929  -9.741  -8.539  0.98 12.54 ? 49  CYS B O   1 
ATOM   198  C CB  . CYS A 1 31  ? -9.589  -12.004 -6.173  0.88 19.89 ? 49  CYS B CB  1 
ATOM   199  S SG  . CYS A 1 31  ? -10.329 -13.629 -6.028  0.82 25.42 ? 49  CYS B SG  1 
ATOM   200  N N   . TYR A 1 32  ? -8.187  -9.405  -7.175  0.90 11.36 ? 50  TYR B N   1 
ATOM   201  C CA  . TYR A 1 32  ? -8.194  -7.965  -7.445  0.92 12.65 ? 50  TYR B CA  1 
ATOM   202  C C   . TYR A 1 32  ? -7.895  -7.678  -8.923  0.95 11.58 ? 50  TYR B C   1 
ATOM   203  O O   . TYR A 1 32  ? -8.459  -6.757  -9.515  0.94 11.61 ? 50  TYR B O   1 
ATOM   204  C CB  . TYR A 1 32  ? -7.243  -7.215  -6.508  1.00 13.23 ? 50  TYR B CB  1 
ATOM   205  C CG  . TYR A 1 32  ? -7.616  -7.350  -5.050  0.98 9.89  ? 50  TYR B CG  1 
ATOM   206  C CD1 . TYR A 1 32  ? -8.913  -7.093  -4.611  0.90 13.00 ? 50  TYR B CD1 1 
ATOM   207  C CD2 . TYR A 1 32  ? -6.677  -7.759  -4.119  1.00 11.24 ? 50  TYR B CD2 1 
ATOM   208  C CE1 . TYR A 1 32  ? -9.249  -7.215  -3.266  1.00 12.19 ? 50  TYR B CE1 1 
ATOM   209  C CE2 . TYR A 1 32  ? -6.999  -7.895  -2.780  0.92 13.19 ? 50  TYR B CE2 1 
ATOM   210  C CZ  . TYR A 1 32  ? -8.287  -7.631  -2.364  0.96 11.79 ? 50  TYR B CZ  1 
ATOM   211  O OH  . TYR A 1 32  ? -8.603  -7.760  -1.040  0.95 13.61 ? 50  TYR B OH  1 
ATOM   212  N N   . GLY A 1 33  ? -7.033  -8.492  -9.527  0.94 13.09 ? 51  GLY B N   1 
ATOM   213  C CA  . GLY A 1 33  ? -6.782  -8.396  -10.954 0.95 13.31 ? 51  GLY B CA  1 
ATOM   214  C C   . GLY A 1 33  ? -8.043  -8.606  -11.781 0.95 12.02 ? 51  GLY B C   1 
ATOM   215  O O   . GLY A 1 33  ? -8.275  -7.916  -12.787 0.97 11.98 ? 51  GLY B O   1 
ATOM   216  N N   . ARG A 1 34  ? -8.879  -9.548  -11.351 0.95 11.89 ? 52  ARG B N   1 
ATOM   217  C CA  . ARG A 1 34  ? -10.137 -9.815  -12.049 0.96 12.78 ? 52  ARG B CA  1 
ATOM   218  C C   . ARG A 1 34  ? -11.090 -8.629  -11.896 0.98 12.15 ? 52  ARG B C   1 
ATOM   219  O O   . ARG A 1 34  ? -11.794 -8.259  -12.840 0.95 13.57 ? 52  ARG B O   1 
ATOM   220  C CB  . ARG A 1 34  ? -10.797 -11.102 -11.530 1.00 13.69 ? 52  ARG B CB  1 
ATOM   221  C CG  . ARG A 1 34  ? -10.005 -12.374 -11.817 1.00 15.06 ? 52  ARG B CG  1 
ATOM   222  C CD  . ARG A 1 34  ? -10.774 -13.618 -11.364 1.00 16.38 ? 52  ARG B CD  1 
ATOM   223  N NE  . ARG A 1 34  ? -12.064 -13.744 -12.040 0.88 18.10 ? 52  ARG B NE  1 
ATOM   224  C CZ  . ARG A 1 34  ? -13.008 -14.610 -11.683 0.82 21.22 ? 52  ARG B CZ  1 
ATOM   225  N NH1 . ARG A 1 34  ? -12.808 -15.423 -10.656 0.72 23.34 ? 52  ARG B NH1 1 
ATOM   226  N NH2 . ARG A 1 34  ? -14.149 -14.669 -12.354 0.82 24.47 ? 52  ARG B NH2 1 
ATOM   227  N N   . ALA A 1 35  ? -11.100 -8.027  -10.707 0.97 12.26 ? 53  ALA B N   1 
ATOM   228  C CA  . ALA A 1 35  ? -11.905 -6.834  -10.468 1.00 12.82 ? 53  ALA B CA  1 
ATOM   229  C C   . ALA A 1 35  ? -11.445 -5.696  -11.376 0.95 11.93 ? 53  ALA B C   1 
ATOM   230  O O   . ALA A 1 35  ? -12.261 -4.999  -11.983 0.97 13.45 ? 53  ALA B O   1 
ATOM   231  C CB  . ALA A 1 35  ? -11.828 -6.435  -8.998  1.00 12.28 ? 53  ALA B CB  1 
ATOM   232  N N   . ILE A 1 36  ? -10.132 -5.530  -11.487 1.00 12.82 ? 54  ILE B N   1 
ATOM   233  C CA  . ILE A 1 36  ? -9.553  -4.510  -12.345 1.00 13.24 ? 54  ILE B CA  1 
ATOM   234  C C   . ILE A 1 36  ? -9.983  -4.735  -13.800 0.94 13.93 ? 54  ILE B C   1 
ATOM   235  O O   . ILE A 1 36  ? -10.280 -3.790  -14.523 0.98 13.59 ? 54  ILE B O   1 
ATOM   236  C CB  . ILE A 1 36  ? -8.025  -4.479  -12.198 0.99 13.23 ? 54  ILE B CB  1 
ATOM   237  C CG1 . ILE A 1 36  ? -7.647  -3.872  -10.833 0.99 12.35 ? 54  ILE B CG1 1 
ATOM   238  C CG2 . ILE A 1 36  ? -7.382  -3.693  -13.335 0.99 12.59 ? 54  ILE B CG2 1 
ATOM   239  C CD1 . ILE A 1 36  ? -6.227  -4.178  -10.405 1.00 12.32 ? 54  ILE B CD1 1 
ATOM   240  N N   . THR A 1 37  ? -10.040 -5.996  -14.218 0.98 13.66 ? 55  THR B N   1 
ATOM   241  C CA  . THR A 1 37  ? -10.512 -6.313  -15.560 0.98 14.63 ? 55  THR B CA  1 
ATOM   242  C C   . THR A 1 37  ? -11.933 -5.795  -15.795 1.00 15.05 ? 55  THR B C   1 
ATOM   243  O O   . THR A 1 37  ? -12.224 -5.219  -16.844 0.98 16.11 ? 55  THR B O   1 
ATOM   244  C CB  . THR A 1 37  ? -10.418 -7.821  -15.835 0.98 14.36 ? 55  THR B CB  1 
ATOM   245  O OG1 . THR A 1 37  ? -9.040  -8.195  -15.889 0.95 13.43 ? 55  THR B OG1 1 
ATOM   246  C CG2 . THR A 1 37  ? -11.073 -8.173  -17.158 1.00 15.40 ? 55  THR B CG2 1 
ATOM   247  N N   . ARG A 1 38  ? -12.813 -5.976  -14.815 0.97 15.01 ? 56  ARG B N   1 
ATOM   248  C CA  . ARG A 1 38  ? -14.196 -5.526  -14.969 1.00 14.99 ? 56  ARG B CA  1 
ATOM   249  C C   . ARG A 1 38  ? -14.346 -4.004  -14.842 0.94 14.81 ? 56  ARG B C   1 
ATOM   250  O O   . ARG A 1 38  ? -15.207 -3.400  -15.481 0.91 17.66 ? 56  ARG B O   1 
ATOM   251  C CB  . ARG A 1 38  ? -15.124 -6.240  -13.979 1.00 15.93 ? 56  ARG B CB  1 
ATOM   252  C CG  . ARG A 1 38  ? -15.158 -7.773  -14.102 0.84 19.23 ? 56  ARG B CG  1 
ATOM   253  C CD  . ARG A 1 38  ? -15.415 -8.258  -15.532 0.85 22.39 ? 56  ARG B CD  1 
ATOM   254  N NE  . ARG A 1 38  ? -16.644 -7.719  -16.104 0.82 24.13 ? 56  ARG B NE  1 
ATOM   255  C CZ  . ARG A 1 38  ? -17.830 -8.322  -16.051 0.44 25.97 ? 56  ARG B CZ  1 
ATOM   256  N NH1 . ARG A 1 38  ? -17.956 -9.495  -15.445 1.00 31.37 ? 56  ARG B NH1 1 
ATOM   257  N NH2 . ARG A 1 38  ? -18.890 -7.747  -16.606 0.86 30.71 ? 56  ARG B NH2 1 
ATOM   258  N N   . ASN A 1 39  ? -13.509 -3.389  -14.014 0.96 13.83 ? 57  ASN B N   1 
ATOM   259  C CA  . ASN A 1 39  ? -13.514 -1.935  -13.872 0.95 13.32 ? 57  ASN B CA  1 
ATOM   260  C C   . ASN A 1 39  ? -12.129 -1.449  -13.469 0.95 12.71 ? 57  ASN B C   1 
ATOM   261  O O   . ASN A 1 39  ? -11.766 -1.515  -12.294 0.94 13.08 ? 57  ASN B O   1 
ATOM   262  C CB  . ASN A 1 39  ? -14.559 -1.497  -12.844 0.95 13.33 ? 57  ASN B CB  1 
ATOM   263  C CG  . ASN A 1 39  ? -14.753 0.016   -12.805 0.86 14.02 ? 57  ASN B CG  1 
ATOM   264  O OD1 . ASN A 1 39  ? -15.667 0.519   -12.143 0.89 17.12 ? 57  ASN B OD1 1 
ATOM   265  N ND2 . ASN A 1 39  ? -13.904 0.743   -13.516 1.00 13.27 ? 57  ASN B ND2 1 
ATOM   266  N N   . PRO A 1 40  ? -11.336 -0.982  -14.446 0.99 11.47 ? 58  PRO B N   1 
ATOM   267  C CA  . PRO A 1 40  ? -9.948  -0.616  -14.148 0.96 14.35 ? 58  PRO B CA  1 
ATOM   268  C C   . PRO A 1 40  ? -9.789  0.803   -13.594 0.97 11.40 ? 58  PRO B C   1 
ATOM   269  O O   . PRO A 1 40  ? -8.654  1.257   -13.451 0.97 14.55 ? 58  PRO B O   1 
ATOM   270  C CB  . PRO A 1 40  ? -9.264  -0.734  -15.508 0.97 15.11 ? 58  PRO B CB  1 
ATOM   271  C CG  . PRO A 1 40  ? -10.356 -0.448  -16.500 0.92 14.27 ? 58  PRO B CG  1 
ATOM   272  C CD  . PRO A 1 40  ? -11.629 -0.971  -15.892 0.89 13.21 ? 58  PRO B CD  1 
ATOM   273  N N   . LEU A 1 41  ? -10.897 1.481   -13.293 0.94 12.70 ? 59  LEU B N   1 
ATOM   274  C CA  . LEU A 1 41  ? -10.851 2.887   -12.874 0.98 12.86 ? 59  LEU B CA  1 
ATOM   275  C C   . LEU A 1 41  ? -11.082 3.091   -11.387 0.98 14.84 ? 59  LEU B C   1 
ATOM   276  O O   . LEU A 1 41  ? -11.371 4.209   -10.949 0.96 15.18 ? 59  LEU B O   1 
ATOM   277  C CB  . LEU A 1 41  ? -11.884 3.701   -13.649 0.99 14.26 ? 59  LEU B CB  1 
ATOM   278  C CG  . LEU A 1 41  ? -11.763 3.504   -15.155 0.90 14.73 ? 59  LEU B CG  1 
ATOM   279  C CD1 . LEU A 1 41  ? -12.864 4.275   -15.901 0.92 16.66 ? 59  LEU B CD1 1 
ATOM   280  C CD2 . LEU A 1 41  ? -10.378 3.924   -15.625 0.96 17.31 ? 59  LEU B CD2 1 
ATOM   281  N N   . VAL A 1 42  ? -10.934 2.017   -10.615 1.00 13.01 ? 60  VAL B N   1 
ATOM   282  C CA  . VAL A 1 42  ? -11.179 2.037   -9.179  1.00 13.90 ? 60  VAL B CA  1 
ATOM   283  C C   . VAL A 1 42  ? -9.860  1.910   -8.412  0.95 12.36 ? 60  VAL B C   1 
ATOM   284  O O   . VAL A 1 42  ? -9.248  0.839   -8.370  0.94 12.34 ? 60  VAL B O   1 
ATOM   285  C CB  . VAL A 1 42  ? -12.132 0.895   -8.773  0.98 14.24 ? 60  VAL B CB  1 
ATOM   286  C CG1 . VAL A 1 42  ? -12.531 1.018   -7.302  1.00 16.31 ? 60  VAL B CG1 1 
ATOM   287  C CG2 . VAL A 1 42  ? -13.354 0.885   -9.683  1.00 15.19 ? 60  VAL B CG2 1 
ATOM   288  N N   . ALA A 1 43  ? -9.425  3.010   -7.808  0.97 14.37 ? 61  ALA B N   1 
ATOM   289  C CA  . ALA A 1 43  ? -8.119  3.065   -7.172  0.98 12.76 ? 61  ALA B CA  1 
ATOM   290  C C   . ALA A 1 43  ? -7.950  2.007   -6.078  0.90 13.15 ? 61  ALA B C   1 
ATOM   291  O O   . ALA A 1 43  ? -6.882  1.414   -5.939  0.96 13.27 ? 61  ALA B O   1 
ATOM   292  C CB  . ALA A 1 43  ? -7.862  4.456   -6.617  1.00 15.25 ? 61  ALA B CB  1 
ATOM   293  N N   . VAL A 1 44  ? -9.013  1.763   -5.316  0.98 13.41 ? 62  VAL B N   1 
ATOM   294  C CA  . VAL A 1 44  ? -8.975  0.777   -4.236  0.98 12.88 ? 62  VAL B CA  1 
ATOM   295  C C   . VAL A 1 44  ? -8.581  -0.633  -4.697  0.98 11.69 ? 62  VAL B C   1 
ATOM   296  O O   . VAL A 1 44  ? -7.963  -1.381  -3.937  0.93 13.19 ? 62  VAL B O   1 
ATOM   297  C CB  . VAL A 1 44  ? -10.321 0.732   -3.465  1.00 13.54 ? 62  VAL B CB  1 
ATOM   298  C CG1 . VAL A 1 44  ? -10.454 -0.546  -2.664  0.87 21.54 ? 62  VAL B CG1 1 
ATOM   299  C CG2 . VAL A 1 44  ? -10.435 1.959   -2.551  0.69 15.79 ? 62  VAL B CG2 1 
ATOM   300  N N   . TYR A 1 45  ? -8.907  -1.011  -5.930  1.00 12.94 ? 63  TYR B N   1 
ATOM   301  C CA  . TYR A 1 45  ? -8.492  -2.346  -6.374  0.94 11.40 ? 63  TYR B CA  1 
ATOM   302  C C   . TYR A 1 45  ? -6.973  -2.454  -6.405  0.98 13.07 ? 63  TYR B C   1 
ATOM   303  O O   . TYR A 1 45  ? -6.409  -3.491  -6.042  0.99 11.50 ? 63  TYR B O   1 
ATOM   304  C CB  . TYR A 1 45  ? -9.055  -2.709  -7.759  0.97 12.45 ? 63  TYR B CB  1 
ATOM   305  C CG  . TYR A 1 45  ? -10.563 -2.702  -7.871  0.99 13.64 ? 63  TYR B CG  1 
ATOM   306  C CD1 . TYR A 1 45  ? -11.372 -2.637  -6.745  0.97 13.73 ? 63  TYR B CD1 1 
ATOM   307  C CD2 . TYR A 1 45  ? -11.177 -2.773  -9.120  0.96 13.09 ? 63  TYR B CD2 1 
ATOM   308  C CE1 . TYR A 1 45  ? -12.758 -2.621  -6.860  0.95 14.26 ? 63  TYR B CE1 1 
ATOM   309  C CE2 . TYR A 1 45  ? -12.543 -2.763  -9.242  1.00 13.42 ? 63  TYR B CE2 1 
ATOM   310  C CZ  . TYR A 1 45  ? -13.334 -2.692  -8.114  0.97 13.64 ? 63  TYR B CZ  1 
ATOM   311  O OH  . TYR A 1 45  ? -14.709 -2.679  -8.263  0.95 15.96 ? 63  TYR B OH  1 
ATOM   312  N N   . TYR A 1 46  ? -6.320  -1.379  -6.840  0.96 12.21 ? 64  TYR B N   1 
ATOM   313  C CA  . TYR A 1 46  ? -4.867  -1.336  -6.959  0.98 12.29 ? 64  TYR B CA  1 
ATOM   314  C C   . TYR A 1 46  ? -4.162  -1.234  -5.609  0.95 11.88 ? 64  TYR B C   1 
ATOM   315  O O   . TYR A 1 46  ? -3.127  -1.867  -5.410  0.96 13.53 ? 64  TYR B O   1 
ATOM   316  C CB  . TYR A 1 46  ? -4.421  -0.179  -7.856  1.00 12.81 ? 64  TYR B CB  1 
ATOM   317  C CG  . TYR A 1 46  ? -4.957  -0.253  -9.270  0.94 11.19 ? 64  TYR B CG  1 
ATOM   318  C CD1 . TYR A 1 46  ? -4.322  -1.021  -10.238 1.00 14.58 ? 64  TYR B CD1 1 
ATOM   319  C CD2 . TYR A 1 46  ? -6.080  0.481   -9.643  0.96 12.71 ? 64  TYR B CD2 1 
ATOM   320  C CE1 . TYR A 1 46  ? -4.812  -1.078  -11.540 0.99 13.57 ? 64  TYR B CE1 1 
ATOM   321  C CE2 . TYR A 1 46  ? -6.577  0.432   -10.935 0.98 12.42 ? 64  TYR B CE2 1 
ATOM   322  C CZ  . TYR A 1 46  ? -5.939  -0.343  -11.880 0.92 12.13 ? 64  TYR B CZ  1 
ATOM   323  O OH  . TYR A 1 46  ? -6.445  -0.376  -13.167 0.91 13.59 ? 64  TYR B OH  1 
ATOM   324  N N   . THR A 1 47  ? -4.692  -0.431  -4.688  0.99 11.80 ? 65  THR B N   1 
ATOM   325  C CA  . THR A 1 47  ? -4.084  -0.375  -3.360  1.00 12.95 ? 65  THR B CA  1 
ATOM   326  C C   . THR A 1 47  ? -4.312  -1.675  -2.582  0.95 12.74 ? 65  THR B C   1 
ATOM   327  O O   . THR A 1 47  ? -3.430  -2.109  -1.830  0.95 12.57 ? 65  THR B O   1 
ATOM   328  C CB  . THR A 1 47  ? -4.510  0.887   -2.560  0.98 15.26 ? 65  THR B CB  1 
ATOM   329  O OG1 . THR A 1 47  ? -5.934  0.991   -2.515  0.94 15.39 ? 65  THR B OG1 1 
ATOM   330  C CG2 . THR A 1 47  ? -3.956  2.140   -3.228  1.00 15.62 ? 65  THR B CG2 1 
ATOM   331  N N   . ASN A 1 48  ? -5.462  -2.310  -2.746  0.99 11.45 ? 66  ASN B N   1 
ATOM   332  C CA  . ASN A 1 48  ? -5.640  -3.616  -2.167  1.00 12.77 ? 66  ASN B CA  1 
ATOM   333  C C   . ASN A 1 48  ? -4.604  -4.606  -2.719  0.95 11.34 ? 66  ASN B C   1 
ATOM   334  O O   . ASN A 1 48  ? -4.024  -5.354  -1.983  0.96 10.86 ? 66  ASN B O   1 
ATOM   335  C CB  . ASN A 1 48  ? -7.046  -4.163  -2.477  0.99 12.65 ? 66  ASN B CB  1 
ATOM   336  C CG  . ASN A 1 48  ? -8.141  -3.597  -1.565  0.94 14.56 ? 66  ASN B CG  1 
ATOM   337  O OD1 . ASN A 1 48  ? -7.893  -2.736  -0.772  0.91 16.48 ? 66  ASN B OD1 1 
ATOM   338  N ND2 . ASN A 1 48  ? -9.359  -4.076  -1.758  1.00 12.52 ? 66  ASN B ND2 1 
ATOM   339  N N   . ARG A 1 49  ? -4.438  -4.611  -4.033  1.00 11.29 ? 67  ARG B N   1 
ATOM   340  C CA  . ARG A 1 49  ? -3.480  -5.539  -4.627  0.95 11.04 ? 67  ARG B CA  1 
ATOM   341  C C   . ARG A 1 49  ? -2.041  -5.205  -4.207  0.87 10.99 ? 67  ARG B C   1 
ATOM   342  O O   . ARG A 1 49  ? -1.238  -6.109  -3.950  0.94 12.05 ? 67  ARG B O   1 
ATOM   343  C CB  . ARG A 1 49  ? -3.623  -5.613  -6.154  0.99 12.06 ? 67  ARG B CB  1 
ATOM   344  C CG  . ARG A 1 49  ? -2.847  -6.794  -6.744  0.95 12.46 ? 67  ARG B CG  1 
ATOM   345  C CD  . ARG A 1 49  ? -3.207  -7.058  -8.193  1.00 14.01 ? 67  ARG B CD  1 
ATOM   346  N NE  . ARG A 1 49  ? -2.767  -5.969  -9.056  0.94 14.42 ? 67  ARG B NE  1 
ATOM   347  C CZ  . ARG A 1 49  ? -2.824  -6.009  -10.381 0.96 15.44 ? 67  ARG B CZ  1 
ATOM   348  N NH1 . ARG A 1 49  ? -3.298  -7.089  -10.988 1.00 16.62 ? 67  ARG B NH1 1 
ATOM   349  N NH2 . ARG A 1 49  ? -2.406  -4.972  -11.096 0.98 14.83 ? 67  ARG B NH2 1 
ATOM   350  N N   . ALA A 1 50  ? -1.724  -3.912  -4.115  0.95 12.40 ? 68  ALA B N   1 
ATOM   351  C CA  . ALA A 1 50  ? -0.409  -3.488  -3.644  1.00 11.08 ? 68  ALA B CA  1 
ATOM   352  C C   . ALA A 1 50  ? -0.104  -4.081  -2.277  0.86 10.70 ? 68  ALA B C   1 
ATOM   353  O O   . ALA A 1 50  ? 1.006   -4.553  -2.030  0.93 12.33 ? 68  ALA B O   1 
ATOM   354  C CB  . ALA A 1 50  ? -0.318  -1.964  -3.575  1.00 12.53 ? 68  ALA B CB  1 
ATOM   355  N N   . LEU A 1 51  ? -1.086  -4.034  -1.379  0.96 10.11 ? 69  LEU B N   1 
ATOM   356  C CA  . LEU A 1 51  ? -0.901  -4.613  -0.050  0.99 12.79 ? 69  LEU B CA  1 
ATOM   357  C C   . LEU A 1 51  ? -0.597  -6.113  -0.137  1.00 10.78 ? 69  LEU B C   1 
ATOM   358  O O   . LEU A 1 51  ? 0.273   -6.622  0.577   0.91 12.15 ? 69  LEU B O   1 
ATOM   359  C CB  . LEU A 1 51  ? -2.130  -4.347  0.825   1.00 14.05 ? 69  LEU B CB  1 
ATOM   360  C CG  . LEU A 1 51  ? -2.082  -4.901  2.254   0.92 13.75 ? 69  LEU B CG  1 
ATOM   361  C CD1 . LEU A 1 51  ? -0.842  -4.417  3.000   1.00 16.23 ? 69  LEU B CD1 1 
ATOM   362  C CD2 . LEU A 1 51  ? -3.356  -4.528  2.995   1.00 14.01 ? 69  LEU B CD2 1 
ATOM   363  N N   . CYS A 1 52  ? -1.297  -6.813  -1.026  1.00 10.90 ? 70  CYS B N   1 
ATOM   364  C CA  . CYS A 1 52  ? -1.036  -8.239  -1.214  0.99 11.15 ? 70  CYS B CA  1 
ATOM   365  C C   . CYS A 1 52  ? 0.400   -8.466  -1.661  0.96 11.89 ? 70  CYS B C   1 
ATOM   366  O O   . CYS A 1 52  ? 1.103   -9.322  -1.115  0.97 11.05 ? 70  CYS B O   1 
ATOM   367  C CB  . CYS A 1 52  ? -1.986  -8.834  -2.255  0.95 11.19 ? 70  CYS B CB  1 
ATOM   368  S SG  . CYS A 1 52  ? -3.691  -8.933  -1.727  0.94 13.84 ? 70  CYS B SG  1 
ATOM   369  N N   . TYR A 1 53  ? 0.835   -7.696  -2.652  0.96 11.69 ? 71  TYR B N   1 
ATOM   370  C CA  . TYR A 1 53  ? 2.197   -7.812  -3.153  0.98 11.57 ? 71  TYR B CA  1 
ATOM   371  C C   . TYR A 1 53  ? 3.226   -7.534  -2.048  0.90 12.22 ? 71  TYR B C   1 
ATOM   372  O O   . TYR A 1 53  ? 4.260   -8.194  -1.988  0.97 12.96 ? 71  TYR B O   1 
ATOM   373  C CB  . TYR A 1 53  ? 2.428   -6.908  -4.367  1.00 13.58 ? 71  TYR B CB  1 
ATOM   374  C CG  . TYR A 1 53  ? 1.762   -7.399  -5.641  0.91 12.56 ? 71  TYR B CG  1 
ATOM   375  C CD1 . TYR A 1 53  ? 1.820   -8.737  -6.015  0.93 12.03 ? 71  TYR B CD1 1 
ATOM   376  C CD2 . TYR A 1 53  ? 1.086   -6.519  -6.484  0.92 12.84 ? 71  TYR B CD2 1 
ATOM   377  C CE1 . TYR A 1 53  ? 1.212   -9.181  -7.188  0.92 12.79 ? 71  TYR B CE1 1 
ATOM   378  C CE2 . TYR A 1 53  ? 0.480   -6.955  -7.653  1.00 14.82 ? 71  TYR B CE2 1 
ATOM   379  C CZ  . TYR A 1 53  ? 0.544   -8.281  -7.999  0.95 14.24 ? 71  TYR B CZ  1 
ATOM   380  O OH  . TYR A 1 53  ? -0.064  -8.707  -9.168  0.90 16.08 ? 71  TYR B OH  1 
ATOM   381  N N   . LEU A 1 54  ? 2.947   -6.565  -1.181  0.97 13.27 ? 72  LEU B N   1 
ATOM   382  C CA  . LEU A 1 54  ? 3.853   -6.310  -0.061  0.98 12.37 ? 72  LEU B CA  1 
ATOM   383  C C   . LEU A 1 54  ? 3.928   -7.530  0.858   0.95 13.34 ? 72  LEU B C   1 
ATOM   384  O O   . LEU A 1 54  ? 5.017   -7.924  1.296   0.94 16.25 ? 72  LEU B O   1 
ATOM   385  C CB  . LEU A 1 54  ? 3.437   -5.059  0.718   0.99 14.06 ? 72  LEU B CB  1 
ATOM   386  C CG  . LEU A 1 54  ? 3.811   -3.735  0.047   0.97 16.87 ? 72  LEU B CG  1 
ATOM   387  C CD1 . LEU A 1 54  ? 3.123   -2.557  0.722   1.00 15.99 ? 72  LEU B CD1 1 
ATOM   388  C CD2 . LEU A 1 54  ? 5.325   -3.532  0.016   1.00 18.97 ? 72  LEU B CD2 1 
ATOM   389  N N   . LYS A 1 55  ? 2.778   -8.122  1.170   0.97 13.17 ? 73  LYS B N   1 
ATOM   390  C CA  . LYS A 1 55  ? 2.763   -9.331  2.001   0.96 13.20 ? 73  LYS B CA  1 
ATOM   391  C C   . LYS A 1 55  ? 3.508   -10.488 1.318   0.97 13.74 ? 73  LYS B C   1 
ATOM   392  O O   . LYS A 1 55  ? 4.064   -11.360 2.000   0.87 13.55 ? 73  LYS B O   1 
ATOM   393  C CB  . LYS A 1 55  ? 1.325   -9.743  2.333   1.00 14.85 ? 73  LYS B CB  1 
ATOM   394  C CG  . LYS A 1 55  ? 0.551   -8.738  3.182   1.00 17.91 ? 73  LYS B CG  1 
ATOM   395  C CD  . LYS A 1 55  ? 1.132   -8.650  4.583   1.00 23.55 ? 73  LYS B CD  1 
ATOM   396  C CE  . LYS A 1 55  ? 0.142   -8.046  5.558   0.46 26.89 ? 73  LYS B CE  1 
ATOM   397  N NZ  . LYS A 1 55  ? 0.594   -8.240  6.964   0.52 31.03 ? 73  LYS B NZ  1 
ATOM   398  N N   . MET A 1 56  ? 3.529   -10.476 -0.014  0.99 14.66 ? 74  MET B N   1 
ATOM   399  C CA  . MET A 1 56  ? 4.192   -11.506 -0.821  1.00 13.43 ? 74  MET B CA  1 
ATOM   400  C C   . MET A 1 56  ? 5.661   -11.169 -1.064  0.93 12.70 ? 74  MET B C   1 
ATOM   401  O O   . MET A 1 56  ? 6.349   -11.861 -1.824  0.93 14.22 ? 74  MET B O   1 
ATOM   402  C CB  . MET A 1 56  ? 3.468   -11.660 -2.173  0.98 14.52 ? 74  MET B CB  1 
ATOM   403  C CG  . MET A 1 56  ? 2.041   -12.175 -2.052  0.95 14.77 ? 74  MET B CG  1 
ATOM   404  S SD  . MET A 1 56  ? 1.006   -11.795 -3.485  0.94 16.01 ? 74  MET B SD  1 
ATOM   405  C CE  . MET A 1 56  ? 1.870   -12.667 -4.795  0.99 18.84 ? 74  MET B CE  1 
ATOM   406  N N   . GLN A 1 57  ? 6.134   -10.100 -0.424  0.92 12.68 ? 75  GLN B N   1 
ATOM   407  C CA  . GLN A 1 57  ? 7.514   -9.646  -0.588  0.99 15.14 ? 75  GLN B CA  1 
ATOM   408  C C   . GLN A 1 57  ? 7.856   -9.351  -2.054  0.93 15.48 ? 75  GLN B C   1 
ATOM   409  O O   . GLN A 1 57  ? 8.949   -9.659  -2.534  0.95 15.80 ? 75  GLN B O   1 
ATOM   410  C CB  . GLN A 1 57  ? 8.494   -10.637 0.068   0.93 16.49 ? 75  GLN B CB  1 
ATOM   411  C CG  . GLN A 1 57  ? 8.160   -10.887 1.537   0.85 19.79 ? 75  GLN B CG  1 
ATOM   412  C CD  . GLN A 1 57  ? 9.228   -11.667 2.284   0.66 19.90 ? 75  GLN B CD  1 
ATOM   413  O OE1 . GLN A 1 57  ? 10.425  -11.467 2.079   0.57 23.19 ? 75  GLN B OE1 1 
ATOM   414  N NE2 . GLN A 1 57  ? 8.792   -12.559 3.167   0.85 23.44 ? 75  GLN B NE2 1 
ATOM   415  N N   . GLN A 1 58  ? 6.907   -8.721  -2.749  0.92 13.73 ? 76  GLN B N   1 
ATOM   416  C CA  . GLN A 1 58  ? 7.093   -8.276  -4.129  0.90 13.90 ? 76  GLN B CA  1 
ATOM   417  C C   . GLN A 1 58  ? 6.896   -6.763  -4.238  0.88 14.19 ? 76  GLN B C   1 
ATOM   418  O O   . GLN A 1 58  ? 5.924   -6.291  -4.849  0.94 14.69 ? 76  GLN B O   1 
ATOM   419  C CB  . GLN A 1 58  ? 6.125   -9.000  -5.066  1.00 15.11 ? 76  GLN B CB  1 
ATOM   420  C CG  . GLN A 1 58  ? 6.387   -10.497 -5.149  1.00 15.48 ? 76  GLN B CG  1 
ATOM   421  C CD  . GLN A 1 58  ? 5.479   -11.196 -6.136  0.97 18.48 ? 76  GLN B CD  1 
ATOM   422  O OE1 . GLN A 1 58  ? 5.108   -10.631 -7.168  0.88 20.88 ? 76  GLN B OE1 1 
ATOM   423  N NE2 . GLN A 1 58  ? 5.129   -12.438 -5.834  0.76 14.77 ? 76  GLN B NE2 1 
ATOM   424  N N   . PRO A 1 59  ? 7.823   -5.993  -3.655  0.91 14.41 ? 77  PRO B N   1 
ATOM   425  C CA  . PRO A 1 59  ? 7.674   -4.532  -3.634  0.96 14.76 ? 77  PRO B CA  1 
ATOM   426  C C   . PRO A 1 59  ? 7.629   -3.904  -5.030  0.95 17.01 ? 77  PRO B C   1 
ATOM   427  O O   . PRO A 1 59  ? 7.000   -2.863  -5.195  1.00 17.93 ? 77  PRO B O   1 
ATOM   428  C CB  . PRO A 1 59  ? 8.924   -4.063  -2.874  1.00 17.47 ? 77  PRO B CB  1 
ATOM   429  C CG  . PRO A 1 59  ? 9.886   -5.223  -2.973  0.98 17.37 ? 77  PRO B CG  1 
ATOM   430  C CD  . PRO A 1 59  ? 8.990   -6.418  -2.863  1.00 17.30 ? 77  PRO B CD  1 
ATOM   431  N N   . GLU A 1 60  ? 8.288   -4.513  -6.011  0.94 16.30 ? 78  GLU B N   1 
ATOM   432  C CA  . GLU A 1 60  ? 8.243   -3.986  -7.375  0.98 17.60 ? 78  GLU B CA  1 
ATOM   433  C C   . GLU A 1 60  ? 6.823   -4.002  -7.942  0.94 16.92 ? 78  GLU B C   1 
ATOM   434  O O   . GLU A 1 60  ? 6.383   -3.024  -8.542  0.99 16.88 ? 78  GLU B O   1 
ATOM   435  C CB  . GLU A 1 60  ? 9.203   -4.746  -8.295  1.00 20.99 ? 78  GLU B CB  1 
ATOM   436  C CG  . GLU A 1 60  ? 10.667  -4.494  -7.974  0.76 26.36 ? 78  GLU B CG  1 
ATOM   437  C CD  . GLU A 1 60  ? 11.612  -5.187  -8.938  0.46 28.50 ? 78  GLU B CD  1 
ATOM   438  O OE1 . GLU A 1 60  ? 11.155  -5.630  -10.012 0.56 35.15 ? 78  GLU B OE1 1 
ATOM   439  O OE2 . GLU A 1 60  ? 12.816  -5.283  -8.620  0.73 33.77 ? 78  GLU B OE2 1 
ATOM   440  N N   . GLN A 1 61  ? 6.108   -5.109  -7.748  0.95 15.51 ? 79  GLN B N   1 
ATOM   441  C CA  . GLN A 1 61  ? 4.732   -5.214  -8.229  0.94 15.40 ? 79  GLN B CA  1 
ATOM   442  C C   . GLN A 1 61  ? 3.806   -4.297  -7.436  0.94 15.05 ? 79  GLN B C   1 
ATOM   443  O O   . GLN A 1 61  ? 2.886   -3.692  -7.993  0.93 13.25 ? 79  GLN B O   1 
ATOM   444  C CB  . GLN A 1 61  ? 4.228   -6.664  -8.190  0.97 15.27 ? 79  GLN B CB  1 
ATOM   445  C CG  . GLN A 1 61  ? 4.665   -7.514  -9.380  0.92 16.51 ? 79  GLN B CG  1 
ATOM   446  C CD  . GLN A 1 61  ? 6.158   -7.738  -9.418  0.99 21.47 ? 79  GLN B CD  1 
ATOM   447  O OE1 . GLN A 1 61  ? 6.809   -7.518  -10.441 0.64 23.82 ? 79  GLN B OE1 1 
ATOM   448  N NE2 . GLN A 1 61  ? 6.713   -8.177  -8.300  0.94 19.70 ? 79  GLN B NE2 1 
ATOM   449  N N   . ALA A 1 62  ? 4.070   -4.171  -6.140  0.97 14.34 ? 80  ALA B N   1 
ATOM   450  C CA  . ALA A 1 62  ? 3.291   -3.283  -5.288  1.00 12.21 ? 80  ALA B CA  1 
ATOM   451  C C   . ALA A 1 62  ? 3.473   -1.829  -5.720  0.95 12.37 ? 80  ALA B C   1 
ATOM   452  O O   . ALA A 1 62  ? 2.514   -1.062  -5.749  0.94 12.45 ? 80  ALA B O   1 
ATOM   453  C CB  . ALA A 1 62  ? 3.694   -3.454  -3.828  1.00 12.80 ? 80  ALA B CB  1 
ATOM   454  N N   . LEU A 1 63  ? 4.706   -1.459  -6.057  0.98 12.50 ? 81  LEU B N   1 
ATOM   455  C CA  . LEU A 1 63  ? 5.007   -0.081  -6.423  0.99 14.42 ? 81  LEU B CA  1 
ATOM   456  C C   . LEU A 1 63  ? 4.249   0.299   -7.691  0.98 12.25 ? 81  LEU B C   1 
ATOM   457  O O   . LEU A 1 63  ? 3.675   1.382   -7.784  0.99 13.11 ? 81  LEU B O   1 
ATOM   458  C CB  . LEU A 1 63  ? 6.511   0.115   -6.622  0.99 14.49 ? 81  LEU B CB  1 
ATOM   459  C CG  . LEU A 1 63  ? 6.925   1.580   -6.826  0.94 17.05 ? 81  LEU B CG  1 
ATOM   460  C CD1 . LEU A 1 63  ? 8.215   1.903   -6.077  0.87 20.36 ? 81  LEU B CD1 1 
ATOM   461  C CD2 . LEU A 1 63  ? 7.062   1.879   -8.310  0.84 18.91 ? 81  LEU B CD2 1 
ATOM   462  N N   . ALA A 1 64  ? 4.230   -0.601  -8.668  0.96 13.38 ? 82  ALA B N   1 
ATOM   463  C CA  . ALA A 1 64  ? 3.498   -0.339  -9.904  1.00 14.46 ? 82  ALA B CA  1 
ATOM   464  C C   . ALA A 1 64  ? 2.010   -0.109  -9.641  0.98 14.15 ? 82  ALA B C   1 
ATOM   465  O O   . ALA A 1 64  ? 1.390   0.776   -10.245 0.94 13.35 ? 82  ALA B O   1 
ATOM   466  C CB  . ALA A 1 64  ? 3.694   -1.479  -10.894 1.00 16.36 ? 82  ALA B CB  1 
ATOM   467  N N   . ASP A 1 65  ? 1.435   -0.906  -8.745  0.97 12.50 ? 83  ASP B N   1 
ATOM   468  C CA  . ASP A 1 65  ? 0.037   -0.726  -8.375  1.00 11.72 ? 83  ASP B CA  1 
ATOM   469  C C   . ASP A 1 65  ? -0.186  0.602   -7.651  0.93 13.78 ? 83  ASP B C   1 
ATOM   470  O O   . ASP A 1 65  ? -1.210  1.251   -7.843  0.95 12.80 ? 83  ASP B O   1 
ATOM   471  C CB  . ASP A 1 65  ? -0.455  -1.885  -7.515  0.99 12.55 ? 83  ASP B CB  1 
ATOM   472  C CG  . ASP A 1 65  ? -0.989  -3.037  -8.339  0.90 13.15 ? 83  ASP B CG  1 
ATOM   473  O OD1 . ASP A 1 65  ? -1.335  -2.826  -9.529  0.88 13.37 ? 83  ASP B OD1 1 
ATOM   474  O OD2 . ASP A 1 65  ? -1.073  -4.145  -7.778  0.97 12.78 ? 83  ASP B OD2 1 
ATOM   475  N N   . CYS A 1 66  ? 0.764   1.019   -6.822  0.94 12.11 ? 84  CYS B N   1 
ATOM   476  C CA  . CYS A 1 66  ? 0.628   2.328   -6.185  0.95 12.51 ? 84  CYS B CA  1 
ATOM   477  C C   . CYS A 1 66  ? 0.606   3.442   -7.225  0.88 14.12 ? 84  CYS B C   1 
ATOM   478  O O   . CYS A 1 66  ? -0.151  4.408   -7.083  0.97 13.70 ? 84  CYS B O   1 
ATOM   479  C CB  . CYS A 1 66  ? 1.734   2.572   -5.162  0.97 11.95 ? 84  CYS B CB  1 
ATOM   480  S SG  . CYS A 1 66  ? 1.656   1.512   -3.696  0.96 14.49 ? 84  CYS B SG  1 
ATOM   481  N N   . ARG A 1 67  ? 1.434   3.321   -8.260  0.97 12.95 ? 85  ARG B N   1 
ATOM   482  C CA  . ARG A 1 67  ? 1.425   4.317   -9.334  0.92 13.31 ? 85  ARG B CA  1 
ATOM   483  C C   . ARG A 1 67  ? 0.083   4.339   -10.066 0.90 14.29 ? 85  ARG B C   1 
ATOM   484  O O   . ARG A 1 67  ? -0.444  5.410   -10.377 0.91 13.44 ? 85  ARG B O   1 
ATOM   485  C CB  . ARG A 1 67  ? 2.562   4.090   -10.335 0.99 15.36 ? 85  ARG B CB  1 
ATOM   486  C CG  . ARG A 1 67  ? 3.959   4.232   -9.759  0.87 15.85 ? 85  ARG B CG  1 
ATOM   487  C CD  . ARG A 1 67  ? 4.306   5.670   -9.398  0.99 16.97 ? 85  ARG B CD  1 
ATOM   488  N NE  . ARG A 1 67  ? 5.655   5.734   -8.842  0.80 18.07 ? 85  ARG B NE  1 
ATOM   489  C CZ  . ARG A 1 67  ? 6.048   6.619   -7.933  0.79 16.49 ? 85  ARG B CZ  1 
ATOM   490  N NH1 . ARG A 1 67  ? 5.184   7.513   -7.469  0.85 16.50 ? 85  ARG B NH1 1 
ATOM   491  N NH2 . ARG A 1 67  ? 7.297   6.593   -7.472  0.98 18.30 ? 85  ARG B NH2 1 
ATOM   492  N N   . ARG A 1 68  ? -0.476  3.161   -10.341 1.00 15.97 ? 86  ARG B N   1 
ATOM   493  C CA  . ARG A 1 68  ? -1.770  3.109   -11.014 1.00 14.82 ? 86  ARG B CA  1 
ATOM   494  C C   . ARG A 1 68  ? -2.847  3.755   -10.154 1.00 13.63 ? 86  ARG B C   1 
ATOM   495  O O   . ARG A 1 68  ? -3.690  4.505   -10.648 1.00 15.08 ? 86  ARG B O   1 
ATOM   496  C CB  . ARG A 1 68  ? -2.150  1.665   -11.347 1.00 13.64 ? 86  ARG B CB  1 
ATOM   497  C CG  . ARG A 1 68  ? -1.288  1.066   -12.447 1.00 16.85 ? 86  ARG B CG  1 
ATOM   498  C CD  . ARG A 1 68  ? -1.204  -0.438  -12.337 1.00 25.13 ? 86  ARG B CD  1 
ATOM   499  N NE  . ARG A 1 68  ? -0.085  -0.942  -13.126 1.00 27.97 ? 86  ARG B NE  1 
ATOM   500  C CZ  . ARG A 1 68  ? 0.654   -1.989  -12.789 1.00 28.95 ? 86  ARG B CZ  1 
ATOM   501  N NH1 . ARG A 1 68  ? 0.400   -2.660  -11.668 1.00 17.09 ? 86  ARG B NH1 1 
ATOM   502  N NH2 . ARG A 1 68  ? 1.650   -2.363  -13.577 1.00 33.71 ? 86  ARG B NH2 1 
ATOM   503  N N   . ALA A 1 69  ? -2.803  3.473   -8.858  0.98 12.39 ? 87  ALA B N   1 
ATOM   504  C CA  . ALA A 1 69  ? -3.733  4.068   -7.904  0.98 12.30 ? 87  ALA B CA  1 
ATOM   505  C C   . ALA A 1 69  ? -3.615  5.593   -7.876  0.91 14.44 ? 87  ALA B C   1 
ATOM   506  O O   . ALA A 1 69  ? -4.623  6.297   -7.886  0.91 14.50 ? 87  ALA B O   1 
ATOM   507  C CB  . ALA A 1 69  ? -3.496  3.502   -6.505  0.96 11.33 ? 87  ALA B CB  1 
ATOM   508  N N   . LEU A 1 70  ? -2.383  6.095   -7.829  0.97 12.62 ? 88  LEU B N   1 
ATOM   509  C CA  . LEU A 1 70  ? -2.160  7.538   -7.719  1.00 14.06 ? 88  LEU B CA  1 
ATOM   510  C C   . LEU A 1 70  ? -2.613  8.299   -8.953  0.88 15.37 ? 88  LEU B C   1 
ATOM   511  O O   . LEU A 1 70  ? -2.993  9.459   -8.855  0.94 15.69 ? 88  LEU B O   1 
ATOM   512  C CB  . LEU A 1 70  ? -0.694  7.844   -7.411  1.00 13.80 ? 88  LEU B CB  1 
ATOM   513  C CG  . LEU A 1 70  ? -0.282  7.477   -5.982  0.91 13.68 ? 88  LEU B CG  1 
ATOM   514  C CD1 . LEU A 1 70  ? 1.229   7.480   -5.813  0.93 16.07 ? 88  LEU B CD1 1 
ATOM   515  C CD2 . LEU A 1 70  ? -0.944  8.440   -4.990  0.96 15.09 ? 88  LEU B CD2 1 
ATOM   516  N N   . GLU A 1 71  ? -2.563  7.650   -10.110 0.93 13.86 ? 89  GLU B N   1 
ATOM   517  C CA  . GLU A 1 71  ? -3.063  8.260   -11.341 0.98 15.02 ? 89  GLU B CA  1 
ATOM   518  C C   . GLU A 1 71  ? -4.574  8.467   -11.292 0.94 16.28 ? 89  GLU B C   1 
ATOM   519  O O   . GLU A 1 71  ? -5.112  9.401   -11.907 0.87 17.80 ? 89  GLU B O   1 
ATOM   520  C CB  . GLU A 1 71  ? -2.685  7.409   -12.551 1.00 17.11 ? 89  GLU B CB  1 
ATOM   521  C CG  . GLU A 1 71  ? -1.262  7.616   -13.024 0.79 20.54 ? 89  GLU B CG  1 
ATOM   522  C CD  . GLU A 1 71  ? -1.061  7.177   -14.461 0.51 21.86 ? 89  GLU B CD  1 
ATOM   523  O OE1 . GLU A 1 71  ? -0.003  6.583   -14.750 0.73 23.07 ? 89  GLU B OE1 1 
ATOM   524  O OE2 . GLU A 1 71  ? -1.970  7.402   -15.291 0.58 24.84 ? 89  GLU B OE2 1 
ATOM   525  N N   . LEU A 1 72  ? -5.255  7.592   -10.562 1.00 14.06 ? 90  LEU B N   1 
ATOM   526  C CA  . LEU A 1 72  ? -6.708  7.639   -10.434 0.95 16.39 ? 90  LEU B CA  1 
ATOM   527  C C   . LEU A 1 72  ? -7.161  8.469   -9.238  1.00 15.55 ? 90  LEU B C   1 
ATOM   528  O O   . LEU A 1 72  ? -8.223  9.088   -9.268  0.89 17.25 ? 90  LEU B O   1 
ATOM   529  C CB  . LEU A 1 72  ? -7.276  6.225   -10.314 1.00 15.28 ? 90  LEU B CB  1 
ATOM   530  C CG  . LEU A 1 72  ? -7.108  5.336   -11.540 1.00 13.97 ? 90  LEU B CG  1 
ATOM   531  C CD1 . LEU A 1 72  ? -7.381  3.880   -11.191 1.00 17.07 ? 90  LEU B CD1 1 
ATOM   532  C CD2 . LEU A 1 72  ? -8.019  5.797   -12.671 0.96 15.97 ? 90  LEU B CD2 1 
ATOM   533  N N   . ASP A 1 73  ? -6.356  8.461   -8.182  0.98 15.92 ? 91  ASP B N   1 
ATOM   534  C CA  . ASP A 1 73  ? -6.681  9.187   -6.962  0.96 14.35 ? 91  ASP B CA  1 
ATOM   535  C C   . ASP A 1 73  ? -5.406  9.739   -6.333  0.96 14.94 ? 91  ASP B C   1 
ATOM   536  O O   . ASP A 1 73  ? -4.724  9.052   -5.561  0.97 14.55 ? 91  ASP B O   1 
ATOM   537  C CB  . ASP A 1 73  ? -7.415  8.266   -5.983  0.89 16.73 ? 91  ASP B CB  1 
ATOM   538  C CG  . ASP A 1 73  ? -7.674  8.927   -4.639  0.85 17.67 ? 91  ASP B CG  1 
ATOM   539  O OD1 . ASP A 1 73  ? -7.633  10.173  -4.561  0.93 18.00 ? 91  ASP B OD1 1 
ATOM   540  O OD2 . ASP A 1 73  ? -7.921  8.192   -3.659  0.78 19.52 ? 91  ASP B OD2 1 
ATOM   541  N N   . GLY A 1 74  ? -5.084  10.986  -6.669  1.00 15.03 ? 92  GLY B N   1 
ATOM   542  C CA  . GLY A 1 74  ? -3.872  11.613  -6.177  1.00 16.22 ? 92  GLY B CA  1 
ATOM   543  C C   . GLY A 1 74  ? -3.860  11.865  -4.679  0.96 16.43 ? 92  GLY B C   1 
ATOM   544  O O   . GLY A 1 74  ? -2.811  12.160  -4.103  0.91 17.29 ? 92  GLY B O   1 
ATOM   545  N N   . GLN A 1 75  ? -5.020  11.749  -4.041  1.00 14.37 ? 93  GLN B N   1 
ATOM   546  C CA  . GLN A 1 75  ? -5.132  12.007  -2.608  1.00 15.35 ? 93  GLN B CA  1 
ATOM   547  C C   . GLN A 1 75  ? -5.108  10.723  -1.775  1.00 14.69 ? 93  GLN B C   1 
ATOM   548  O O   . GLN A 1 75  ? -5.345  10.767  -0.570  0.91 16.36 ? 93  GLN B O   1 
ATOM   549  C CB  . GLN A 1 75  ? -6.423  12.772  -2.299  1.00 17.16 ? 93  GLN B CB  1 
ATOM   550  C CG  . GLN A 1 75  ? -6.593  14.067  -3.081  1.00 15.78 ? 93  GLN B CG  1 
ATOM   551  C CD  . GLN A 1 75  ? -5.409  15.008  -2.915  0.99 18.73 ? 93  GLN B CD  1 
ATOM   552  O OE1 . GLN A 1 75  ? -4.688  15.289  -3.872  0.90 19.33 ? 93  GLN B OE1 1 
ATOM   553  N NE2 . GLN A 1 75  ? -5.190  15.480  -1.690  1.00 18.42 ? 93  GLN B NE2 1 
ATOM   554  N N   . SER A 1 76  ? -4.837  9.587   -2.411  0.95 14.24 ? 94  SER B N   1 
ATOM   555  C CA  . SER A 1 76  ? -4.891  8.293   -1.718  0.97 14.35 ? 94  SER B CA  1 
ATOM   556  C C   . SER A 1 76  ? -3.840  8.158   -0.617  0.92 13.00 ? 94  SER B C   1 
ATOM   557  O O   . SER A 1 76  ? -2.638  8.093   -0.887  0.94 13.92 ? 94  SER B O   1 
ATOM   558  C CB  . SER A 1 76  ? -4.769  7.135   -2.713  1.00 13.71 ? 94  SER B CB  1 
ATOM   559  O OG  . SER A 1 76  ? -4.635  5.886   -2.035  1.00 14.00 ? 94  SER B OG  1 
ATOM   560  N N   . VAL A 1 77  ? -4.305  8.116   0.626   0.99 14.97 ? 95  VAL B N   1 
ATOM   561  C CA  . VAL A 1 77  ? -3.419  7.908   1.766   1.00 13.33 ? 95  VAL B CA  1 
ATOM   562  C C   . VAL A 1 77  ? -2.706  6.563   1.635   0.95 13.72 ? 95  VAL B C   1 
ATOM   563  O O   . VAL A 1 77  ? -1.486  6.480   1.753   0.97 12.63 ? 95  VAL B O   1 
ATOM   564  C CB  . VAL A 1 77  ? -4.195  7.960   3.103   1.00 13.83 ? 95  VAL B CB  1 
ATOM   565  C CG1 . VAL A 1 77  ? -3.304  7.526   4.259   1.00 14.55 ? 95  VAL B CG1 1 
ATOM   566  C CG2 . VAL A 1 77  ? -4.732  9.355   3.346   1.00 15.45 ? 95  VAL B CG2 1 
ATOM   567  N N   . LYS A 1 78  ? -3.461  5.505   1.365   0.95 14.78 ? 96  LYS B N   1 
ATOM   568  C CA  . LYS A 1 78  ? -2.856  4.181   1.283   1.00 13.58 ? 96  LYS B CA  1 
ATOM   569  C C   . LYS A 1 78  ? -1.860  4.032   0.134   1.00 13.47 ? 96  LYS B C   1 
ATOM   570  O O   . LYS A 1 78  ? -0.843  3.361   0.284   0.96 13.19 ? 96  LYS B O   1 
ATOM   571  C CB  . LYS A 1 78  ? -3.925  3.090   1.247   1.00 16.51 ? 96  LYS B CB  1 
ATOM   572  C CG  . LYS A 1 78  ? -4.540  2.843   2.621   0.91 17.33 ? 96  LYS B CG  1 
ATOM   573  C CD  . LYS A 1 78  ? -5.550  1.709   2.592   0.82 19.29 ? 96  LYS B CD  1 
ATOM   574  C CE  . LYS A 1 78  ? -6.125  1.469   3.971   1.00 23.24 ? 96  LYS B CE  1 
ATOM   575  N NZ  . LYS A 1 78  ? -7.109  0.353   3.952   0.92 19.67 ? 96  LYS B NZ  1 
ATOM   576  N N   . ALA A 1 79  ? -2.144  4.650   -1.015  1.00 12.29 ? 97  ALA B N   1 
ATOM   577  C CA  . ALA A 1 79  ? -1.176  4.591   -2.107  1.00 12.99 ? 97  ALA B CA  1 
ATOM   578  C C   . ALA A 1 79  ? 0.170   5.201   -1.699  0.98 14.22 ? 97  ALA B C   1 
ATOM   579  O O   . ALA A 1 79  ? 1.223   4.637   -1.988  0.95 11.63 ? 97  ALA B O   1 
ATOM   580  C CB  . ALA A 1 79  ? -1.717  5.248   -3.364  0.99 13.14 ? 97  ALA B CB  1 
ATOM   581  N N   . HIS A 1 80  ? 0.137   6.355   -1.033  1.00 13.25 ? 98  HIS B N   1 
ATOM   582  C CA  . HIS A 1 80  ? 1.374   6.975   -0.558  0.98 11.93 ? 98  HIS B CA  1 
ATOM   583  C C   . HIS A 1 80  ? 2.082   6.133   0.505   0.94 11.12 ? 98  HIS B C   1 
ATOM   584  O O   . HIS A 1 80  ? 3.307   5.988   0.489   0.96 12.86 ? 98  HIS B O   1 
ATOM   585  C CB  . HIS A 1 80  ? 1.118   8.385   -0.008  1.00 12.21 ? 98  HIS B CB  1 
ATOM   586  C CG  . HIS A 1 80  ? 0.876   9.422   -1.068  0.98 12.69 ? 98  HIS B CG  1 
ATOM   587  N ND1 . HIS A 1 80  ? -0.378  9.697   -1.571  0.99 13.27 ? 98  HIS B ND1 1 
ATOM   588  C CD2 . HIS A 1 80  ? 1.734   10.245  -1.723  0.95 12.82 ? 98  HIS B CD2 1 
ATOM   589  C CE1 . HIS A 1 80  ? -0.286  10.656  -2.479  0.97 13.57 ? 98  HIS B CE1 1 
ATOM   590  N NE2 . HIS A 1 80  ? 0.982   11.001  -2.596  0.93 13.47 ? 98  HIS B NE2 1 
ATOM   591  N N   . PHE A 1 81  ? 1.303   5.591   1.432   0.99 13.03 ? 99  PHE B N   1 
ATOM   592  C CA  . PHE A 1 81  ? 1.863   4.764   2.492   1.00 13.02 ? 99  PHE B CA  1 
ATOM   593  C C   . PHE A 1 81  ? 2.506   3.491   1.938   0.96 14.54 ? 99  PHE B C   1 
ATOM   594  O O   . PHE A 1 81  ? 3.653   3.173   2.261   0.96 13.49 ? 99  PHE B O   1 
ATOM   595  C CB  . PHE A 1 81  ? 0.792   4.410   3.520   0.96 13.25 ? 99  PHE B CB  1 
ATOM   596  C CG  . PHE A 1 81  ? 1.313   3.604   4.674   0.86 12.54 ? 99  PHE B CG  1 
ATOM   597  C CD1 . PHE A 1 81  ? 1.838   4.229   5.794   0.92 14.09 ? 99  PHE B CD1 1 
ATOM   598  C CD2 . PHE A 1 81  ? 1.291   2.222   4.632   0.92 14.35 ? 99  PHE B CD2 1 
ATOM   599  C CE1 . PHE A 1 81  ? 2.326   3.489   6.851   0.95 15.52 ? 99  PHE B CE1 1 
ATOM   600  C CE2 . PHE A 1 81  ? 1.776   1.478   5.687   0.98 14.66 ? 99  PHE B CE2 1 
ATOM   601  C CZ  . PHE A 1 81  ? 2.292   2.114   6.798   0.97 14.91 ? 99  PHE B CZ  1 
ATOM   602  N N   . PHE A 1 82  ? 1.776   2.751   1.109   0.99 13.00 ? 100 PHE B N   1 
ATOM   603  C CA  . PHE A 1 82  ? 2.341   1.535   0.530   1.00 13.22 ? 100 PHE B CA  1 
ATOM   604  C C   . PHE A 1 82  ? 3.531   1.855   -0.373  0.95 13.68 ? 100 PHE B C   1 
ATOM   605  O O   . PHE A 1 82  ? 4.499   1.111   -0.415  0.96 14.23 ? 100 PHE B O   1 
ATOM   606  C CB  . PHE A 1 82  ? 1.277   0.708   -0.204  1.00 14.27 ? 100 PHE B CB  1 
ATOM   607  C CG  . PHE A 1 82  ? 0.164   0.233   0.688   1.00 11.87 ? 100 PHE B CG  1 
ATOM   608  C CD1 . PHE A 1 82  ? 0.402   -0.021  2.034   0.94 14.37 ? 100 PHE B CD1 1 
ATOM   609  C CD2 . PHE A 1 82  ? -1.106  0.023   0.186   0.90 13.26 ? 100 PHE B CD2 1 
ATOM   610  C CE1 . PHE A 1 82  ? -0.621  -0.449  2.863   0.87 15.69 ? 100 PHE B CE1 1 
ATOM   611  C CE2 . PHE A 1 82  ? -2.133  -0.403  1.007   0.95 15.67 ? 100 PHE B CE2 1 
ATOM   612  C CZ  . PHE A 1 82  ? -1.888  -0.637  2.351   0.94 15.09 ? 100 PHE B CZ  1 
ATOM   613  N N   . LEU A 1 83  ? 3.473   2.983   -1.073  0.98 11.52 ? 101 LEU B N   1 
ATOM   614  C CA  . LEU A 1 83  ? 4.607   3.408   -1.883  0.94 13.33 ? 101 LEU B CA  1 
ATOM   615  C C   . LEU A 1 83  ? 5.839   3.609   -1.008  0.91 14.06 ? 101 LEU B C   1 
ATOM   616  O O   . LEU A 1 83  ? 6.939   3.179   -1.353  0.95 15.18 ? 101 LEU B O   1 
ATOM   617  C CB  . LEU A 1 83  ? 4.276   4.695   -2.644  0.96 13.88 ? 101 LEU B CB  1 
ATOM   618  C CG  . LEU A 1 83  ? 5.368   5.241   -3.556  0.96 14.87 ? 101 LEU B CG  1 
ATOM   619  C CD1 . LEU A 1 83  ? 5.729   4.206   -4.607  0.94 17.47 ? 101 LEU B CD1 1 
ATOM   620  C CD2 . LEU A 1 83  ? 4.877   6.521   -4.211  1.00 16.01 ? 101 LEU B CD2 1 
ATOM   621  N N   . GLY A 1 84  ? 5.649   4.271   0.129   0.98 14.23 ? 102 GLY B N   1 
ATOM   622  C CA  . GLY A 1 84  ? 6.728   4.477   1.074   1.00 14.25 ? 102 GLY B CA  1 
ATOM   623  C C   . GLY A 1 84  ? 7.338   3.165   1.536   0.96 14.83 ? 102 GLY B C   1 
ATOM   624  O O   . GLY A 1 84  ? 8.561   3.050   1.633   0.91 15.71 ? 102 GLY B O   1 
ATOM   625  N N   . GLN A 1 85  ? 6.492   2.176   1.818   1.00 15.00 ? 103 GLN B N   1 
ATOM   626  C CA  . GLN A 1 85  ? 6.966   0.855   2.235   1.00 16.16 ? 103 GLN B CA  1 
ATOM   627  C C   . GLN A 1 85  ? 7.801   0.206   1.136   0.87 16.66 ? 103 GLN B C   1 
ATOM   628  O O   . GLN A 1 85  ? 8.832   -0.408  1.402   0.94 17.30 ? 103 GLN B O   1 
ATOM   629  C CB  . GLN A 1 85  ? 5.791   -0.050  2.602   1.00 15.23 ? 103 GLN B CB  1 
ATOM   630  C CG  . GLN A 1 85  ? 5.057   0.380   3.846   1.00 15.69 ? 103 GLN B CG  1 
ATOM   631  C CD  . GLN A 1 85  ? 5.963   0.454   5.050   0.65 21.52 ? 103 GLN B CD  1 
ATOM   632  O OE1 . GLN A 1 85  ? 5.835   1.352   5.881   0.59 23.06 ? 103 GLN B OE1 1 
ATOM   633  N NE2 . GLN A 1 85  ? 6.895   -0.492  5.152   0.76 21.32 ? 103 GLN B NE2 1 
ATOM   634  N N   . CYS A 1 86  ? 7.350   0.341   -0.107  0.97 15.07 ? 104 CYS B N   1 
ATOM   635  C CA  . CYS A 1 86  ? 8.101   -0.194  -1.238  0.96 17.20 ? 104 CYS B CA  1 
ATOM   636  C C   . CYS A 1 86  ? 9.485   0.438   -1.296  0.83 15.78 ? 104 CYS B C   1 
ATOM   637  O O   . CYS A 1 86  ? 10.496  -0.248  -1.463  0.96 18.18 ? 104 CYS B O   1 
ATOM   638  C CB  . CYS A 1 86  ? 7.368   0.093   -2.550  1.00 17.73 ? 104 CYS B CB  1 
ATOM   639  S SG  . CYS A 1 86  ? 5.845   -0.833  -2.782  0.94 16.95 ? 104 CYS B SG  1 
ATOM   640  N N   . GLN A 1 87  ? 9.505   1.751   -1.113  0.95 16.77 ? 105 GLN B N   1 
ATOM   641  C CA  . GLN A 1 87  ? 10.719  2.489   -1.267  0.96 16.24 ? 105 GLN B CA  1 
ATOM   642  C C   . GLN A 1 87  ? 11.698  2.176   -0.128  0.92 19.48 ? 105 GLN B C   1 
ATOM   643  O O   . GLN A 1 87  ? 12.846  2.157   -0.341  0.92 18.96 ? 105 GLN B O   1 
ATOM   644  C CB  . GLN A 1 87  ? 10.435  3.977   -1.423  1.00 16.51 ? 105 GLN B CB  1 
ATOM   645  C CG  . GLN A 1 87  ? 9.886   4.325   -2.762  1.00 17.24 ? 105 GLN B CG  1 
ATOM   646  C CD  . GLN A 1 87  ? 9.273   5.683   -2.807  0.95 18.44 ? 105 GLN B CD  1 
ATOM   647  O OE1 . GLN A 1 87  ? 9.001   6.248   -1.820  0.91 16.74 ? 105 GLN B OE1 1 
ATOM   648  N NE2 . GLN A 1 87  ? 9.063   6.184   -3.979  0.93 19.32 ? 105 GLN B NE2 1 
ATOM   649  N N   . LEU A 1 88  ? 11.173  1.876   1.036   1.00 18.00 ? 106 LEU B N   1 
ATOM   650  C CA  . LEU A 1 88  ? 12.014  1.441   2.127   1.00 20.70 ? 106 LEU B CA  1 
ATOM   651  C C   . LEU A 1 88  ? 12.730  0.120   1.792   0.87 21.38 ? 106 LEU B C   1 
ATOM   652  O O   . LEU A 1 88  ? 13.879  -0.035  2.054   0.86 21.44 ? 106 LEU B O   1 
ATOM   653  C CB  . LEU A 1 88  ? 11.156  1.230   3.349   1.00 21.61 ? 106 LEU B CB  1 
ATOM   654  C CG  . LEU A 1 88  ? 11.347  1.950   4.657   0.70 24.48 ? 106 LEU B CG  1 
ATOM   655  C CD1 . LEU A 1 88  ? 10.773  1.176   5.789   1.00 24.97 ? 106 LEU B CD1 1 
ATOM   656  C CD2 . LEU A 1 88  ? 12.762  2.277   4.848   0.79 22.10 ? 106 LEU B CD2 1 
ATOM   657  N N   . GLU A 1 89  ? 12.017  -0.806  1.184   0.95 21.00 ? 107 GLU B N   1 
ATOM   658  C CA  . GLU A 1 89  ? 12.592  -2.093  0.794   0.96 21.60 ? 107 GLU B CA  1 
ATOM   659  C C   . GLU A 1 89  ? 13.704  -1.901  -0.221  0.97 21.57 ? 107 GLU B C   1 
ATOM   660  O O   . GLU A 1 89  ? 14.668  -2.578  -0.228  0.88 25.61 ? 107 GLU B O   1 
ATOM   661  C CB  . GLU A 1 89  ? 11.488  -3.084  0.356   1.00 22.69 ? 107 GLU B CB  1 
ATOM   662  C CG  . GLU A 1 89  ? 10.508  -3.324  1.505   0.84 23.81 ? 107 GLU B CG  1 
ATOM   663  C CD  . GLU A 1 89  ? 9.407   -4.396  1.349   0.37 25.48 ? 107 GLU B CD  1 
ATOM   664  O OE1 . GLU A 1 89  ? 9.285   -4.995  0.307   0.31 25.30 ? 107 GLU B OE1 1 
ATOM   665  O OE2 . GLU A 1 89  ? 8.654   -4.659  2.298   0.72 33.22 ? 107 GLU B OE2 1 
ATOM   666  N N   . MET A 1 90  ? 13.568  -0.903  -1.049  0.94 21.02 ? 108 MET B N   1 
ATOM   667  C CA  . MET A 1 90  ? 14.555  -0.577  -2.053  1.00 20.74 ? 108 MET B CA  1 
ATOM   668  C C   . MET A 1 90  ? 15.690  0.287   -1.570  1.00 22.41 ? 108 MET B C   1 
ATOM   669  O O   . MET A 1 90  ? 16.545  0.621   -2.320  0.87 22.62 ? 108 MET B O   1 
ATOM   670  C CB  . MET A 1 90  ? 13.848  0.099   -3.240  0.89 22.40 ? 108 MET B CB  1 
ATOM   671  C CG  . MET A 1 90  ? 12.729  -0.776  -3.714  0.77 21.06 ? 108 MET B CG  1 
ATOM   672  S SD  . MET A 1 90  ? 11.631  -0.063  -4.959  0.85 36.84 ? 108 MET B SD  1 
ATOM   673  C CE  . MET A 1 90  ? 11.654  1.610   -4.518  0.69 29.47 ? 108 MET B CE  1 
ATOM   674  N N   . GLU A 1 91  ? 15.663  0.670   -0.309  0.92 23.16 ? 109 GLU B N   1 
ATOM   675  C CA  . GLU A 1 91  ? 16.701  1.455   0.272   1.00 22.42 ? 109 GLU B CA  1 
ATOM   676  C C   . GLU A 1 91  ? 16.743  2.885   -0.234  0.97 22.11 ? 109 GLU B C   1 
ATOM   677  O O   . GLU A 1 91  ? 17.745  3.517   -0.237  0.90 24.00 ? 109 GLU B O   1 
ATOM   678  C CB  . GLU A 1 91  ? 18.040  0.720   0.155   0.90 24.96 ? 109 GLU B CB  1 
ATOM   679  C CG  . GLU A 1 91  ? 18.059  -0.505  0.972   1.00 26.46 ? 109 GLU B CG  1 
ATOM   680  C CD  . GLU A 1 91  ? 19.297  -1.357  0.789   0.43 31.95 ? 109 GLU B CD  1 
ATOM   681  O OE1 . GLU A 1 91  ? 20.407  -0.849  0.782   0.96 32.92 ? 109 GLU B OE1 1 
ATOM   682  O OE2 . GLU A 1 91  ? 19.129  -2.563  0.636   0.76 40.08 ? 109 GLU B OE2 1 
ATOM   683  N N   . SER A 1 92  ? 15.583  3.379   -0.630  0.95 19.81 ? 110 SER B N   1 
ATOM   684  C CA  . SER A 1 92  ? 15.449  4.734   -1.058  0.97 20.94 ? 110 SER B CA  1 
ATOM   685  C C   . SER A 1 92  ? 14.789  5.491   0.096   0.90 20.03 ? 110 SER B C   1 
ATOM   686  O O   . SER A 1 92  ? 13.605  5.714   0.092   1.00 20.06 ? 110 SER B O   1 
ATOM   687  C CB  . SER A 1 92  ? 14.561  4.784   -2.308  0.96 22.42 ? 110 SER B CB  1 
ATOM   688  O OG  . SER A 1 92  ? 14.640  6.035   -2.902  0.55 21.62 ? 110 SER B OG  1 
ATOM   689  N N   . TYR A 1 93  ? 15.591  5.824   1.097   1.00 19.74 ? 111 TYR B N   1 
ATOM   690  C CA  . TYR A 1 93  ? 15.071  6.293   2.385   1.00 20.21 ? 111 TYR B CA  1 
ATOM   691  C C   . TYR A 1 93  ? 14.412  7.663   2.360   0.97 18.10 ? 111 TYR B C   1 
ATOM   692  O O   . TYR A 1 93  ? 13.346  7.848   2.950   0.94 17.45 ? 111 TYR B O   1 
ATOM   693  C CB  . TYR A 1 93  ? 16.171  6.280   3.453   0.98 21.52 ? 111 TYR B CB  1 
ATOM   694  C CG  . TYR A 1 93  ? 16.824  4.933   3.615   0.97 20.06 ? 111 TYR B CG  1 
ATOM   695  C CD1 . TYR A 1 93  ? 18.138  4.726   3.227   0.72 21.44 ? 111 TYR B CD1 1 
ATOM   696  C CD2 . TYR A 1 93  ? 16.115  3.857   4.129   1.00 19.58 ? 111 TYR B CD2 1 
ATOM   697  C CE1 . TYR A 1 93  ? 18.735  3.489   3.362   0.95 20.08 ? 111 TYR B CE1 1 
ATOM   698  C CE2 . TYR A 1 93  ? 16.705  2.616   4.271   0.83 20.41 ? 111 TYR B CE2 1 
ATOM   699  C CZ  . TYR A 1 93  ? 18.013  2.438   3.884   0.85 22.25 ? 111 TYR B CZ  1 
ATOM   700  O OH  . TYR A 1 93  ? 18.607  1.205   4.024   0.79 23.40 ? 111 TYR B OH  1 
ATOM   701  N N   . ASP A 1 94  ? 15.055  8.627   1.711   0.99 19.90 ? 112 ASP B N   1 
ATOM   702  C CA  . ASP A 1 94  ? 14.509  9.974   1.639   0.90 22.22 ? 112 ASP B CA  1 
ATOM   703  C C   . ASP A 1 94  ? 13.146  9.968   0.959   0.97 18.84 ? 112 ASP B C   1 
ATOM   704  O O   . ASP A 1 94  ? 12.208  10.604  1.439   0.94 18.65 ? 112 ASP B O   1 
ATOM   705  C CB  . ASP A 1 94  ? 15.467  10.914  0.906   0.86 24.50 ? 112 ASP B CB  1 
ATOM   706  C CG  . ASP A 1 94  ? 16.721  11.214  1.708   0.81 28.00 ? 112 ASP B CG  1 
ATOM   707  O OD1 . ASP A 1 94  ? 16.789  10.808  2.889   0.91 30.09 ? 112 ASP B OD1 1 
ATOM   708  O OD2 . ASP A 1 94  ? 17.636  11.857  1.153   0.49 29.91 ? 112 ASP B OD2 1 
ATOM   709  N N   . GLU A 1 95  ? 13.045  9.251   -0.157  1.00 19.77 ? 113 GLU B N   1 
ATOM   710  C CA  . GLU A 1 95  ? 11.777  9.107   -0.867  1.00 18.19 ? 113 GLU B CA  1 
ATOM   711  C C   . GLU A 1 95  ? 10.725  8.461   0.016   0.93 16.51 ? 113 GLU B C   1 
ATOM   712  O O   . GLU A 1 95  ? 9.581   8.921   0.079   0.98 16.33 ? 113 GLU B O   1 
ATOM   713  C CB  . GLU A 1 95  ? 11.948  8.243   -2.113  0.99 21.26 ? 113 GLU B CB  1 
ATOM   714  C CG  . GLU A 1 95  ? 12.598  8.923   -3.291  0.71 25.22 ? 113 GLU B CG  1 
ATOM   715  C CD  . GLU A 1 95  ? 12.467  8.099   -4.557  0.65 23.15 ? 113 GLU B CD  1 
ATOM   716  O OE1 . GLU A 1 95  ? 12.070  8.667   -5.591  0.73 27.60 ? 113 GLU B OE1 1 
ATOM   717  O OE2 . GLU A 1 95  ? 12.747  6.879   -4.518  0.59 24.44 ? 113 GLU B OE2 1 
ATOM   718  N N   . ALA A 1 96  ? 11.110  7.371   0.676   1.00 15.14 ? 114 ALA B N   1 
ATOM   719  C CA  . ALA A 1 96  ? 10.190  6.636   1.532   1.00 14.12 ? 114 ALA B CA  1 
ATOM   720  C C   . ALA A 1 96  ? 9.644   7.528   2.641   0.96 13.69 ? 114 ALA B C   1 
ATOM   721  O O   . ALA A 1 96  ? 8.443   7.536   2.910   0.93 13.83 ? 114 ALA B O   1 
ATOM   722  C CB  . ALA A 1 96  ? 10.885  5.409   2.130   1.00 15.64 ? 114 ALA B CB  1 
ATOM   723  N N   . ILE A 1 97  ? 10.536  8.263   3.299   0.96 14.98 ? 115 ILE B N   1 
ATOM   724  C CA  . ILE A 1 97  ? 10.132  9.167   4.365   0.99 15.63 ? 115 ILE B CA  1 
ATOM   725  C C   . ILE A 1 97  ? 9.185   10.252  3.837   0.92 13.68 ? 115 ILE B C   1 
ATOM   726  O O   . ILE A 1 97  ? 8.168   10.559  4.461   0.98 14.10 ? 115 ILE B O   1 
ATOM   727  C CB  . ILE A 1 97  ? 11.357  9.778   5.072   1.00 14.62 ? 115 ILE B CB  1 
ATOM   728  C CG1 . ILE A 1 97  ? 12.115  8.677   5.825   0.97 16.38 ? 115 ILE B CG1 1 
ATOM   729  C CG2 . ILE A 1 97  ? 10.932  10.902  6.012   0.97 16.18 ? 115 ILE B CG2 1 
ATOM   730  C CD1 . ILE A 1 97  ? 13.554  9.026   6.148   0.89 19.31 ? 115 ILE B CD1 1 
ATOM   731  N N   . ALA A 1 98  ? 9.492   10.800  2.666   1.00 14.98 ? 116 ALA B N   1 
ATOM   732  C CA  . ALA A 1 98  ? 8.624   11.811  2.066   0.96 15.09 ? 116 ALA B CA  1 
ATOM   733  C C   . ALA A 1 98  ? 7.226   11.256  1.804   0.93 13.63 ? 116 ALA B C   1 
ATOM   734  O O   . ALA A 1 98  ? 6.225   11.911  2.076   1.00 15.65 ? 116 ALA B O   1 
ATOM   735  C CB  . ALA A 1 98  ? 9.236   12.356  0.786   1.00 16.95 ? 116 ALA B CB  1 
ATOM   736  N N   . ASN A 1 99  ? 7.154   10.032  1.285   0.96 11.52 ? 117 ASN B N   1 
ATOM   737  C CA  . ASN A 1 99  ? 5.850   9.430   1.022   0.99 12.75 ? 117 ASN B CA  1 
ATOM   738  C C   . ASN A 1 99  ? 5.079   9.091   2.283   0.91 12.81 ? 117 ASN B C   1 
ATOM   739  O O   . ASN A 1 99  ? 3.860   9.251   2.329   1.00 12.76 ? 117 ASN B O   1 
ATOM   740  C CB  . ASN A 1 99  ? 5.974   8.201   0.121   0.98 13.38 ? 117 ASN B CB  1 
ATOM   741  C CG  . ASN A 1 99  ? 5.942   8.566   -1.352  0.96 13.03 ? 117 ASN B CG  1 
ATOM   742  O OD1 . ASN A 1 99  ? 4.975   9.159   -1.834  0.93 14.71 ? 117 ASN B OD1 1 
ATOM   743  N ND2 . ASN A 1 99  ? 7.008   8.236   -2.066  0.98 16.86 ? 117 ASN B ND2 1 
ATOM   744  N N   . LEU A 1 100 ? 5.786   8.618   3.313   0.97 11.94 ? 118 LEU B N   1 
ATOM   745  C CA  . LEU A 1 100 ? 5.127   8.363   4.585   1.00 14.06 ? 118 LEU B CA  1 
ATOM   746  C C   . LEU A 1 100 ? 4.636   9.665   5.235   0.86 13.44 ? 118 LEU B C   1 
ATOM   747  O O   . LEU A 1 100 ? 3.550   9.697   5.819   0.94 12.84 ? 118 LEU B O   1 
ATOM   748  C CB  . LEU A 1 100 ? 6.047   7.578   5.528   1.00 12.99 ? 118 LEU B CB  1 
ATOM   749  C CG  . LEU A 1 100 ? 6.417   6.177   5.029   1.00 13.05 ? 118 LEU B CG  1 
ATOM   750  C CD1 . LEU A 1 100 ? 7.494   5.588   5.928   1.00 14.94 ? 118 LEU B CD1 1 
ATOM   751  C CD2 . LEU A 1 100 ? 5.195   5.268   4.986   1.00 15.82 ? 118 LEU B CD2 1 
ATOM   752  N N   . GLN A 1 101 ? 5.428   10.732  5.127   0.97 13.54 ? 119 GLN B N   1 
ATOM   753  C CA  . GLN A 1 101 ? 5.047   12.036  5.656   0.99 15.63 ? 119 GLN B CA  1 
ATOM   754  C C   . GLN A 1 101 ? 3.825   12.549  4.897   0.98 14.52 ? 119 GLN B C   1 
ATOM   755  O O   . GLN A 1 101 ? 2.895   13.087  5.496   0.99 14.51 ? 119 GLN B O   1 
ATOM   756  C CB  . GLN A 1 101 ? 6.211   13.025  5.539   1.00 15.72 ? 119 GLN B CB  1 
ATOM   757  C CG  . GLN A 1 101 ? 7.356   12.770  6.521   0.66 17.48 ? 119 GLN B CG  1 
ATOM   758  C CD  . GLN A 1 101 ? 8.531   13.707  6.313   0.19 20.22 ? 119 GLN B CD  1 
ATOM   759  O OE1 . GLN A 1 101 ? 8.845   14.081  5.183   0.62 22.14 ? 119 GLN B OE1 1 
ATOM   760  N NE2 . GLN A 1 101 ? 9.194   14.085  7.406   0.72 26.12 ? 119 GLN B NE2 1 
ATOM   761  N N   . ARG A 1 102 ? 3.815   12.339  3.581   1.00 13.38 ? 120 ARG B N   1 
ATOM   762  C CA  . ARG A 1 102 ? 2.676   12.742  2.766   0.99 14.27 ? 120 ARG B CA  1 
ATOM   763  C C   . ARG A 1 102 ? 1.421   11.944  3.145   1.00 14.46 ? 120 ARG B C   1 
ATOM   764  O O   . ARG A 1 102 ? 0.334   12.507  3.272   0.94 15.35 ? 120 ARG B O   1 
ATOM   765  C CB  . ARG A 1 102 ? 3.005   12.626  1.277   0.94 14.28 ? 120 ARG B CB  1 
ATOM   766  C CG  . ARG A 1 102 ? 1.863   13.024  0.343   1.00 14.30 ? 120 ARG B CG  1 
ATOM   767  C CD  . ARG A 1 102 ? 1.482   14.500  0.476   0.99 15.00 ? 120 ARG B CD  1 
ATOM   768  N NE  . ARG A 1 102 ? 0.573   14.891  -0.598  0.91 15.26 ? 120 ARG B NE  1 
ATOM   769  C CZ  . ARG A 1 102 ? -0.244  15.941  -0.556  1.00 15.05 ? 120 ARG B CZ  1 
ATOM   770  N NH1 . ARG A 1 102 ? -0.284  16.718  0.520   0.98 20.18 ? 120 ARG B NH1 1 
ATOM   771  N NH2 . ARG A 1 102 ? -1.033  16.195  -1.589  1.00 14.75 ? 120 ARG B NH2 1 
ATOM   772  N N   . ALA A 1 103 ? 1.571   10.635  3.353   0.99 12.68 ? 121 ALA B N   1 
ATOM   773  C CA  . ALA A 1 103 ? 0.457   9.833   3.848   1.00 11.91 ? 121 ALA B CA  1 
ATOM   774  C C   . ALA A 1 103 ? -0.088  10.369  5.174   0.95 16.37 ? 121 ALA B C   1 
ATOM   775  O O   . ALA A 1 103 ? -1.299  10.434  5.374   0.89 13.08 ? 121 ALA B O   1 
ATOM   776  C CB  . ALA A 1 103 ? 0.879   8.365   4.005   1.00 13.82 ? 121 ALA B CB  1 
ATOM   777  N N   . TYR A 1 104 ? 0.808   10.730  6.089   1.00 14.79 ? 122 TYR B N   1 
ATOM   778  C CA  . TYR A 1 104 ? 0.386   11.274  7.374   1.00 15.65 ? 122 TYR B CA  1 
ATOM   779  C C   . TYR A 1 104 ? -0.417  12.561  7.173   0.86 16.08 ? 122 TYR B C   1 
ATOM   780  O O   . TYR A 1 104 ? -1.497  12.726  7.738   0.96 16.42 ? 122 TYR B O   1 
ATOM   781  C CB  . TYR A 1 104 ? 1.597   11.533  8.265   1.00 16.12 ? 122 TYR B CB  1 
ATOM   782  C CG  . TYR A 1 104 ? 1.247   12.095  9.625   0.88 20.43 ? 122 TYR B CG  1 
ATOM   783  C CD1 . TYR A 1 104 ? 1.007   11.257  10.702  0.84 19.50 ? 122 TYR B CD1 1 
ATOM   784  C CD2 . TYR A 1 104 ? 1.154   13.465  9.829   0.80 20.67 ? 122 TYR B CD2 1 
ATOM   785  C CE1 . TYR A 1 104 ? 0.692   11.767  11.952  0.94 24.52 ? 122 TYR B CE1 1 
ATOM   786  C CE2 . TYR A 1 104 ? 0.836   13.983  11.073  0.93 24.74 ? 122 TYR B CE2 1 
ATOM   787  C CZ  . TYR A 1 104 ? 0.606   13.127  12.128  0.65 28.26 ? 122 TYR B CZ  1 
ATOM   788  O OH  . TYR A 1 104 ? 0.290   13.630  13.368  0.60 30.82 ? 122 TYR B OH  1 
ATOM   789  N N   . SER A 1 105 ? 0.117   13.455  6.350   0.97 14.44 ? 123 SER B N   1 
ATOM   790  C CA  . SER A 1 105 ? -0.524  14.736  6.065   0.95 15.80 ? 123 SER B CA  1 
ATOM   791  C C   . SER A 1 105 ? -1.901  14.542  5.450   0.93 16.74 ? 123 SER B C   1 
ATOM   792  O O   . SER A 1 105 ? -2.868  15.208  5.834   0.89 18.25 ? 123 SER B O   1 
ATOM   793  C CB  . SER A 1 105 ? 0.349   15.559  5.121   1.00 18.51 ? 123 SER B CB  1 
ATOM   794  O OG  . SER A 1 105 ? 1.543   15.963  5.766   0.63 22.65 ? 123 SER B OG  1 
ATOM   795  N N   . LEU A 1 106 ? -1.992  13.627  4.491   0.99 14.73 ? 124 LEU B N   1 
ATOM   796  C CA  . LEU A 1 106 ? -3.257  13.370  3.812   0.98 15.88 ? 124 LEU B CA  1 
ATOM   797  C C   . LEU A 1 106 ? -4.278  12.750  4.760   0.93 17.15 ? 124 LEU B C   1 
ATOM   798  O O   . LEU A 1 106 ? -5.456  13.092  4.720   0.91 16.05 ? 124 LEU B O   1 
ATOM   799  C CB  . LEU A 1 106 ? -3.048  12.481  2.578   1.00 15.66 ? 124 LEU B CB  1 
ATOM   800  C CG  . LEU A 1 106 ? -2.336  13.111  1.377   1.00 15.78 ? 124 LEU B CG  1 
ATOM   801  C CD1 . LEU A 1 106 ? -1.910  12.043  0.387   1.00 16.40 ? 124 LEU B CD1 1 
ATOM   802  C CD2 . LEU A 1 106 ? -3.219  14.147  0.687   1.00 21.54 ? 124 LEU B CD2 1 
ATOM   803  N N   . ALA A 1 107 ? -3.827  11.835  5.618   0.96 15.16 ? 125 ALA B N   1 
ATOM   804  C CA  . ALA A 1 107 ? -4.728  11.208  6.575   0.99 15.92 ? 125 ALA B CA  1 
ATOM   805  C C   . ALA A 1 107 ? -5.312  12.246  7.529   0.91 19.41 ? 125 ALA B C   1 
ATOM   806  O O   . ALA A 1 107 ? -6.483  12.173  7.904   0.95 21.47 ? 125 ALA B O   1 
ATOM   807  C CB  . ALA A 1 107 ? -3.998  10.122  7.355   1.00 17.48 ? 125 ALA B CB  1 
ATOM   808  N N   . LYS A 1 108 ? -4.486  13.209  7.918   0.92 19.48 ? 126 LYS B N   1 
ATOM   809  C CA  . LYS A 1 108 ? -4.914  14.282  8.813   0.93 20.79 ? 126 LYS B CA  1 
ATOM   810  C C   . LYS A 1 108 ? -5.962  15.155  8.141   0.94 21.85 ? 126 LYS B C   1 
ATOM   811  O O   . LYS A 1 108 ? -7.013  15.438  8.718   0.88 25.06 ? 126 LYS B O   1 
ATOM   812  C CB  . LYS A 1 108 ? -3.714  15.135  9.230   1.00 20.96 ? 126 LYS B CB  1 
ATOM   813  C CG  . LYS A 1 108 ? -4.075  16.409  9.974   0.82 23.48 ? 126 LYS B CG  1 
ATOM   814  C CD  . LYS A 1 108 ? -2.818  17.129  10.434  0.62 25.37 ? 126 LYS B CD  1 
ATOM   815  C CE  . LYS A 1 108 ? -3.137  18.219  11.440  0.83 30.83 ? 126 LYS B CE  1 
ATOM   816  N NZ  . LYS A 1 108 ? -1.934  19.037  11.737  0.90 27.64 ? 126 LYS B NZ  1 
ATOM   817  N N   . GLU A 1 109 ? -5.666  15.574  6.916   0.93 20.11 ? 127 GLU B N   1 
ATOM   818  C CA  . GLU A 1 109 ? -6.577  16.394  6.123   0.84 21.02 ? 127 GLU B CA  1 
ATOM   819  C C   . GLU A 1 109 ? -7.916  15.685  5.915   0.93 21.92 ? 127 GLU B C   1 
ATOM   820  O O   . GLU A 1 109 ? -8.970  16.329  5.858   0.91 26.37 ? 127 GLU B O   1 
ATOM   821  C CB  . GLU A 1 109 ? -5.930  16.724  4.773   1.00 20.26 ? 127 GLU B CB  1 
ATOM   822  C CG  . GLU A 1 109 ? -6.794  17.539  3.818   0.78 23.33 ? 127 GLU B CG  1 
ATOM   823  C CD  . GLU A 1 109 ? -6.145  17.715  2.453   0.59 29.07 ? 127 GLU B CD  1 
ATOM   824  O OE1 . GLU A 1 109 ? -6.667  18.508  1.639   0.52 34.03 ? 127 GLU B OE1 1 
ATOM   825  O OE2 . GLU A 1 109 ? -5.111  17.065  2.193   0.89 31.86 ? 127 GLU B OE2 1 
ATOM   826  N N   . GLN A 1 110 ? -7.870  14.361  5.807   1.00 22.15 ? 128 GLN B N   1 
ATOM   827  C CA  . GLN A 1 110 ? -9.062  13.562  5.537   0.82 21.76 ? 128 GLN B CA  1 
ATOM   828  C C   . GLN A 1 110 ? -9.705  13.007  6.805   0.91 25.92 ? 128 GLN B C   1 
ATOM   829  O O   . GLN A 1 110 ? -10.729 12.325  6.744   0.92 27.98 ? 128 GLN B O   1 
ATOM   830  C CB  . GLN A 1 110 ? -8.729  12.416  4.567   1.00 21.50 ? 128 GLN B CB  1 
ATOM   831  C CG  . GLN A 1 110 ? -8.327  12.890  3.178   1.00 20.79 ? 128 GLN B CG  1 
ATOM   832  C CD  . GLN A 1 110 ? -7.731  11.788  2.318   0.90 18.16 ? 128 GLN B CD  1 
ATOM   833  O OE1 . GLN A 1 110 ? -8.093  10.614  2.440   0.99 21.29 ? 128 GLN B OE1 1 
ATOM   834  N NE2 . GLN A 1 110 ? -6.803  12.163  1.444   0.99 17.01 ? 128 GLN B NE2 1 
ATOM   835  N N   . ARG A 1 111 ? -9.094  13.290  7.950   0.98 25.89 ? 129 ARG B N   1 
ATOM   836  C CA  . ARG A 1 111 ? -9.616  12.839  9.236   1.00 27.10 ? 129 ARG B CA  1 
ATOM   837  C C   . ARG A 1 111 ? -9.745  11.319  9.338   0.88 28.63 ? 129 ARG B C   1 
ATOM   838  O O   . ARG A 1 111 ? -10.710 10.807  9.899   0.92 29.28 ? 129 ARG B O   1 
ATOM   839  C CB  . ARG A 1 111 ? -10.953 13.525  9.533   0.87 30.92 ? 129 ARG B CB  1 
ATOM   840  C CG  . ARG A 1 111 ? -10.828 15.038  9.651   0.92 31.93 ? 129 ARG B CG  1 
ATOM   841  C CD  . ARG A 1 111 ? -12.154 15.748  9.436   0.64 34.01 ? 129 ARG B CD  1 
ATOM   842  N NE  . ARG A 1 111 ? -11.966 17.189  9.292   0.56 36.21 ? 129 ARG B NE  1 
ATOM   843  C CZ  . ARG A 1 111 ? -12.950 18.061  9.099   0.30 35.66 ? 129 ARG B CZ  1 
ATOM   844  N NH1 . ARG A 1 111 ? -14.205 17.644  9.027   0.69 40.31 ? 129 ARG B NH1 1 
ATOM   845  N NH2 . ARG A 1 111 ? -12.677 19.354  8.978   0.41 37.38 ? 129 ARG B NH2 1 
ATOM   846  N N   . LEU A 1 112 ? -8.755  10.605  8.808   0.98 24.05 ? 130 LEU B N   1 
ATOM   847  C CA  . LEU A 1 112 ? -8.724  9.152   8.891   1.00 26.80 ? 130 LEU B CA  1 
ATOM   848  C C   . LEU A 1 112 ? -7.993  8.683   10.147  1.00 27.35 ? 130 LEU B C   1 
ATOM   849  O O   . LEU A 1 112 ? -7.077  9.348   10.631  0.60 29.81 ? 130 LEU B O   1 
ATOM   850  C CB  . LEU A 1 112 ? -8.051  8.563   7.649   0.95 27.67 ? 130 LEU B CB  1 
ATOM   851  C CG  . LEU A 1 112 ? -8.644  8.980   6.306   1.00 28.27 ? 130 LEU B CG  1 
ATOM   852  C CD1 . LEU A 1 112 ? -7.899  8.297   5.166   0.89 27.68 ? 130 LEU B CD1 1 
ATOM   853  C CD2 . LEU A 1 112 ? -10.122 8.639   6.271   0.82 28.03 ? 130 LEU B CD2 1 
ATOM   854  N N   . ASN A 1 113 ? -8.401  7.530   10.663  0.77 27.90 ? 131 ASN B N   1 
ATOM   855  C CA  . ASN A 1 113 ? -7.814  6.983   11.878  0.91 27.33 ? 131 ASN B CA  1 
ATOM   856  C C   . ASN A 1 113 ? -7.170  5.619   11.647  0.94 26.37 ? 131 ASN B C   1 
ATOM   857  O O   . ASN A 1 113 ? -7.864  4.617   11.477  0.76 29.69 ? 131 ASN B O   1 
ATOM   858  C CB  . ASN A 1 113 ? -8.876  6.883   12.973  0.84 29.68 ? 131 ASN B CB  1 
ATOM   859  C CG  . ASN A 1 113 ? -8.302  6.438   14.303  0.53 29.44 ? 131 ASN B CG  1 
ATOM   860  O OD1 . ASN A 1 113 ? -7.092  6.265   14.443  0.74 30.49 ? 131 ASN B OD1 1 
ATOM   861  N ND2 . ASN A 1 113 ? -9.171  6.252   15.289  0.48 28.65 ? 131 ASN B ND2 1 
ATOM   862  N N   . PHE A 1 114 ? -5.840  5.592   11.639  0.89 22.64 ? 132 PHE B N   1 
ATOM   863  C CA  . PHE A 1 114 ? -5.094  4.352   11.493  0.76 24.43 ? 132 PHE B CA  1 
ATOM   864  C C   . PHE A 1 114 ? -4.249  4.129   12.739  0.88 24.48 ? 132 PHE B C   1 
ATOM   865  O O   . PHE A 1 114 ? -3.180  3.526   12.685  0.95 20.93 ? 132 PHE B O   1 
ATOM   866  C CB  . PHE A 1 114 ? -4.200  4.398   10.250  0.98 22.93 ? 132 PHE B CB  1 
ATOM   867  C CG  . PHE A 1 114 ? -4.956  4.605   8.970   0.86 22.33 ? 132 PHE B CG  1 
ATOM   868  C CD1 . PHE A 1 114 ? -4.854  5.799   8.275   0.83 23.36 ? 132 PHE B CD1 1 
ATOM   869  C CD2 . PHE A 1 114 ? -5.776  3.611   8.467   0.99 23.19 ? 132 PHE B CD2 1 
ATOM   870  C CE1 . PHE A 1 114 ? -5.548  5.998   7.099   0.91 24.85 ? 132 PHE B CE1 1 
ATOM   871  C CE2 . PHE A 1 114 ? -6.472  3.803   7.290   0.93 21.45 ? 132 PHE B CE2 1 
ATOM   872  C CZ  . PHE A 1 114 ? -6.358  4.994   6.604   0.74 22.70 ? 132 PHE B CZ  1 
ATOM   873  N N   . GLY A 1 115 ? -4.740  4.622   13.869  0.89 24.27 ? 133 GLY B N   1 
ATOM   874  C CA  . GLY A 1 115 ? -3.970  4.555   15.094  0.89 20.89 ? 133 GLY B CA  1 
ATOM   875  C C   . GLY A 1 115 ? -2.610  5.193   14.897  0.94 21.35 ? 133 GLY B C   1 
ATOM   876  O O   . GLY A 1 115 ? -2.497  6.255   14.293  0.90 20.55 ? 133 GLY B O   1 
ATOM   877  N N   . ASP A 1 116 ? -1.572  4.545   15.412  0.90 17.51 ? 134 ASP B N   1 
ATOM   878  C CA  . ASP A 1 116 ? -0.224  5.085   15.321  1.00 17.34 ? 134 ASP B CA  1 
ATOM   879  C C   . ASP A 1 116 ? 0.566   4.447   14.173  0.94 15.50 ? 134 ASP B C   1 
ATOM   880  O O   . ASP A 1 116 ? 1.799   4.499   14.155  0.94 16.24 ? 134 ASP B O   1 
ATOM   881  C CB  . ASP A 1 116 ? 0.501   4.868   16.648  1.00 16.63 ? 134 ASP B CB  1 
ATOM   882  C CG  . ASP A 1 116 ? 1.722   5.749   16.805  0.72 17.90 ? 134 ASP B CG  1 
ATOM   883  O OD1 . ASP A 1 116 ? 1.609   6.979   16.602  0.77 21.03 ? 134 ASP B OD1 1 
ATOM   884  O OD2 . ASP A 1 116 ? 2.795   5.202   17.145  0.79 21.62 ? 134 ASP B OD2 1 
ATOM   885  N N   . ASP A 1 117 ? -0.145  3.867   13.206  0.95 16.06 ? 135 ASP B N   1 
ATOM   886  C CA  . ASP A 1 117 ? 0.504   3.161   12.106  0.98 17.11 ? 135 ASP B CA  1 
ATOM   887  C C   . ASP A 1 117 ? 1.454   4.036   11.290  0.98 14.41 ? 135 ASP B C   1 
ATOM   888  O O   . ASP A 1 117 ? 2.573   3.629   10.967  0.97 14.43 ? 135 ASP B O   1 
ATOM   889  C CB  . ASP A 1 117 ? -0.542  2.533   11.179  1.00 17.29 ? 135 ASP B CB  1 
ATOM   890  C CG  . ASP A 1 117 ? -1.137  1.262   11.744  0.93 18.96 ? 135 ASP B CG  1 
ATOM   891  O OD1 . ASP A 1 117 ? -0.833  0.896   12.904  0.92 19.10 ? 135 ASP B OD1 1 
ATOM   892  O OD2 . ASP A 1 117 ? -1.903  0.607   11.011  0.80 17.91 ? 135 ASP B OD2 1 
ATOM   893  N N   . ILE A 1 118 ? 1.015   5.237   10.933  0.99 15.58 ? 136 ILE B N   1 
ATOM   894  C CA  . ILE A 1 118 ? 1.856   6.070   10.076  0.92 15.75 ? 136 ILE B CA  1 
ATOM   895  C C   . ILE A 1 118 ? 3.082   6.608   10.834  1.00 13.11 ? 136 ILE B C   1 
ATOM   896  O O   . ILE A 1 118 ? 4.207   6.505   10.344  0.93 13.38 ? 136 ILE B O   1 
ATOM   897  C CB  . ILE A 1 118 ? 1.058   7.181   9.341   1.00 15.08 ? 136 ILE B CB  1 
ATOM   898  C CG1 . ILE A 1 118 ? -0.110  6.563   8.560   0.96 15.17 ? 136 ILE B CG1 1 
ATOM   899  C CG2 . ILE A 1 118 ? 1.973   7.939   8.396   0.98 16.63 ? 136 ILE B CG2 1 
ATOM   900  C CD1 . ILE A 1 118 ? -0.983  7.580   7.799   0.96 14.66 ? 136 ILE B CD1 1 
ATOM   901  N N   . PRO A 1 119 ? 2.879   7.175   12.037  0.98 15.00 ? 137 PRO B N   1 
ATOM   902  C CA  . PRO A 1 119 ? 4.060   7.588   12.804  1.00 14.13 ? 137 PRO B CA  1 
ATOM   903  C C   . PRO A 1 119 ? 5.009   6.415   13.090  0.97 13.78 ? 137 PRO B C   1 
ATOM   904  O O   . PRO A 1 119 ? 6.227   6.598   13.080  0.97 15.00 ? 137 PRO B O   1 
ATOM   905  C CB  . PRO A 1 119 ? 3.455   8.122   14.102  0.99 17.75 ? 137 PRO B CB  1 
ATOM   906  C CG  . PRO A 1 119 ? 2.112   8.642   13.684  0.97 17.85 ? 137 PRO B CG  1 
ATOM   907  C CD  . PRO A 1 119 ? 1.626   7.644   12.657  0.95 14.97 ? 137 PRO B CD  1 
ATOM   908  N N   . SER A 1 120 ? 4.460   5.226   13.326  1.00 15.50 ? 138 SER B N   1 
ATOM   909  C CA  . SER A 1 120 ? 5.300   4.050   13.555  0.94 15.02 ? 138 SER B CA  1 
ATOM   910  C C   . SER A 1 120 ? 6.141   3.722   12.325  0.95 13.55 ? 138 SER B C   1 
ATOM   911  O O   . SER A 1 120 ? 7.317   3.368   12.433  0.99 13.43 ? 138 SER B O   1 
ATOM   912  C CB  . SER A 1 120 ? 4.448   2.839   13.932  1.00 16.27 ? 138 SER B CB  1 
ATOM   913  O OG  . SER A 1 120 ? 3.934   2.991   15.242  0.78 16.72 ? 138 SER B OG  1 
ATOM   914  N N   . ALA A 1 121 ? 5.525   3.825   11.151  0.94 12.59 ? 139 ALA B N   1 
ATOM   915  C CA  . ALA A 1 121 ? 6.245   3.584   9.912   1.00 14.64 ? 139 ALA B CA  1 
ATOM   916  C C   . ALA A 1 121 ? 7.327   4.633   9.678   0.99 13.07 ? 139 ALA B C   1 
ATOM   917  O O   . ALA A 1 121 ? 8.402   4.310   9.167   0.97 14.79 ? 139 ALA B O   1 
ATOM   918  C CB  . ALA A 1 121 ? 5.282   3.551   8.737   1.00 13.27 ? 139 ALA B CB  1 
ATOM   919  N N   . LEU A 1 122 ? 7.034   5.891   10.021  0.98 13.93 ? 140 LEU B N   1 
ATOM   920  C CA  . LEU A 1 122 ? 8.021   6.965   9.893   0.98 15.41 ? 140 LEU B CA  1 
ATOM   921  C C   . LEU A 1 122 ? 9.241   6.697   10.777  0.90 13.29 ? 140 LEU B C   1 
ATOM   922  O O   . LEU A 1 122 ? 10.383  6.890   10.357  0.95 14.95 ? 140 LEU B O   1 
ATOM   923  C CB  . LEU A 1 122 ? 7.397   8.323   10.239  1.00 14.28 ? 140 LEU B CB  1 
ATOM   924  C CG  . LEU A 1 122 ? 6.689   9.009   9.074   0.90 14.10 ? 140 LEU B CG  1 
ATOM   925  C CD1 . LEU A 1 122 ? 5.755   10.105  9.578   0.83 15.09 ? 140 LEU B CD1 1 
ATOM   926  C CD2 . LEU A 1 122 ? 7.742   9.578   8.137   0.91 17.39 ? 140 LEU B CD2 1 
ATOM   927  N N   . ARG A 1 123 ? 9.003   6.231   11.994  1.00 14.41 ? 141 ARG B N   1 
ATOM   928  C CA  . ARG A 1 123 ? 10.111  5.912   12.894  1.00 13.25 ? 141 ARG B CA  1 
ATOM   929  C C   . ARG A 1 123 ? 10.957  4.749   12.371  0.99 14.86 ? 141 ARG B C   1 
ATOM   930  O O   . ARG A 1 123 ? 12.182  4.810   12.401  0.93 15.38 ? 141 ARG B O   1 
ATOM   931  C CB  . ARG A 1 123 ? 9.608   5.675   14.319  1.00 18.78 ? 141 ARG B CB  1 
ATOM   932  C CG  . ARG A 1 123 ? 9.240   6.977   15.025  0.56 19.34 ? 141 ARG B CG  1 
ATOM   933  C CD  . ARG A 1 123 ? 8.874   6.765   16.483  0.30 24.04 ? 141 ARG B CD  1 
ATOM   934  N NE  . ARG A 1 123 ? 7.645   5.992   16.611  0.43 22.93 ? 141 ARG B NE  1 
ATOM   935  C CZ  . ARG A 1 123 ? 6.432   6.516   16.747  0.17 21.01 ? 141 ARG B CZ  1 
ATOM   936  N NH1 . ARG A 1 123 ? 6.261   7.838   16.785  0.73 24.88 ? 141 ARG B NH1 1 
ATOM   937  N NH2 . ARG A 1 123 ? 5.384   5.708   16.848  0.93 23.04 ? 141 ARG B NH2 1 
ATOM   938  N N   . ILE A 1 124 ? 10.308  3.711   11.851  0.98 13.73 ? 142 ILE B N   1 
ATOM   939  C CA  . ILE A 1 124 ? 11.037  2.624   11.205  1.00 12.96 ? 142 ILE B CA  1 
ATOM   940  C C   . ILE A 1 124 ? 11.906  3.152   10.067  0.98 14.53 ? 142 ILE B C   1 
ATOM   941  O O   . ILE A 1 124 ? 13.085  2.817   9.962   0.96 15.64 ? 142 ILE B O   1 
ATOM   942  C CB  . ILE A 1 124 ? 10.083  1.540   10.672  1.00 13.46 ? 142 ILE B CB  1 
ATOM   943  C CG1 . ILE A 1 124 ? 9.489   0.741   11.835  0.97 16.47 ? 142 ILE B CG1 1 
ATOM   944  C CG2 . ILE A 1 124 ? 10.806  0.622   9.681   1.00 15.53 ? 142 ILE B CG2 1 
ATOM   945  C CD1 . ILE A 1 124 ? 8.301   -0.118  11.461  0.84 15.82 ? 142 ILE B CD1 1 
ATOM   946  N N   . ALA A 1 125 ? 11.320  3.989   9.215   1.00 13.00 ? 143 ALA B N   1 
ATOM   947  C CA  . ALA A 1 125 ? 12.051  4.506   8.068   0.98 14.38 ? 143 ALA B CA  1 
ATOM   948  C C   . ALA A 1 125 ? 13.260  5.333   8.488   0.99 14.22 ? 143 ALA B C   1 
ATOM   949  O O   . ALA A 1 125 ? 14.344  5.196   7.918   0.95 14.71 ? 143 ALA B O   1 
ATOM   950  C CB  . ALA A 1 125 ? 11.123  5.321   7.157   0.96 14.88 ? 143 ALA B CB  1 
ATOM   951  N N   . LYS A 1 126 ? 13.077  6.197   9.482   0.94 14.33 ? 144 LYS B N   1 
ATOM   952  C CA  . LYS A 1 126 ? 14.170  7.048   9.933   0.95 15.25 ? 144 LYS B CA  1 
ATOM   953  C C   . LYS A 1 126 ? 15.253  6.234   10.623  0.95 13.09 ? 144 LYS B C   1 
ATOM   954  O O   . LYS A 1 126 ? 16.441  6.522   10.468  0.99 14.23 ? 144 LYS B O   1 
ATOM   955  C CB  . LYS A 1 126 ? 13.653  8.170   10.837  1.00 13.70 ? 144 LYS B CB  1 
ATOM   956  C CG  . LYS A 1 126 ? 12.789  9.176   10.075  1.00 16.60 ? 144 LYS B CG  1 
ATOM   957  C CD  . LYS A 1 126 ? 12.187  10.226  10.993  1.00 16.55 ? 144 LYS B CD  1 
ATOM   958  C CE  . LYS A 1 126 ? 11.280  11.170  10.203  0.90 22.80 ? 144 LYS B CE  1 
ATOM   959  N NZ  . LYS A 1 126 ? 10.660  12.223  11.064  0.81 26.85 ? 144 LYS B NZ  1 
ATOM   960  N N   . LYS A 1 127 ? 14.840  5.214   11.370  0.95 14.09 ? 145 LYS B N   1 
ATOM   961  C CA  . LYS A 1 127 ? 15.786  4.291   11.993  1.00 15.19 ? 145 LYS B CA  1 
ATOM   962  C C   . LYS A 1 127 ? 16.612  3.549   10.943  0.97 16.30 ? 145 LYS B C   1 
ATOM   963  O O   . LYS A 1 127 ? 17.822  3.388   11.097  0.96 17.20 ? 145 LYS B O   1 
ATOM   964  C CB  . LYS A 1 127 ? 15.060  3.285   12.886  0.97 17.00 ? 145 LYS B CB  1 
ATOM   965  C CG  . LYS A 1 127 ? 14.641  3.816   14.247  0.84 18.53 ? 145 LYS B CG  1 
ATOM   966  C CD  . LYS A 1 127 ? 13.831  2.757   14.983  0.70 18.33 ? 145 LYS B CD  1 
ATOM   967  C CE  . LYS A 1 127 ? 13.307  3.255   16.316  0.75 20.56 ? 145 LYS B CE  1 
ATOM   968  N NZ  . LYS A 1 127 ? 12.649  2.146   17.068  0.39 14.23 ? 145 LYS B NZ  1 
ATOM   969  N N   . LYS A 1 128 ? 15.956  3.107   9.874   0.96 16.82 ? 146 LYS B N   1 
ATOM   970  C CA  . LYS A 1 128 ? 16.641  2.363   8.822   0.95 18.03 ? 146 LYS B CA  1 
ATOM   971  C C   . LYS A 1 128 ? 17.618  3.256   8.068   0.92 17.16 ? 146 LYS B C   1 
ATOM   972  O O   . LYS A 1 128 ? 18.716  2.817   7.726   0.91 19.01 ? 146 LYS B O   1 
ATOM   973  C CB  . LYS A 1 128 ? 15.633  1.713   7.865   1.00 21.37 ? 146 LYS B CB  1 
ATOM   974  C CG  . LYS A 1 128 ? 14.813  0.612   8.522   0.78 20.73 ? 146 LYS B CG  1 
ATOM   975  C CD  . LYS A 1 128 ? 13.835  -0.029  7.553   0.58 22.02 ? 146 LYS B CD  1 
ATOM   976  C CE  . LYS A 1 128 ? 14.549  -0.808  6.458   0.69 24.00 ? 146 LYS B CE  1 
ATOM   977  N NZ  . LYS A 1 128 ? 15.297  -1.979  7.004   0.64 22.86 ? 146 LYS B NZ  1 
ATOM   978  N N   . ARG A 1 129 ? 17.221  4.503   7.807   1.00 15.89 ? 147 ARG B N   1 
ATOM   979  C CA  . ARG A 1 129 ? 18.123  5.468   7.184   1.00 16.65 ? 147 ARG B CA  1 
ATOM   980  C C   . ARG A 1 129 ? 19.366  5.664   8.044   1.00 16.24 ? 147 ARG B C   1 
ATOM   981  O O   . ARG A 1 129 ? 20.495  5.651   7.547   1.00 18.68 ? 147 ARG B O   1 
ATOM   982  C CB  . ARG A 1 129 ? 17.424  6.813   6.964   1.00 18.10 ? 147 ARG B CB  1 
ATOM   983  C CG  . ARG A 1 129 ? 18.297  7.858   6.275   1.00 20.81 ? 147 ARG B CG  1 
ATOM   984  C CD  . ARG A 1 129 ? 17.546  9.168   6.068   1.00 25.43 ? 147 ARG B CD  1 
ATOM   985  N NE  . ARG A 1 129 ? 17.147  9.754   7.341   1.00 33.99 ? 147 ARG B NE  1 
ATOM   986  C CZ  . ARG A 1 129 ? 16.362  10.819  7.469   1.00 35.41 ? 147 ARG B CZ  1 
ATOM   987  N NH1 . ARG A 1 129 ? 15.880  11.425  6.388   1.00 35.69 ? 147 ARG B NH1 1 
ATOM   988  N NH2 . ARG A 1 129 ? 16.055  11.275  8.681   1.00 32.82 ? 147 ARG B NH2 1 
ATOM   989  N N   . TRP A 1 130 ? 19.163  5.848   9.341   0.99 17.60 ? 148 TRP B N   1 
ATOM   990  C CA  . TRP A 1 130 ? 20.285  6.051   10.246  0.96 15.39 ? 148 TRP B CA  1 
ATOM   991  C C   . TRP A 1 130 ? 21.179  4.808   10.306  0.94 18.14 ? 148 TRP B C   1 
ATOM   992  O O   . TRP A 1 130 ? 22.402  4.920   10.304  0.93 16.61 ? 148 TRP B O   1 
ATOM   993  C CB  . TRP A 1 130 ? 19.784  6.458   11.637  0.99 16.72 ? 148 TRP B CB  1 
ATOM   994  C CG  . TRP A 1 130 ? 20.860  6.559   12.668  0.93 15.63 ? 148 TRP B CG  1 
ATOM   995  C CD1 . TRP A 1 130 ? 20.988  5.797   13.796  0.90 16.61 ? 148 TRP B CD1 1 
ATOM   996  C CD2 . TRP A 1 130 ? 21.980  7.453   12.658  0.93 16.88 ? 148 TRP B CD2 1 
ATOM   997  N NE1 . TRP A 1 130 ? 22.107  6.177   14.500  0.91 16.61 ? 148 TRP B NE1 1 
ATOM   998  C CE2 . TRP A 1 130 ? 22.733  7.189   13.823  0.95 16.93 ? 148 TRP B CE2 1 
ATOM   999  C CE3 . TRP A 1 130 ? 22.413  8.457   11.787  0.96 18.09 ? 148 TRP B CE3 1 
ATOM   1000 C CZ2 . TRP A 1 130 ? 23.897  7.886   14.134  0.91 17.19 ? 148 TRP B CZ2 1 
ATOM   1001 C CZ3 . TRP A 1 130 ? 23.576  9.154   12.106  0.97 18.94 ? 148 TRP B CZ3 1 
ATOM   1002 C CH2 . TRP A 1 130 ? 24.301  8.861   13.265  0.89 20.30 ? 148 TRP B CH2 1 
ATOM   1003 N N   . ASN A 1 131 ? 20.568  3.629   10.334  1.00 16.12 ? 149 ASN B N   1 
ATOM   1004 C CA  . ASN A 1 131 ? 21.329  2.378   10.303  1.00 17.36 ? 149 ASN B CA  1 
ATOM   1005 C C   . ASN A 1 131 ? 22.198  2.264   9.052   0.81 19.62 ? 149 ASN B C   1 
ATOM   1006 O O   . ASN A 1 131 ? 23.324  1.767   9.118   0.93 19.37 ? 149 ASN B O   1 
ATOM   1007 C CB  . ASN A 1 131 ? 20.404  1.161   10.396  1.00 20.56 ? 149 ASN B CB  1 
ATOM   1008 C CG  . ASN A 1 131 ? 21.173  -0.147  10.509  0.82 19.54 ? 149 ASN B CG  1 
ATOM   1009 O OD1 . ASN A 1 131 ? 21.830  -0.406  11.519  0.57 19.67 ? 149 ASN B OD1 1 
ATOM   1010 N ND2 . ASN A 1 131 ? 21.097  -0.975  9.471   0.67 22.49 ? 149 ASN B ND2 1 
ATOM   1011 N N   . SER A 1 132 ? 21.672  2.708   7.912   0.99 17.94 ? 150 SER B N   1 
ATOM   1012 C CA  . SER A 1 132 ? 22.432  2.649   6.665   1.00 18.93 ? 150 SER B CA  1 
ATOM   1013 C C   . SER A 1 132 ? 23.700  3.496   6.735   0.81 20.12 ? 150 SER B C   1 
ATOM   1014 O O   . SER A 1 132 ? 24.726  3.142   6.151   0.83 19.78 ? 150 SER B O   1 
ATOM   1015 C CB  . SER A 1 132 ? 21.563  3.046   5.461   0.96 20.39 ? 150 SER B CB  1 
ATOM   1016 O OG  . SER A 1 132 ? 21.312  4.440   5.410   0.70 20.89 ? 150 SER B OG  1 
ATOM   1017 N N   . ILE A 1 133 ? 23.633  4.606   7.466   0.99 18.09 ? 151 ILE B N   1 
ATOM   1018 C CA  . ILE A 1 133 ? 24.786  5.474   7.653   1.00 17.55 ? 151 ILE B CA  1 
ATOM   1019 C C   . ILE A 1 133 ? 25.800  4.798   8.580   0.83 19.61 ? 151 ILE B C   1 
ATOM   1020 O O   . ILE A 1 133 ? 27.004  4.786   8.318   0.96 19.02 ? 151 ILE B O   1 
ATOM   1021 C CB  . ILE A 1 133 ? 24.345  6.850   8.217   1.00 18.08 ? 151 ILE B CB  1 
ATOM   1022 C CG1 . ILE A 1 133 ? 23.504  7.591   7.173   0.98 21.16 ? 151 ILE B CG1 1 
ATOM   1023 C CG2 . ILE A 1 133 ? 25.547  7.674   8.646   1.00 20.64 ? 151 ILE B CG2 1 
ATOM   1024 C CD1 . ILE A 1 133 ? 22.887  8.877   7.683   0.88 22.50 ? 151 ILE B CD1 1 
ATOM   1025 N N   . GLU A 1 134 ? 25.299  4.205   9.652   1.00 18.88 ? 152 GLU B N   1 
ATOM   1026 C CA  . GLU A 1 134 ? 26.157  3.536   10.618  0.90 18.91 ? 152 GLU B CA  1 
ATOM   1027 C C   . GLU A 1 134 ? 26.856  2.302   10.031  0.84 20.11 ? 152 GLU B C   1 
ATOM   1028 O O   . GLU A 1 134 ? 27.976  1.972   10.428  0.99 20.33 ? 152 GLU B O   1 
ATOM   1029 C CB  . GLU A 1 134 ? 25.352  3.162   11.863  1.00 20.26 ? 152 GLU B CB  1 
ATOM   1030 C CG  . GLU A 1 134 ? 24.922  4.362   12.689  1.00 22.11 ? 152 GLU B CG  1 
ATOM   1031 C CD  . GLU A 1 134 ? 24.837  4.050   14.169  0.36 25.22 ? 152 GLU B CD  1 
ATOM   1032 O OE1 . GLU A 1 134 ? 24.100  3.114   14.545  0.64 31.83 ? 152 GLU B OE1 1 
ATOM   1033 O OE2 . GLU A 1 134 ? 25.514  4.746   14.956  0.69 31.97 ? 152 GLU B OE2 1 
ATOM   1034 N N   . GLU A 1 135 ? 26.191  1.635   9.090   0.98 18.19 ? 153 GLU B N   1 
ATOM   1035 C CA  . GLU A 1 135 ? 26.714  0.427   8.433   1.00 18.20 ? 153 GLU B CA  1 
ATOM   1036 C C   . GLU A 1 135 ? 27.873  0.714   7.490   0.96 18.55 ? 153 GLU B C   1 
ATOM   1037 O O   . GLU A 1 135 ? 28.532  -0.216  7.009   0.92 16.31 ? 153 GLU B O   1 
ATOM   1038 C CB  . GLU A 1 135 ? 25.623  -0.238  7.595   1.00 22.91 ? 153 GLU B CB  1 
ATOM   1039 C CG  . GLU A 1 135 ? 24.607  -1.047  8.351   0.78 23.84 ? 153 GLU B CG  1 
ATOM   1040 C CD  . GLU A 1 135 ? 23.643  -1.743  7.409   0.74 23.78 ? 153 GLU B CD  1 
ATOM   1041 O OE1 . GLU A 1 135 ? 23.499  -1.274  6.255   0.61 27.30 ? 153 GLU B OE1 1 
ATOM   1042 O OE2 . GLU A 1 135 ? 23.028  -2.750  7.820   0.43 28.58 ? 153 GLU B OE2 1 
ATOM   1043 N N   . ARG A 1 136 ? 28.095  1.990   7.202   0.97 17.90 ? 154 ARG B N   1 
ATOM   1044 C CA  . ARG A 1 136 ? 29.057  2.390   6.183   0.97 18.56 ? 154 ARG B CA  1 
ATOM   1045 C C   . ARG A 1 136 ? 30.247  3.164   6.733   0.97 17.11 ? 154 ARG B C   1 
ATOM   1046 O O   . ARG A 1 136 ? 30.989  3.785   5.978   0.87 18.48 ? 154 ARG B O   1 
ATOM   1047 C CB  . ARG A 1 136 ? 28.349  3.189   5.088   0.97 19.37 ? 154 ARG B CB  1 
ATOM   1048 C CG  . ARG A 1 136 ? 27.510  2.301   4.193   0.93 20.13 ? 154 ARG B CG  1 
ATOM   1049 C CD  . ARG A 1 136 ? 26.502  3.075   3.382   1.00 20.71 ? 154 ARG B CD  1 
ATOM   1050 N NE  . ARG A 1 136 ? 25.899  2.207   2.378   0.87 20.60 ? 154 ARG B NE  1 
ATOM   1051 C CZ  . ARG A 1 136 ? 24.958  1.305   2.640   0.69 21.46 ? 154 ARG B CZ  1 
ATOM   1052 N NH1 . ARG A 1 136 ? 24.499  1.156   3.875   0.86 21.60 ? 154 ARG B NH1 1 
ATOM   1053 N NH2 . ARG A 1 136 ? 24.474  0.549   1.664   0.53 23.17 ? 154 ARG B NH2 1 
ATOM   1054 N N   . ARG A 1 137 ? 30.431  3.109   8.049   1.00 17.69 ? 155 ARG B N   1 
ATOM   1055 C CA  . ARG A 1 137 ? 31.563  3.765   8.694   1.00 18.62 ? 155 ARG B CA  1 
ATOM   1056 C C   . ARG A 1 137 ? 31.919  3.076   10.000  0.95 20.38 ? 155 ARG B C   1 
ATOM   1057 O O   . ARG A 1 137 ? 32.895  3.450   10.653  0.86 22.99 ? 155 ARG B O   1 
ATOM   1058 C CB  . ARG A 1 137 ? 31.243  5.230   8.978   0.95 21.02 ? 155 ARG B CB  1 
ATOM   1059 C CG  . ARG A 1 137 ? 30.205  5.421   10.069  1.00 20.68 ? 155 ARG B CG  1 
ATOM   1060 C CD  . ARG A 1 137 ? 29.703  6.851   10.084  0.83 27.01 ? 155 ARG B CD  1 
ATOM   1061 N NE  . ARG A 1 137 ? 28.808  7.102   11.208  1.00 27.83 ? 155 ARG B NE  1 
ATOM   1062 C CZ  . ARG A 1 137 ? 28.169  8.251   11.399  0.59 29.14 ? 155 ARG B CZ  1 
ATOM   1063 N NH1 . ARG A 1 137 ? 28.324  9.246   10.536  0.88 29.12 ? 155 ARG B NH1 1 
ATOM   1064 N NH2 . ARG A 1 137 ? 27.374  8.405   12.448  0.75 32.50 ? 155 ARG B NH2 1 
ATOM   1065 O OXT . ARG A 1 137 ? 31.236  2.151   10.445  0.83 17.55 ? 155 ARG B OXT 1 
ATOM   1066 N N   . PRO B 2 2   ? -8.168  0.258   14.289  0.99 34.94 ? 635 PRO C N   1 
ATOM   1067 C CA  . PRO B 2 2   ? -7.996  -0.067  12.869  0.83 29.80 ? 635 PRO C CA  1 
ATOM   1068 C C   . PRO B 2 2   ? -6.548  0.095   12.420  0.97 29.67 ? 635 PRO C C   1 
ATOM   1069 O O   . PRO B 2 2   ? -5.848  0.983   12.908  0.74 30.58 ? 635 PRO C O   1 
ATOM   1070 C CB  . PRO B 2 2   ? -8.881  0.964   12.170  0.86 32.79 ? 635 PRO C CB  1 
ATOM   1071 C CG  . PRO B 2 2   ? -8.929  2.124   13.103  0.65 32.23 ? 635 PRO C CG  1 
ATOM   1072 C CD  . PRO B 2 2   ? -8.704  1.616   14.496  1.00 36.87 ? 635 PRO C CD  1 
ATOM   1073 N N   . THR B 2 3   ? -6.099  -0.767  11.513  1.00 28.35 ? 636 THR C N   1 
ATOM   1074 C CA  . THR B 2 3   ? -4.758  -0.643  10.957  0.86 24.41 ? 636 THR C CA  1 
ATOM   1075 C C   . THR B 2 3   ? -4.828  -0.216  9.494   0.88 23.50 ? 636 THR C C   1 
ATOM   1076 O O   . THR B 2 3   ? -5.805  -0.502  8.794   0.88 24.24 ? 636 THR C O   1 
ATOM   1077 C CB  . THR B 2 3   ? -3.946  -1.953  11.090  1.00 21.14 ? 636 THR C CB  1 
ATOM   1078 O OG1 . THR B 2 3   ? -2.654  -1.790  10.489  0.91 21.02 ? 636 THR C OG1 1 
ATOM   1079 C CG2 . THR B 2 3   ? -4.667  -3.111  10.413  0.94 24.86 ? 636 THR C CG2 1 
ATOM   1080 N N   . ILE B 2 4   ? -3.793  0.478   9.036   0.98 19.60 ? 637 ILE C N   1 
ATOM   1081 C CA  . ILE B 2 4   ? -3.714  0.893   7.643   1.00 18.14 ? 637 ILE C CA  1 
ATOM   1082 C C   . ILE B 2 4   ? -3.432  -0.302  6.724   0.84 18.48 ? 637 ILE C C   1 
ATOM   1083 O O   . ILE B 2 4   ? -3.735  -0.263  5.528   0.97 17.51 ? 637 ILE C O   1 
ATOM   1084 C CB  . ILE B 2 4   ? -2.640  1.993   7.449   0.96 16.96 ? 637 ILE C CB  1 
ATOM   1085 C CG1 . ILE B 2 4   ? -2.822  2.691   6.092   0.90 16.94 ? 637 ILE C CG1 1 
ATOM   1086 C CG2 . ILE B 2 4   ? -1.239  1.424   7.634   1.00 17.73 ? 637 ILE C CG2 1 
ATOM   1087 C CD1 . ILE B 2 4   ? -2.005  3.953   5.939   1.00 16.64 ? 637 ILE C CD1 1 
ATOM   1088 N N   . GLU B 2 5   ? -2.874  -1.370  7.287   1.00 17.26 ? 638 GLU C N   1 
ATOM   1089 C CA  . GLU B 2 5   ? -2.540  -2.560  6.507   1.00 17.54 ? 638 GLU C CA  1 
ATOM   1090 C C   . GLU B 2 5   ? -3.731  -3.504  6.387   0.98 18.52 ? 638 GLU C C   1 
ATOM   1091 O O   . GLU B 2 5   ? -3.664  -4.681  6.754   0.88 20.91 ? 638 GLU C O   1 
ATOM   1092 C CB  . GLU B 2 5   ? -1.314  -3.266  7.088   1.00 21.71 ? 638 GLU C CB  1 
ATOM   1093 C CG  . GLU B 2 5   ? -0.070  -2.378  7.064   1.00 22.46 ? 638 GLU C CG  1 
ATOM   1094 C CD  . GLU B 2 5   ? 1.169   -3.067  7.596   0.75 28.07 ? 638 GLU C CD  1 
ATOM   1095 O OE1 . GLU B 2 5   ? 1.258   -4.309  7.491   0.87 31.25 ? 638 GLU C OE1 1 
ATOM   1096 O OE2 . GLU B 2 5   ? 2.060   -2.361  8.114   0.82 29.94 ? 638 GLU C OE2 1 
ATOM   1097 N N   . GLU B 2 6   ? -4.827  -2.965  5.875   0.99 18.65 ? 639 GLU C N   1 
ATOM   1098 C CA  . GLU B 2 6   ? -6.015  -3.750  5.600   0.92 18.88 ? 639 GLU C CA  1 
ATOM   1099 C C   . GLU B 2 6   ? -6.573  -3.348  4.252   0.91 17.75 ? 639 GLU C C   1 
ATOM   1100 O O   . GLU B 2 6   ? -6.243  -2.292  3.723   0.96 15.43 ? 639 GLU C O   1 
ATOM   1101 C CB  . GLU B 2 6   ? -7.069  -3.569  6.696   1.00 24.27 ? 639 GLU C CB  1 
ATOM   1102 C CG  . GLU B 2 6   ? -6.716  -4.252  8.017   0.67 25.94 ? 639 GLU C CG  1 
ATOM   1103 C CD  . GLU B 2 6   ? -6.163  -5.660  7.841   0.35 26.37 ? 639 GLU C CD  1 
ATOM   1104 O OE1 . GLU B 2 6   ? -5.518  -6.175  8.778   0.59 30.05 ? 639 GLU C OE1 1 
ATOM   1105 O OE2 . GLU B 2 6   ? -6.365  -6.259  6.765   0.36 27.92 ? 639 GLU C OE2 1 
ATOM   1106 N N   . VAL B 2 7   ? -7.401  -4.214  3.688   1.00 17.26 ? 640 VAL C N   1 
ATOM   1107 C CA  . VAL B 2 7   ? -7.994  -3.953  2.389   0.98 17.07 ? 640 VAL C CA  1 
ATOM   1108 C C   . VAL B 2 7   ? -9.319  -3.207  2.522   0.84 18.29 ? 640 VAL C C   1 
ATOM   1109 O O   . VAL B 2 7   ? -10.007 -3.313  3.537   0.87 20.22 ? 640 VAL C O   1 
ATOM   1110 C CB  . VAL B 2 7   ? -8.222  -5.266  1.621   1.00 16.33 ? 640 VAL C CB  1 
ATOM   1111 C CG1 . VAL B 2 7   ? -6.895  -5.907  1.257   1.00 16.01 ? 640 VAL C CG1 1 
ATOM   1112 C CG2 . VAL B 2 7   ? -9.064  -6.216  2.454   1.00 16.91 ? 640 VAL C CG2 1 
ATOM   1113 N N   . ASP B 2 8   ? -9.666  -2.461  1.478   0.93 16.51 ? 641 ASP C N   1 
ATOM   1114 C CA  . ASP B 2 8   ? -10.890 -1.668  1.437   0.98 21.00 ? 641 ASP C CA  1 
ATOM   1115 C C   . ASP B 2 8   ? -11.961 -2.312  0.560   0.73 18.91 ? 641 ASP C C   1 
ATOM   1116 O O   . ASP B 2 8   ? -13.118 -1.894  0.592   0.91 21.96 ? 641 ASP C O   1 
ATOM   1117 C CB  . ASP B 2 8   ? -10.587 -0.274  0.893   0.96 19.58 ? 641 ASP C CB  1 
ATOM   1118 C CG  . ASP B 2 8   ? -9.654  0.506   1.789   0.90 21.89 ? 641 ASP C CG  1 
ATOM   1119 O OD1 . ASP B 2 8   ? -9.957  0.630   2.994   0.85 27.90 ? 641 ASP C OD1 1 
ATOM   1120 O OD2 . ASP B 2 8   ? -8.617  0.984   1.286   0.93 20.35 ? 641 ASP C OD2 1 
ATOM   1121 O OXT . ASP B 2 8   ? -11.705 -3.245  -0.210  0.98 17.70 ? 641 ASP C OXT 1 
HETATM 1122 O O   . HOH C 3 .   ? -11.975 -13.161 -15.193 1.00 12.15 ? 1   HOH B O   1 
HETATM 1123 O O   . HOH C 3 .   ? 2.033   -4.673  -10.504 1.00 15.74 ? 2   HOH B O   1 
HETATM 1124 O O   . HOH C 3 .   ? 1.273   13.739  -3.247  0.96 15.60 ? 3   HOH B O   1 
HETATM 1125 O O   . HOH C 3 .   ? -7.238  8.316   1.122   1.00 18.45 ? 4   HOH B O   1 
HETATM 1126 O O   . HOH C 3 .   ? 1.387   7.493   -10.710 0.98 15.42 ? 5   HOH B O   1 
HETATM 1127 O O   . HOH C 3 .   ? -15.430 -9.383  1.687   1.00 19.92 ? 6   HOH B O   1 
HETATM 1128 O O   . HOH C 3 .   ? -6.080  -12.147 -12.201 0.97 16.60 ? 7   HOH B O   1 
HETATM 1129 O O   . HOH C 3 .   ? 2.908   8.678   -8.829  0.98 17.34 ? 8   HOH B O   1 
HETATM 1130 O O   . HOH C 3 .   ? -1.360  14.447  -3.806  0.95 15.66 ? 9   HOH B O   1 
HETATM 1131 O O   . HOH C 3 .   ? -1.623  -18.808 -0.695  0.93 20.21 ? 10  HOH B O   1 
HETATM 1132 O O   . HOH C 3 .   ? 23.139  4.598   16.914  0.99 19.89 ? 11  HOH B O   1 
HETATM 1133 O O   . HOH C 3 .   ? 2.471   11.189  -5.147  0.98 16.39 ? 12  HOH B O   1 
HETATM 1134 O O   . HOH C 3 .   ? -3.561  11.771  -12.503 0.93 17.06 ? 13  HOH B O   1 
HETATM 1135 O O   . HOH C 3 .   ? -7.701  -16.049 -7.111  0.93 17.61 ? 14  HOH B O   1 
HETATM 1136 O O   . HOH C 3 .   ? 7.191   3.382   17.044  0.97 19.56 ? 15  HOH B O   1 
HETATM 1137 O O   . HOH C 3 .   ? 3.577   1.025   10.609  0.98 18.09 ? 16  HOH B O   1 
HETATM 1138 O O   . HOH C 3 .   ? -9.690  -0.543  -10.975 0.93 14.71 ? 17  HOH B O   1 
HETATM 1139 O O   . HOH C 3 .   ? 3.856   -4.568  -12.443 1.00 24.26 ? 18  HOH B O   1 
HETATM 1140 O O   . HOH C 3 .   ? -6.524  -12.529 8.792   0.74 28.04 ? 156 HOH B O   1 
HETATM 1141 O O   . HOH C 3 .   ? -1.113  9.995   14.344  0.82 32.30 ? 157 HOH B O   1 
HETATM 1142 O O   . HOH C 3 .   ? 1.363   3.697   -13.952 1.00 31.53 ? 158 HOH B O   1 
HETATM 1143 O O   . HOH C 3 .   ? 2.445   -9.367  -11.391 0.83 25.63 ? 159 HOH B O   1 
HETATM 1144 O O   . HOH C 3 .   ? -0.398  -6.469  8.677   0.87 33.54 ? 160 HOH B O   1 
HETATM 1145 O O   . HOH C 3 .   ? 11.848  8.658   17.588  0.81 29.32 ? 161 HOH B O   1 
HETATM 1146 O O   . HOH C 3 .   ? -10.587 9.684   2.490   0.81 31.53 ? 162 HOH B O   1 
HETATM 1147 O O   . HOH C 3 .   ? 7.238   17.984  4.960   0.85 30.51 ? 163 HOH B O   1 
HETATM 1148 O O   . HOH C 3 .   ? 4.882   1.778   -13.227 0.80 33.49 ? 164 HOH B O   1 
HETATM 1149 O O   . HOH C 3 .   ? 17.732  -1.908  8.256   0.83 32.66 ? 165 HOH B O   1 
HETATM 1150 O O   . HOH C 3 .   ? -7.425  -19.500 4.927   0.72 26.37 ? 166 HOH B O   1 
HETATM 1151 O O   . HOH C 3 .   ? -4.207  7.771   12.826  0.77 28.09 ? 167 HOH B O   1 
HETATM 1152 O O   . HOH C 3 .   ? 3.717   15.018  7.811   0.75 30.74 ? 168 HOH B O   1 
HETATM 1153 O O   . HOH C 3 .   ? -9.355  14.990  -0.007  0.80 32.29 ? 169 HOH B O   1 
HETATM 1154 O O   . HOH C 3 .   ? 10.675  14.674  3.595   0.72 28.90 ? 170 HOH B O   1 
HETATM 1155 O O   . HOH C 3 .   ? 12.034  3.565   19.455  0.82 30.22 ? 171 HOH B O   1 
HETATM 1156 O O   . HOH C 3 .   ? 23.457  5.583   3.939   0.90 31.26 ? 172 HOH B O   1 
HETATM 1157 O O   . HOH C 3 .   ? 5.448   -0.622  -14.438 0.77 36.17 ? 173 HOH B O   1 
HETATM 1158 O O   . HOH C 3 .   ? 3.833   16.026  3.219   0.72 24.49 ? 174 HOH B O   1 
HETATM 1159 O O   . HOH C 3 .   ? -10.989 -4.480  -19.217 0.98 19.89 ? 175 HOH B O   1 
HETATM 1160 O O   . HOH C 3 .   ? 7.762   4.311   -10.299 0.68 31.70 ? 176 HOH B O   1 
HETATM 1161 O O   . HOH C 3 .   ? -10.833 -15.849 -8.656  0.80 37.18 ? 177 HOH B O   1 
HETATM 1162 O O   . HOH C 3 .   ? -1.525  6.469   11.699  0.99 18.77 ? 178 HOH B O   1 
HETATM 1163 O O   . HOH C 3 .   ? 16.021  -2.344  -11.973 0.95 42.16 ? 179 HOH B O   1 
HETATM 1164 O O   . HOH C 3 .   ? 28.948  4.968   13.671  0.81 33.05 ? 180 HOH B O   1 
HETATM 1165 O O   . HOH C 3 .   ? 20.405  4.141   0.023   0.74 33.19 ? 181 HOH B O   1 
HETATM 1166 O O   . HOH C 3 .   ? -0.024  17.066  11.882  0.82 37.77 ? 182 HOH B O   1 
HETATM 1167 O O   . HOH C 3 .   ? -21.828 -9.843  -13.342 0.86 38.77 ? 183 HOH B O   1 
HETATM 1168 O O   . HOH C 3 .   ? -1.287  -4.315  10.934  0.90 25.54 ? 184 HOH B O   1 
HETATM 1169 O O   . HOH C 3 .   ? -17.862 -2.121  -12.555 0.80 34.02 ? 185 HOH B O   1 
HETATM 1170 O O   . HOH C 3 .   ? 19.472  8.188   2.722   0.85 37.97 ? 186 HOH B O   1 
HETATM 1171 O O   . HOH C 3 .   ? -0.956  15.833  14.296  0.83 36.88 ? 187 HOH B O   1 
HETATM 1172 O O   . HOH C 3 .   ? 19.242  -3.165  4.508   0.99 40.96 ? 188 HOH B O   1 
HETATM 1173 O O   . HOH C 3 .   ? 22.046  2.268   1.339   0.81 35.76 ? 189 HOH B O   1 
HETATM 1174 O O   . HOH C 3 .   ? -10.061 18.823  10.353  0.88 44.06 ? 190 HOH B O   1 
HETATM 1175 O O   . HOH C 3 .   ? 23.305  12.565  10.290  0.88 38.21 ? 191 HOH B O   1 
HETATM 1176 O O   . HOH C 3 .   ? -8.034  -19.084 10.872  0.74 34.71 ? 192 HOH B O   1 
HETATM 1177 O O   . HOH C 3 .   ? -10.926 6.666   9.722   0.61 31.88 ? 193 HOH B O   1 
HETATM 1178 O O   . HOH C 3 .   ? -6.517  -19.052 8.463   0.77 32.45 ? 194 HOH B O   1 
HETATM 1179 O O   . HOH C 3 .   ? 8.109   2.033   14.833  0.97 16.22 ? 195 HOH B O   1 
HETATM 1180 O O   . HOH C 3 .   ? -2.233  -9.916  9.547   0.77 33.68 ? 196 HOH B O   1 
HETATM 1181 O O   . HOH C 3 .   ? -18.014 -0.812  -15.034 0.88 41.57 ? 197 HOH B O   1 
HETATM 1182 O O   . HOH C 3 .   ? -21.486 -6.790  -13.605 0.94 40.23 ? 198 HOH B O   1 
HETATM 1183 O O   . HOH C 3 .   ? 28.061  -2.967  7.021   0.99 21.43 ? 199 HOH B O   1 
HETATM 1184 O O   . HOH C 3 .   ? 10.894  1.043   15.084  0.98 20.57 ? 200 HOH B O   1 
HETATM 1185 O O   . HOH C 3 .   ? 0.771   -7.124  -11.161 0.95 18.97 ? 201 HOH B O   1 
HETATM 1186 O O   . HOH C 3 .   ? 6.671   -0.291  14.760  0.93 17.80 ? 202 HOH B O   1 
HETATM 1187 O O   . HOH C 3 .   ? 1.612   17.242  2.541   0.92 20.84 ? 203 HOH B O   1 
HETATM 1188 O O   . HOH C 3 .   ? -11.539 3.636   -5.215  0.95 20.43 ? 204 HOH B O   1 
HETATM 1189 O O   . HOH C 3 .   ? -6.707  15.065  0.787   1.00 21.56 ? 205 HOH B O   1 
HETATM 1190 O O   . HOH C 3 .   ? -13.760 -9.756  3.878   1.00 22.57 ? 206 HOH B O   1 
HETATM 1191 O O   . HOH C 3 .   ? -10.827 5.562   -8.396  0.98 21.31 ? 207 HOH B O   1 
HETATM 1192 O O   . HOH C 3 .   ? 5.922   -13.925 -3.529  0.95 19.47 ? 208 HOH B O   1 
HETATM 1193 O O   . HOH C 3 .   ? -11.582 6.808   -11.939 0.93 18.35 ? 209 HOH B O   1 
HETATM 1194 O O   . HOH C 3 .   ? 15.550  8.336   -1.522  0.92 29.60 ? 210 HOH B O   1 
HETATM 1195 O O   . HOH C 3 .   ? 29.464  2.531   12.752  0.99 22.52 ? 211 HOH B O   1 
HETATM 1196 O O   . HOH C 3 .   ? 4.752   -0.561  12.706  0.92 18.42 ? 212 HOH B O   1 
HETATM 1197 O O   . HOH C 3 .   ? -6.443  5.612   1.408   0.97 22.46 ? 213 HOH B O   1 
HETATM 1198 O O   . HOH C 3 .   ? -16.161 -2.084  -6.028  1.00 22.87 ? 214 HOH B O   1 
HETATM 1199 O O   . HOH C 3 .   ? -4.223  4.030   -13.444 0.93 22.12 ? 215 HOH B O   1 
HETATM 1200 O O   . HOH C 3 .   ? -19.554 -4.033  -9.530  1.00 22.91 ? 216 HOH B O   1 
HETATM 1201 O O   . HOH C 3 .   ? -12.784 1.506   -18.289 1.00 20.84 ? 217 HOH B O   1 
HETATM 1202 O O   . HOH C 3 .   ? 28.272  6.583   6.581   0.91 22.11 ? 218 HOH B O   1 
HETATM 1203 O O   . HOH C 3 .   ? -8.625  8.870   -1.249  0.93 27.12 ? 219 HOH B O   1 
HETATM 1204 O O   . HOH C 3 .   ? -17.642 -10.887 2.146   0.93 22.26 ? 220 HOH B O   1 
HETATM 1205 O O   . HOH C 3 .   ? -2.831  -9.637  6.904   0.87 23.34 ? 221 HOH B O   1 
HETATM 1206 O O   . HOH C 3 .   ? 9.893   -7.112  -5.995  0.88 23.50 ? 222 HOH B O   1 
HETATM 1207 O O   . HOH C 3 .   ? 1.814   7.770   -13.441 0.91 21.36 ? 223 HOH B O   1 
HETATM 1208 O O   . HOH C 3 .   ? 19.520  0.133   7.138   0.96 24.15 ? 224 HOH B O   1 
HETATM 1209 O O   . HOH C 3 .   ? 0.874   1.317   15.053  0.94 19.54 ? 225 HOH B O   1 
HETATM 1210 O O   . HOH C 3 .   ? 32.561  2.311   13.108  0.94 24.27 ? 226 HOH B O   1 
HETATM 1211 O O   . HOH C 3 .   ? -3.515  -9.844  -10.332 0.93 20.55 ? 227 HOH B O   1 
HETATM 1212 O O   . HOH C 3 .   ? -19.484 -11.194 -2.018  0.91 26.77 ? 228 HOH B O   1 
HETATM 1213 O O   . HOH C 3 .   ? -0.664  -16.764 1.142   0.87 21.87 ? 229 HOH B O   1 
HETATM 1214 O O   . HOH C 3 .   ? 19.951  9.712   9.392   0.96 24.37 ? 230 HOH B O   1 
HETATM 1215 O O   . HOH C 3 .   ? 19.068  2.833   13.498  0.94 21.56 ? 231 HOH B O   1 
HETATM 1216 O O   . HOH C 3 .   ? 4.916   10.406  -4.225  0.90 19.49 ? 232 HOH B O   1 
HETATM 1217 O O   . HOH C 3 .   ? 0.484   -15.465 6.983   0.89 24.40 ? 233 HOH B O   1 
HETATM 1218 O O   . HOH C 3 .   ? -3.251  12.085  -9.866  0.98 22.20 ? 234 HOH B O   1 
HETATM 1219 O O   . HOH C 3 .   ? -9.894  9.034   -11.473 0.93 21.13 ? 235 HOH B O   1 
HETATM 1220 O O   . HOH C 3 .   ? 7.583   -1.339  -10.420 0.86 24.45 ? 236 HOH B O   1 
HETATM 1221 O O   . HOH C 3 .   ? -17.970 -12.480 -4.152  0.89 26.08 ? 237 HOH B O   1 
HETATM 1222 O O   . HOH C 3 .   ? -14.918 1.613   -16.057 0.89 22.90 ? 238 HOH B O   1 
HETATM 1223 O O   . HOH C 3 .   ? -1.946  -3.120  -13.447 0.88 24.30 ? 239 HOH B O   1 
HETATM 1224 O O   . HOH C 3 .   ? -5.458  -10.755 6.772   0.94 25.34 ? 240 HOH B O   1 
HETATM 1225 O O   . HOH C 3 .   ? -12.051 -7.819  4.661   0.85 27.06 ? 241 HOH B O   1 
HETATM 1226 O O   . HOH C 3 .   ? 0.031   -16.264 4.381   0.94 19.76 ? 242 HOH B O   1 
HETATM 1227 O O   . HOH C 3 .   ? 30.988  6.393   5.245   0.94 25.45 ? 243 HOH B O   1 
HETATM 1228 O O   . HOH C 3 .   ? 0.183   -12.637 7.320   0.90 23.70 ? 244 HOH B O   1 
HETATM 1229 O O   . HOH C 3 .   ? 26.137  -3.883  5.392   0.83 27.49 ? 245 HOH B O   1 
HETATM 1230 O O   . HOH C 3 .   ? 9.518   10.191  13.254  0.96 26.64 ? 246 HOH B O   1 
HETATM 1231 O O   . HOH C 3 .   ? 26.268  6.836   4.381   0.85 29.58 ? 247 HOH B O   1 
HETATM 1232 O O   . HOH C 3 .   ? 3.630   -14.181 -7.473  0.91 21.95 ? 248 HOH B O   1 
HETATM 1233 O O   . HOH C 3 .   ? -7.865  11.832  -10.349 0.98 25.08 ? 249 HOH B O   1 
HETATM 1234 O O   . HOH C 3 .   ? -7.405  -16.180 8.722   0.92 23.67 ? 250 HOH B O   1 
HETATM 1235 O O   . HOH C 3 .   ? 12.670  12.915  2.919   0.86 27.37 ? 251 HOH B O   1 
HETATM 1236 O O   . HOH C 3 .   ? -6.622  3.880   -2.320  0.90 22.69 ? 252 HOH B O   1 
HETATM 1237 O O   . HOH C 3 .   ? -17.223 -11.955 4.618   0.91 29.25 ? 253 HOH B O   1 
HETATM 1238 O O   . HOH C 3 .   ? -2.781  6.680   17.653  0.82 29.53 ? 254 HOH B O   1 
HETATM 1239 O O   . HOH C 3 .   ? -1.652  9.280   11.589  0.97 25.14 ? 255 HOH B O   1 
HETATM 1240 O O   . HOH C 3 .   ? 7.962   1.834   7.563   0.83 22.09 ? 256 HOH B O   1 
HETATM 1241 O O   . HOH C 3 .   ? -16.673 -1.422  -10.019 0.81 21.98 ? 257 HOH B O   1 
HETATM 1242 O O   . HOH C 3 .   ? -3.615  -19.053 4.308   0.88 23.13 ? 258 HOH B O   1 
HETATM 1243 O O   . HOH C 3 .   ? -13.060 -10.346 -14.612 0.88 22.46 ? 259 HOH B O   1 
HETATM 1244 O O   . HOH C 3 .   ? -6.407  0.761   -17.375 0.92 25.36 ? 260 HOH B O   1 
HETATM 1245 O O   . HOH C 3 .   ? -2.579  18.574  0.171   0.92 28.07 ? 261 HOH B O   1 
HETATM 1246 O O   . HOH C 3 .   ? 0.295   5.923   -17.346 0.87 26.01 ? 262 HOH B O   1 
HETATM 1247 O O   . HOH C 3 .   ? 2.361   1.377   -12.808 0.83 29.13 ? 263 HOH B O   1 
HETATM 1248 O O   . HOH C 3 .   ? -18.991 -5.144  -12.694 0.97 27.88 ? 264 HOH B O   1 
HETATM 1249 O O   . HOH C 3 .   ? 32.310  8.021   6.814   0.80 33.59 ? 265 HOH B O   1 
HETATM 1250 O O   . HOH C 3 .   ? 11.930  9.621   14.709  0.94 30.56 ? 266 HOH B O   1 
HETATM 1251 O O   . HOH C 3 .   ? -8.646  -14.756 -9.615  0.90 22.82 ? 267 HOH B O   1 
HETATM 1252 O O   . HOH C 3 .   ? 5.302   -7.000  -13.046 0.91 27.01 ? 268 HOH B O   1 
HETATM 1253 O O   . HOH C 3 .   ? -15.384 -6.577  1.697   0.99 25.84 ? 269 HOH B O   1 
HETATM 1254 O O   . HOH C 3 .   ? 5.584   0.113   8.639   0.93 25.56 ? 270 HOH B O   1 
HETATM 1255 O O   . HOH C 3 .   ? -8.505  5.610   -3.399  0.87 23.34 ? 271 HOH B O   1 
HETATM 1256 O O   . HOH C 3 .   ? 7.033   9.216   13.986  0.91 26.26 ? 272 HOH B O   1 
HETATM 1257 O O   . HOH C 3 .   ? 17.309  9.205   10.391  0.78 24.12 ? 273 HOH B O   1 
HETATM 1258 O O   . HOH C 3 .   ? 10.229  5.112   -6.664  0.91 33.48 ? 274 HOH B O   1 
HETATM 1259 O O   . HOH C 3 .   ? 4.651   17.458  5.536   0.95 30.48 ? 275 HOH B O   1 
HETATM 1260 O O   . HOH C 3 .   ? 9.024   -2.002  3.755   0.81 28.78 ? 276 HOH B O   1 
HETATM 1261 O O   . HOH C 3 .   ? 11.813  6.340   18.577  0.95 33.59 ? 277 HOH B O   1 
HETATM 1262 O O   . HOH C 3 .   ? -6.447  2.807   -14.588 0.83 23.99 ? 278 HOH B O   1 
HETATM 1263 O O   . HOH C 3 .   ? -14.011 2.187   -4.103  0.89 30.04 ? 279 HOH B O   1 
HETATM 1264 O O   . HOH C 3 .   ? -14.702 -0.495  -3.871  0.86 29.10 ? 280 HOH B O   1 
HETATM 1265 O O   . HOH C 3 .   ? 26.181  11.502  10.525  1.00 34.16 ? 281 HOH B O   1 
HETATM 1266 O O   . HOH C 3 .   ? 6.451   1.034   -11.303 0.91 30.77 ? 282 HOH B O   1 
HETATM 1267 O O   . HOH C 3 .   ? 8.125   15.976  3.368   0.88 29.08 ? 283 HOH B O   1 
HETATM 1268 O O   . HOH C 3 .   ? 26.477  -1.585  11.509  0.90 36.55 ? 284 HOH B O   1 
HETATM 1269 O O   . HOH C 3 .   ? -2.637  17.795  6.971   0.79 28.77 ? 285 HOH B O   1 
HETATM 1270 O O   . HOH C 3 .   ? -22.110 -4.470  -8.563  0.91 37.43 ? 286 HOH B O   1 
HETATM 1271 O O   . HOH C 3 .   ? -2.312  11.403  10.128  0.78 23.22 ? 287 HOH B O   1 
HETATM 1272 O O   . HOH C 3 .   ? 17.866  0.401   14.234  0.86 22.48 ? 288 HOH B O   1 
HETATM 1273 O O   . HOH C 3 .   ? 0.946   -10.928 -10.084 0.85 23.77 ? 289 HOH B O   1 
HETATM 1274 O O   . HOH C 3 .   ? 26.143  11.771  13.630  0.94 32.14 ? 290 HOH B O   1 
HETATM 1275 O O   . HOH C 3 .   ? 34.453  5.634   10.853  0.77 30.20 ? 291 HOH B O   1 
HETATM 1276 O O   . HOH C 3 .   ? 25.705  -0.047  -0.839  0.83 32.58 ? 292 HOH B O   1 
HETATM 1277 O O   . HOH C 3 .   ? 5.681   13.640  8.570   0.87 27.27 ? 293 HOH B O   1 
HETATM 1278 O O   . HOH C 3 .   ? -0.168  3.671   -18.635 0.85 33.61 ? 294 HOH B O   1 
HETATM 1279 O O   . HOH C 3 .   ? 20.817  -0.891  4.962   0.76 29.55 ? 295 HOH B O   1 
HETATM 1280 O O   . HOH C 3 .   ? 3.272   -13.103 4.027   0.85 22.67 ? 296 HOH B O   1 
HETATM 1281 O O   . HOH C 3 .   ? 10.803  2.610   -9.357  0.92 42.90 ? 297 HOH B O   1 
HETATM 1282 O O   . HOH C 3 .   ? -2.171  2.334   17.001  0.80 27.54 ? 298 HOH B O   1 
HETATM 1283 O O   . HOH C 3 .   ? 11.314  11.290  -5.431  0.83 30.23 ? 299 HOH B O   1 
HETATM 1284 O O   . HOH C 3 .   ? -1.768  4.785   -14.178 0.79 29.71 ? 300 HOH B O   1 
HETATM 1285 O O   . HOH C 3 .   ? -22.664 -6.973  -7.449  0.90 31.17 ? 301 HOH B O   1 
HETATM 1286 O O   . HOH C 3 .   ? 9.359   -8.912  -8.029  0.83 26.88 ? 302 HOH B O   1 
HETATM 1287 O O   . HOH C 3 .   ? 17.881  -1.137  10.831  0.79 31.15 ? 303 HOH B O   1 
HETATM 1288 O O   . HOH C 3 .   ? 15.522  -4.664  6.179   0.94 28.91 ? 304 HOH B O   1 
HETATM 1289 O O   . HOH C 3 .   ? 17.823  8.408   0.558   0.81 31.51 ? 305 HOH B O   1 
HETATM 1290 O O   . HOH C 3 .   ? -10.227 11.747  -0.658  0.91 35.77 ? 306 HOH B O   1 
HETATM 1291 O O   . HOH C 3 .   ? 7.225   -6.460  0.899   0.72 27.84 ? 307 HOH B O   1 
HETATM 1292 O O   . HOH C 3 .   ? -0.353  -19.607 -3.989  0.89 31.01 ? 308 HOH B O   1 
HETATM 1293 O O   . HOH C 3 .   ? -11.079 8.376   -8.229  0.72 30.16 ? 309 HOH B O   1 
HETATM 1294 O O   . HOH C 3 .   ? 33.327  3.752   15.273  0.89 43.81 ? 310 HOH B O   1 
HETATM 1295 O O   . HOH C 3 .   ? 16.548  -3.795  2.697   0.98 39.88 ? 311 HOH B O   1 
HETATM 1296 O O   . HOH C 3 .   ? -10.358 6.484   2.501   0.88 32.87 ? 312 HOH B O   1 
HETATM 1297 O O   . HOH C 3 .   ? -0.766  8.259   16.768  0.82 27.73 ? 313 HOH B O   1 
HETATM 1298 O O   . HOH C 3 .   ? 3.868   -2.795  -14.441 0.84 27.71 ? 314 HOH B O   1 
HETATM 1299 O O   . HOH C 3 .   ? 28.082  0.220   13.606  0.71 32.89 ? 315 HOH B O   1 
HETATM 1300 O O   . HOH C 3 .   ? 9.827   -7.303  0.471   0.78 26.65 ? 316 HOH B O   1 
HETATM 1301 O O   . HOH C 3 .   ? -8.280  4.884   3.342   0.91 36.46 ? 317 HOH B O   1 
HETATM 1302 O O   . HOH C 3 .   ? 5.308   11.051  13.118  0.80 31.70 ? 318 HOH B O   1 
HETATM 1303 O O   . HOH C 3 .   ? -4.478  0.938   -14.799 0.77 29.67 ? 319 HOH B O   1 
HETATM 1304 O O   . HOH C 3 .   ? -0.408  12.090  -6.201  0.77 22.35 ? 320 HOH B O   1 
HETATM 1305 O O   . HOH C 3 .   ? -9.087  12.059  -5.864  0.87 28.21 ? 321 HOH B O   1 
HETATM 1306 O O   . HOH C 3 .   ? -9.501  3.089   9.568   0.77 31.50 ? 322 HOH B O   1 
HETATM 1307 O O   . HOH D 3 .   ? -8.422  -6.269  5.692   0.91 26.83 ? 53  HOH C O   1 
HETATM 1308 O O   . HOH D 3 .   ? 1.411   -0.502  9.934   0.96 22.12 ? 58  HOH C O   1 
HETATM 1309 O O   . HOH D 3 .   ? -7.367  -8.480  7.425   0.98 31.79 ? 75  HOH C O   1 
HETATM 1310 O O   . HOH D 3 .   ? -7.041  -1.880  15.169  0.91 33.65 ? 82  HOH C O   1 
HETATM 1311 O O   . HOH D 3 .   ? -8.050  3.512   0.343   0.90 23.56 ? 111 HOH C O   1 
HETATM 1312 O O   . HOH D 3 .   ? -2.396  -7.012  6.853   0.97 28.16 ? 112 HOH C O   1 
HETATM 1313 O O   . HOH D 3 .   ? 3.276   -4.081  10.181  0.91 27.71 ? 130 HOH C O   1 
HETATM 1314 O O   . HOH D 3 .   ? -5.752  1.671   15.576  0.79 32.75 ? 152 HOH C O   1 
HETATM 1315 O O   . HOH D 3 .   ? -7.787  0.304   6.805   0.74 26.00 ? 178 HOH C O   1 
HETATM 1316 O O   . HOH D 3 .   ? -6.752  -0.238  -0.340  0.94 18.35 ? 184 HOH C O   1 
HETATM 1317 O O   . HOH D 3 .   ? -11.052 -1.062  5.332   0.81 34.08 ? 195 HOH C O   1 
HETATM 1318 O O   . HOH D 3 .   ? 4.766   -4.333  4.929   0.96 44.22 ? 642 HOH C O   1 
# 
loop_
_pdbx_poly_seq_scheme.asym_id 
_pdbx_poly_seq_scheme.entity_id 
_pdbx_poly_seq_scheme.seq_id 
_pdbx_poly_seq_scheme.mon_id 
_pdbx_poly_seq_scheme.ndb_seq_num 
_pdbx_poly_seq_scheme.pdb_seq_num 
_pdbx_poly_seq_scheme.auth_seq_num 
_pdbx_poly_seq_scheme.pdb_mon_id 
_pdbx_poly_seq_scheme.auth_mon_id 
_pdbx_poly_seq_scheme.pdb_strand_id 
_pdbx_poly_seq_scheme.pdb_ins_code 
_pdbx_poly_seq_scheme.hetero 
A 1 1   GLY 1   19  ?   ?   ?   B . n 
A 1 2   PRO 2   20  ?   ?   ?   B . n 
A 1 3   HIS 3   21  ?   ?   ?   B . n 
A 1 4   MET 4   22  ?   ?   ?   B . n 
A 1 5   LYS 5   23  ?   ?   ?   B . n 
A 1 6   SER 6   24  24  SER SER B . n 
A 1 7   PRO 7   25  25  PRO PRO B . n 
A 1 8   SER 8   26  26  SER SER B . n 
A 1 9   ALA 9   27  27  ALA ALA B . n 
A 1 10  GLN 10  28  28  GLN GLN B . n 
A 1 11  GLU 11  29  29  GLU GLU B . n 
A 1 12  LEU 12  30  30  LEU LEU B . n 
A 1 13  LYS 13  31  31  LYS LYS B . n 
A 1 14  GLU 14  32  32  GLU GLU B . n 
A 1 15  GLN 15  33  33  GLN GLN B . n 
A 1 16  GLY 16  34  34  GLY GLY B . n 
A 1 17  ASN 17  35  35  ASN ASN B . n 
A 1 18  ARG 18  36  36  ARG ARG B . n 
A 1 19  LEU 19  37  37  LEU LEU B . n 
A 1 20  PHE 20  38  38  PHE PHE B . n 
A 1 21  VAL 21  39  39  VAL VAL B . n 
A 1 22  GLY 22  40  40  GLY GLY B . n 
A 1 23  ARG 23  41  41  ARG ARG B . n 
A 1 24  LYS 24  42  42  LYS LYS B . n 
A 1 25  TYR 25  43  43  TYR TYR B . n 
A 1 26  PRO 26  44  44  PRO PRO B . n 
A 1 27  GLU 27  45  45  GLU GLU B . n 
A 1 28  ALA 28  46  46  ALA ALA B . n 
A 1 29  ALA 29  47  47  ALA ALA B . n 
A 1 30  ALA 30  48  48  ALA ALA B . n 
A 1 31  CYS 31  49  49  CYS CYS B . n 
A 1 32  TYR 32  50  50  TYR TYR B . n 
A 1 33  GLY 33  51  51  GLY GLY B . n 
A 1 34  ARG 34  52  52  ARG ARG B . n 
A 1 35  ALA 35  53  53  ALA ALA B . n 
A 1 36  ILE 36  54  54  ILE ILE B . n 
A 1 37  THR 37  55  55  THR THR B . n 
A 1 38  ARG 38  56  56  ARG ARG B . n 
A 1 39  ASN 39  57  57  ASN ASN B . n 
A 1 40  PRO 40  58  58  PRO PRO B . n 
A 1 41  LEU 41  59  59  LEU LEU B . n 
A 1 42  VAL 42  60  60  VAL VAL B . n 
A 1 43  ALA 43  61  61  ALA ALA B . n 
A 1 44  VAL 44  62  62  VAL VAL B . n 
A 1 45  TYR 45  63  63  TYR TYR B . n 
A 1 46  TYR 46  64  64  TYR TYR B . n 
A 1 47  THR 47  65  65  THR THR B . n 
A 1 48  ASN 48  66  66  ASN ASN B . n 
A 1 49  ARG 49  67  67  ARG ARG B . n 
A 1 50  ALA 50  68  68  ALA ALA B . n 
A 1 51  LEU 51  69  69  LEU LEU B . n 
A 1 52  CYS 52  70  70  CYS CYS B . n 
A 1 53  TYR 53  71  71  TYR TYR B . n 
A 1 54  LEU 54  72  72  LEU LEU B . n 
A 1 55  LYS 55  73  73  LYS LYS B . n 
A 1 56  MET 56  74  74  MET MET B . n 
A 1 57  GLN 57  75  75  GLN GLN B . n 
A 1 58  GLN 58  76  76  GLN GLN B . n 
A 1 59  PRO 59  77  77  PRO PRO B . n 
A 1 60  GLU 60  78  78  GLU GLU B . n 
A 1 61  GLN 61  79  79  GLN GLN B . n 
A 1 62  ALA 62  80  80  ALA ALA B . n 
A 1 63  LEU 63  81  81  LEU LEU B . n 
A 1 64  ALA 64  82  82  ALA ALA B . n 
A 1 65  ASP 65  83  83  ASP ASP B . n 
A 1 66  CYS 66  84  84  CYS CYS B . n 
A 1 67  ARG 67  85  85  ARG ARG B . n 
A 1 68  ARG 68  86  86  ARG ARG B . n 
A 1 69  ALA 69  87  87  ALA ALA B . n 
A 1 70  LEU 70  88  88  LEU LEU B . n 
A 1 71  GLU 71  89  89  GLU GLU B . n 
A 1 72  LEU 72  90  90  LEU LEU B . n 
A 1 73  ASP 73  91  91  ASP ASP B . n 
A 1 74  GLY 74  92  92  GLY GLY B . n 
A 1 75  GLN 75  93  93  GLN GLN B . n 
A 1 76  SER 76  94  94  SER SER B . n 
A 1 77  VAL 77  95  95  VAL VAL B . n 
A 1 78  LYS 78  96  96  LYS LYS B . n 
A 1 79  ALA 79  97  97  ALA ALA B . n 
A 1 80  HIS 80  98  98  HIS HIS B . n 
A 1 81  PHE 81  99  99  PHE PHE B . n 
A 1 82  PHE 82  100 100 PHE PHE B . n 
A 1 83  LEU 83  101 101 LEU LEU B . n 
A 1 84  GLY 84  102 102 GLY GLY B . n 
A 1 85  GLN 85  103 103 GLN GLN B . n 
A 1 86  CYS 86  104 104 CYS CYS B . n 
A 1 87  GLN 87  105 105 GLN GLN B . n 
A 1 88  LEU 88  106 106 LEU LEU B . n 
A 1 89  GLU 89  107 107 GLU GLU B . n 
A 1 90  MET 90  108 108 MET MET B . n 
A 1 91  GLU 91  109 109 GLU GLU B . n 
A 1 92  SER 92  110 110 SER SER B . n 
A 1 93  TYR 93  111 111 TYR TYR B . n 
A 1 94  ASP 94  112 112 ASP ASP B . n 
A 1 95  GLU 95  113 113 GLU GLU B . n 
A 1 96  ALA 96  114 114 ALA ALA B . n 
A 1 97  ILE 97  115 115 ILE ILE B . n 
A 1 98  ALA 98  116 116 ALA ALA B . n 
A 1 99  ASN 99  117 117 ASN ASN B . n 
A 1 100 LEU 100 118 118 LEU LEU B . n 
A 1 101 GLN 101 119 119 GLN GLN B . n 
A 1 102 ARG 102 120 120 ARG ARG B . n 
A 1 103 ALA 103 121 121 ALA ALA B . n 
A 1 104 TYR 104 122 122 TYR TYR B . n 
A 1 105 SER 105 123 123 SER SER B . n 
A 1 106 LEU 106 124 124 LEU LEU B . n 
A 1 107 ALA 107 125 125 ALA ALA B . n 
A 1 108 LYS 108 126 126 LYS LYS B . n 
A 1 109 GLU 109 127 127 GLU GLU B . n 
A 1 110 GLN 110 128 128 GLN GLN B . n 
A 1 111 ARG 111 129 129 ARG ARG B . n 
A 1 112 LEU 112 130 130 LEU LEU B . n 
A 1 113 ASN 113 131 131 ASN ASN B . n 
A 1 114 PHE 114 132 132 PHE PHE B . n 
A 1 115 GLY 115 133 133 GLY GLY B . n 
A 1 116 ASP 116 134 134 ASP ASP B . n 
A 1 117 ASP 117 135 135 ASP ASP B . n 
A 1 118 ILE 118 136 136 ILE ILE B . n 
A 1 119 PRO 119 137 137 PRO PRO B . n 
A 1 120 SER 120 138 138 SER SER B . n 
A 1 121 ALA 121 139 139 ALA ALA B . n 
A 1 122 LEU 122 140 140 LEU LEU B . n 
A 1 123 ARG 123 141 141 ARG ARG B . n 
A 1 124 ILE 124 142 142 ILE ILE B . n 
A 1 125 ALA 125 143 143 ALA ALA B . n 
A 1 126 LYS 126 144 144 LYS LYS B . n 
A 1 127 LYS 127 145 145 LYS LYS B . n 
A 1 128 LYS 128 146 146 LYS LYS B . n 
A 1 129 ARG 129 147 147 ARG ARG B . n 
A 1 130 TRP 130 148 148 TRP TRP B . n 
A 1 131 ASN 131 149 149 ASN ASN B . n 
A 1 132 SER 132 150 150 SER SER B . n 
A 1 133 ILE 133 151 151 ILE ILE B . n 
A 1 134 GLU 134 152 152 GLU GLU B . n 
A 1 135 GLU 135 153 153 GLU GLU B . n 
A 1 136 ARG 136 154 154 ARG ARG B . n 
A 1 137 ARG 137 155 155 ARG ARG B . n 
B 2 1   GLY 1   634 ?   ?   ?   C . n 
B 2 2   PRO 2   635 635 PRO PRO C . n 
B 2 3   THR 3   636 636 THR THR C . n 
B 2 4   ILE 4   637 637 ILE ILE C . n 
B 2 5   GLU 5   638 638 GLU GLU C . n 
B 2 6   GLU 6   639 639 GLU GLU C . n 
B 2 7   VAL 7   640 640 VAL VAL C . n 
B 2 8   ASP 8   641 641 ASP ASP C . n 
# 
loop_
_pdbx_nonpoly_scheme.asym_id 
_pdbx_nonpoly_scheme.entity_id 
_pdbx_nonpoly_scheme.mon_id 
_pdbx_nonpoly_scheme.ndb_seq_num 
_pdbx_nonpoly_scheme.pdb_seq_num 
_pdbx_nonpoly_scheme.auth_seq_num 
_pdbx_nonpoly_scheme.pdb_mon_id 
_pdbx_nonpoly_scheme.auth_mon_id 
_pdbx_nonpoly_scheme.pdb_strand_id 
_pdbx_nonpoly_scheme.pdb_ins_code 
C 3 HOH 1   1   1   HOH HOH B . 
C 3 HOH 2   2   2   HOH HOH B . 
C 3 HOH 3   3   3   HOH HOH B . 
C 3 HOH 4   4   4   HOH HOH B . 
C 3 HOH 5   5   5   HOH HOH B . 
C 3 HOH 6   6   6   HOH HOH B . 
C 3 HOH 7   7   7   HOH HOH B . 
C 3 HOH 8   8   8   HOH HOH B . 
C 3 HOH 9   9   9   HOH HOH B . 
C 3 HOH 10  10  10  HOH HOH B . 
C 3 HOH 11  11  11  HOH HOH B . 
C 3 HOH 12  12  12  HOH HOH B . 
C 3 HOH 13  13  13  HOH HOH B . 
C 3 HOH 14  14  14  HOH HOH B . 
C 3 HOH 15  15  15  HOH HOH B . 
C 3 HOH 16  16  16  HOH HOH B . 
C 3 HOH 17  17  17  HOH HOH B . 
C 3 HOH 18  18  18  HOH HOH B . 
C 3 HOH 19  156 156 HOH HOH B . 
C 3 HOH 20  157 157 HOH HOH B . 
C 3 HOH 21  158 158 HOH HOH B . 
C 3 HOH 22  159 159 HOH HOH B . 
C 3 HOH 23  160 160 HOH HOH B . 
C 3 HOH 24  161 161 HOH HOH B . 
C 3 HOH 25  162 162 HOH HOH B . 
C 3 HOH 26  163 163 HOH HOH B . 
C 3 HOH 27  164 164 HOH HOH B . 
C 3 HOH 28  165 165 HOH HOH B . 
C 3 HOH 29  166 166 HOH HOH B . 
C 3 HOH 30  167 167 HOH HOH B . 
C 3 HOH 31  168 168 HOH HOH B . 
C 3 HOH 32  169 169 HOH HOH B . 
C 3 HOH 33  170 170 HOH HOH B . 
C 3 HOH 34  171 171 HOH HOH B . 
C 3 HOH 35  172 172 HOH HOH B . 
C 3 HOH 36  173 173 HOH HOH B . 
C 3 HOH 37  174 174 HOH HOH B . 
C 3 HOH 38  175 19  HOH HOH B . 
C 3 HOH 39  176 176 HOH HOH B . 
C 3 HOH 40  177 177 HOH HOH B . 
C 3 HOH 41  178 20  HOH HOH B . 
C 3 HOH 42  179 179 HOH HOH B . 
C 3 HOH 43  180 180 HOH HOH B . 
C 3 HOH 44  181 181 HOH HOH B . 
C 3 HOH 45  182 182 HOH HOH B . 
C 3 HOH 46  183 183 HOH HOH B . 
C 3 HOH 47  184 71  HOH HOH B . 
C 3 HOH 48  185 185 HOH HOH B . 
C 3 HOH 49  186 186 HOH HOH B . 
C 3 HOH 50  187 187 HOH HOH B . 
C 3 HOH 51  188 188 HOH HOH B . 
C 3 HOH 52  189 189 HOH HOH B . 
C 3 HOH 53  190 190 HOH HOH B . 
C 3 HOH 54  191 191 HOH HOH B . 
C 3 HOH 55  192 192 HOH HOH B . 
C 3 HOH 56  193 193 HOH HOH B . 
C 3 HOH 57  194 194 HOH HOH B . 
C 3 HOH 58  195 22  HOH HOH B . 
C 3 HOH 59  196 196 HOH HOH B . 
C 3 HOH 60  197 197 HOH HOH B . 
C 3 HOH 61  198 198 HOH HOH B . 
C 3 HOH 62  199 23  HOH HOH B . 
C 3 HOH 63  200 24  HOH HOH B . 
C 3 HOH 64  201 25  HOH HOH B . 
C 3 HOH 65  202 26  HOH HOH B . 
C 3 HOH 66  203 27  HOH HOH B . 
C 3 HOH 67  204 28  HOH HOH B . 
C 3 HOH 68  205 29  HOH HOH B . 
C 3 HOH 69  206 30  HOH HOH B . 
C 3 HOH 70  207 31  HOH HOH B . 
C 3 HOH 71  208 32  HOH HOH B . 
C 3 HOH 72  209 33  HOH HOH B . 
C 3 HOH 73  210 34  HOH HOH B . 
C 3 HOH 74  211 35  HOH HOH B . 
C 3 HOH 75  212 36  HOH HOH B . 
C 3 HOH 76  213 37  HOH HOH B . 
C 3 HOH 77  214 38  HOH HOH B . 
C 3 HOH 78  215 39  HOH HOH B . 
C 3 HOH 79  216 40  HOH HOH B . 
C 3 HOH 80  217 41  HOH HOH B . 
C 3 HOH 81  218 42  HOH HOH B . 
C 3 HOH 82  219 43  HOH HOH B . 
C 3 HOH 83  220 44  HOH HOH B . 
C 3 HOH 84  221 45  HOH HOH B . 
C 3 HOH 85  222 46  HOH HOH B . 
C 3 HOH 86  223 47  HOH HOH B . 
C 3 HOH 87  224 48  HOH HOH B . 
C 3 HOH 88  225 49  HOH HOH B . 
C 3 HOH 89  226 50  HOH HOH B . 
C 3 HOH 90  227 51  HOH HOH B . 
C 3 HOH 91  228 52  HOH HOH B . 
C 3 HOH 92  229 54  HOH HOH B . 
C 3 HOH 93  230 55  HOH HOH B . 
C 3 HOH 94  231 56  HOH HOH B . 
C 3 HOH 95  232 57  HOH HOH B . 
C 3 HOH 96  233 59  HOH HOH B . 
C 3 HOH 97  234 60  HOH HOH B . 
C 3 HOH 98  235 61  HOH HOH B . 
C 3 HOH 99  236 62  HOH HOH B . 
C 3 HOH 100 237 63  HOH HOH B . 
C 3 HOH 101 238 64  HOH HOH B . 
C 3 HOH 102 239 65  HOH HOH B . 
C 3 HOH 103 240 66  HOH HOH B . 
C 3 HOH 104 241 67  HOH HOH B . 
C 3 HOH 105 242 68  HOH HOH B . 
C 3 HOH 106 243 69  HOH HOH B . 
C 3 HOH 107 244 70  HOH HOH B . 
C 3 HOH 108 245 72  HOH HOH B . 
C 3 HOH 109 246 73  HOH HOH B . 
C 3 HOH 110 247 74  HOH HOH B . 
C 3 HOH 111 248 76  HOH HOH B . 
C 3 HOH 112 249 77  HOH HOH B . 
C 3 HOH 113 250 78  HOH HOH B . 
C 3 HOH 114 251 79  HOH HOH B . 
C 3 HOH 115 252 80  HOH HOH B . 
C 3 HOH 116 253 81  HOH HOH B . 
C 3 HOH 117 254 83  HOH HOH B . 
C 3 HOH 118 255 84  HOH HOH B . 
C 3 HOH 119 256 85  HOH HOH B . 
C 3 HOH 120 257 86  HOH HOH B . 
C 3 HOH 121 258 87  HOH HOH B . 
C 3 HOH 122 259 88  HOH HOH B . 
C 3 HOH 123 260 89  HOH HOH B . 
C 3 HOH 124 261 90  HOH HOH B . 
C 3 HOH 125 262 91  HOH HOH B . 
C 3 HOH 126 263 92  HOH HOH B . 
C 3 HOH 127 264 93  HOH HOH B . 
C 3 HOH 128 265 94  HOH HOH B . 
C 3 HOH 129 266 95  HOH HOH B . 
C 3 HOH 130 267 96  HOH HOH B . 
C 3 HOH 131 268 97  HOH HOH B . 
C 3 HOH 132 269 98  HOH HOH B . 
C 3 HOH 133 270 99  HOH HOH B . 
C 3 HOH 134 271 100 HOH HOH B . 
C 3 HOH 135 272 101 HOH HOH B . 
C 3 HOH 136 273 102 HOH HOH B . 
C 3 HOH 137 274 103 HOH HOH B . 
C 3 HOH 138 275 104 HOH HOH B . 
C 3 HOH 139 276 105 HOH HOH B . 
C 3 HOH 140 277 106 HOH HOH B . 
C 3 HOH 141 278 107 HOH HOH B . 
C 3 HOH 142 279 108 HOH HOH B . 
C 3 HOH 143 280 109 HOH HOH B . 
C 3 HOH 144 281 110 HOH HOH B . 
C 3 HOH 145 282 113 HOH HOH B . 
C 3 HOH 146 283 114 HOH HOH B . 
C 3 HOH 147 284 115 HOH HOH B . 
C 3 HOH 148 285 116 HOH HOH B . 
C 3 HOH 149 286 117 HOH HOH B . 
C 3 HOH 150 287 118 HOH HOH B . 
C 3 HOH 151 288 119 HOH HOH B . 
C 3 HOH 152 289 120 HOH HOH B . 
C 3 HOH 153 290 121 HOH HOH B . 
C 3 HOH 154 291 122 HOH HOH B . 
C 3 HOH 155 292 123 HOH HOH B . 
C 3 HOH 156 293 124 HOH HOH B . 
C 3 HOH 157 294 125 HOH HOH B . 
C 3 HOH 158 295 126 HOH HOH B . 
C 3 HOH 159 296 127 HOH HOH B . 
C 3 HOH 160 297 128 HOH HOH B . 
C 3 HOH 161 298 129 HOH HOH B . 
C 3 HOH 162 299 131 HOH HOH B . 
C 3 HOH 163 300 132 HOH HOH B . 
C 3 HOH 164 301 133 HOH HOH B . 
C 3 HOH 165 302 134 HOH HOH B . 
C 3 HOH 166 303 135 HOH HOH B . 
C 3 HOH 167 304 136 HOH HOH B . 
C 3 HOH 168 305 137 HOH HOH B . 
C 3 HOH 169 306 138 HOH HOH B . 
C 3 HOH 170 307 139 HOH HOH B . 
C 3 HOH 171 308 140 HOH HOH B . 
C 3 HOH 172 309 141 HOH HOH B . 
C 3 HOH 173 310 142 HOH HOH B . 
C 3 HOH 174 311 143 HOH HOH B . 
C 3 HOH 175 312 144 HOH HOH B . 
C 3 HOH 176 313 145 HOH HOH B . 
C 3 HOH 177 314 146 HOH HOH B . 
C 3 HOH 178 315 147 HOH HOH B . 
C 3 HOH 179 316 148 HOH HOH B . 
C 3 HOH 180 317 149 HOH HOH B . 
C 3 HOH 181 318 150 HOH HOH B . 
C 3 HOH 182 319 151 HOH HOH B . 
C 3 HOH 183 320 153 HOH HOH B . 
C 3 HOH 184 321 154 HOH HOH B . 
C 3 HOH 185 322 155 HOH HOH B . 
D 3 HOH 1   53  53  HOH HOH C . 
D 3 HOH 2   58  58  HOH HOH C . 
D 3 HOH 3   75  75  HOH HOH C . 
D 3 HOH 4   82  82  HOH HOH C . 
D 3 HOH 5   111 111 HOH HOH C . 
D 3 HOH 6   112 112 HOH HOH C . 
D 3 HOH 7   130 130 HOH HOH C . 
D 3 HOH 8   152 152 HOH HOH C . 
D 3 HOH 9   178 178 HOH HOH C . 
D 3 HOH 10  184 21  HOH HOH C . 
D 3 HOH 11  195 195 HOH HOH C . 
D 3 HOH 12  642 184 HOH HOH C . 
# 
_pdbx_struct_assembly.id                   1 
_pdbx_struct_assembly.details              author_and_software_defined_assembly 
_pdbx_struct_assembly.method_details       PISA 
_pdbx_struct_assembly.oligomeric_details   dimeric 
_pdbx_struct_assembly.oligomeric_count     2 
# 
_pdbx_struct_assembly_gen.assembly_id       1 
_pdbx_struct_assembly_gen.oper_expression   1 
_pdbx_struct_assembly_gen.asym_id_list      A,B,C,D 
# 
loop_
_pdbx_struct_assembly_prop.biol_id 
_pdbx_struct_assembly_prop.type 
_pdbx_struct_assembly_prop.value 
_pdbx_struct_assembly_prop.details 
1 'ABSA (A^2)' 1090 ? 
1 MORE         -5   ? 
1 'SSA (A^2)'  7910 ? 
# 
_pdbx_struct_oper_list.id                   1 
_pdbx_struct_oper_list.type                 'identity operation' 
_pdbx_struct_oper_list.name                 1_555 
_pdbx_struct_oper_list.symmetry_operation   x,y,z 
_pdbx_struct_oper_list.matrix[1][1]         1.0000000000 
_pdbx_struct_oper_list.matrix[1][2]         0.0000000000 
_pdbx_struct_oper_list.matrix[1][3]         0.0000000000 
_pdbx_struct_oper_list.vector[1]            0.0000000000 
_pdbx_struct_oper_list.matrix[2][1]         0.0000000000 
_pdbx_struct_oper_list.matrix[2][2]         1.0000000000 
_pdbx_struct_oper_list.matrix[2][3]         0.0000000000 
_pdbx_struct_oper_list.vector[2]            0.0000000000 
_pdbx_struct_oper_list.matrix[3][1]         0.0000000000 
_pdbx_struct_oper_list.matrix[3][2]         0.0000000000 
_pdbx_struct_oper_list.matrix[3][3]         1.0000000000 
_pdbx_struct_oper_list.vector[3]            0.0000000000 
# 
loop_
_pdbx_audit_revision_history.ordinal 
_pdbx_audit_revision_history.data_content_type 
_pdbx_audit_revision_history.major_revision 
_pdbx_audit_revision_history.minor_revision 
_pdbx_audit_revision_history.revision_date 
1 'Structure model' 1 0 2011-03-16 
2 'Structure model' 1 1 2011-07-13 
3 'Structure model' 1 2 2023-11-01 
# 
_pdbx_audit_revision_details.ordinal             1 
_pdbx_audit_revision_details.revision_ordinal    1 
_pdbx_audit_revision_details.data_content_type   'Structure model' 
_pdbx_audit_revision_details.provider            repository 
_pdbx_audit_revision_details.type                'Initial release' 
_pdbx_audit_revision_details.description         ? 
_pdbx_audit_revision_details.details             ? 
# 
loop_
_pdbx_audit_revision_group.ordinal 
_pdbx_audit_revision_group.revision_ordinal 
_pdbx_audit_revision_group.data_content_type 
_pdbx_audit_revision_group.group 
1 2 'Structure model' 'Version format compliance' 
2 3 'Structure model' 'Data collection'           
3 3 'Structure model' 'Database references'       
4 3 'Structure model' 'Refinement description'    
# 
loop_
_pdbx_audit_revision_category.ordinal 
_pdbx_audit_revision_category.revision_ordinal 
_pdbx_audit_revision_category.data_content_type 
_pdbx_audit_revision_category.category 
1 3 'Structure model' chem_comp_atom                
2 3 'Structure model' chem_comp_bond                
3 3 'Structure model' database_2                    
4 3 'Structure model' pdbx_initial_refinement_model 
5 3 'Structure model' struct_ref_seq_dif            
# 
loop_
_pdbx_audit_revision_item.ordinal 
_pdbx_audit_revision_item.revision_ordinal 
_pdbx_audit_revision_item.data_content_type 
_pdbx_audit_revision_item.item 
1 3 'Structure model' '_database_2.pdbx_DOI'                
2 3 'Structure model' '_database_2.pdbx_database_accession' 
3 3 'Structure model' '_struct_ref_seq_dif.details'         
# 
loop_
_software.name 
_software.classification 
_software.version 
_software.citation_id 
_software.pdbx_ordinal 
MAR345dtb 'data collection' .                 ? 1 
PHASER    phasing           .                 ? 2 
PHENIX    refinement        '(phenix.refine)' ? 3 
HKL-2000  'data reduction'  .                 ? 4 
HKL-2000  'data scaling'    .                 ? 5 
# 
_pdbx_validate_torsion.id              1 
_pdbx_validate_torsion.PDB_model_num   1 
_pdbx_validate_torsion.auth_comp_id    SER 
_pdbx_validate_torsion.auth_asym_id    B 
_pdbx_validate_torsion.auth_seq_id     110 
_pdbx_validate_torsion.PDB_ins_code    ? 
_pdbx_validate_torsion.label_alt_id    ? 
_pdbx_validate_torsion.phi             -103.36 
_pdbx_validate_torsion.psi             78.80 
# 
loop_
_pdbx_unobs_or_zero_occ_residues.id 
_pdbx_unobs_or_zero_occ_residues.PDB_model_num 
_pdbx_unobs_or_zero_occ_residues.polymer_flag 
_pdbx_unobs_or_zero_occ_residues.occupancy_flag 
_pdbx_unobs_or_zero_occ_residues.auth_asym_id 
_pdbx_unobs_or_zero_occ_residues.auth_comp_id 
_pdbx_unobs_or_zero_occ_residues.auth_seq_id 
_pdbx_unobs_or_zero_occ_residues.PDB_ins_code 
_pdbx_unobs_or_zero_occ_residues.label_asym_id 
_pdbx_unobs_or_zero_occ_residues.label_comp_id 
_pdbx_unobs_or_zero_occ_residues.label_seq_id 
1 1 Y 1 B GLY 19  ? A GLY 1 
2 1 Y 1 B PRO 20  ? A PRO 2 
3 1 Y 1 B HIS 21  ? A HIS 3 
4 1 Y 1 B MET 22  ? A MET 4 
5 1 Y 1 B LYS 23  ? A LYS 5 
6 1 Y 1 C GLY 634 ? B GLY 1 
# 
loop_
_chem_comp_atom.comp_id 
_chem_comp_atom.atom_id 
_chem_comp_atom.type_symbol 
_chem_comp_atom.pdbx_aromatic_flag 
_chem_comp_atom.pdbx_stereo_config 
_chem_comp_atom.pdbx_ordinal 
ALA N    N N N 1   
ALA CA   C N S 2   
ALA C    C N N 3   
ALA O    O N N 4   
ALA CB   C N N 5   
ALA OXT  O N N 6   
ALA H    H N N 7   
ALA H2   H N N 8   
ALA HA   H N N 9   
ALA HB1  H N N 10  
ALA HB2  H N N 11  
ALA HB3  H N N 12  
ALA HXT  H N N 13  
ARG N    N N N 14  
ARG CA   C N S 15  
ARG C    C N N 16  
ARG O    O N N 17  
ARG CB   C N N 18  
ARG CG   C N N 19  
ARG CD   C N N 20  
ARG NE   N N N 21  
ARG CZ   C N N 22  
ARG NH1  N N N 23  
ARG NH2  N N N 24  
ARG OXT  O N N 25  
ARG H    H N N 26  
ARG H2   H N N 27  
ARG HA   H N N 28  
ARG HB2  H N N 29  
ARG HB3  H N N 30  
ARG HG2  H N N 31  
ARG HG3  H N N 32  
ARG HD2  H N N 33  
ARG HD3  H N N 34  
ARG HE   H N N 35  
ARG HH11 H N N 36  
ARG HH12 H N N 37  
ARG HH21 H N N 38  
ARG HH22 H N N 39  
ARG HXT  H N N 40  
ASN N    N N N 41  
ASN CA   C N S 42  
ASN C    C N N 43  
ASN O    O N N 44  
ASN CB   C N N 45  
ASN CG   C N N 46  
ASN OD1  O N N 47  
ASN ND2  N N N 48  
ASN OXT  O N N 49  
ASN H    H N N 50  
ASN H2   H N N 51  
ASN HA   H N N 52  
ASN HB2  H N N 53  
ASN HB3  H N N 54  
ASN HD21 H N N 55  
ASN HD22 H N N 56  
ASN HXT  H N N 57  
ASP N    N N N 58  
ASP CA   C N S 59  
ASP C    C N N 60  
ASP O    O N N 61  
ASP CB   C N N 62  
ASP CG   C N N 63  
ASP OD1  O N N 64  
ASP OD2  O N N 65  
ASP OXT  O N N 66  
ASP H    H N N 67  
ASP H2   H N N 68  
ASP HA   H N N 69  
ASP HB2  H N N 70  
ASP HB3  H N N 71  
ASP HD2  H N N 72  
ASP HXT  H N N 73  
CYS N    N N N 74  
CYS CA   C N R 75  
CYS C    C N N 76  
CYS O    O N N 77  
CYS CB   C N N 78  
CYS SG   S N N 79  
CYS OXT  O N N 80  
CYS H    H N N 81  
CYS H2   H N N 82  
CYS HA   H N N 83  
CYS HB2  H N N 84  
CYS HB3  H N N 85  
CYS HG   H N N 86  
CYS HXT  H N N 87  
GLN N    N N N 88  
GLN CA   C N S 89  
GLN C    C N N 90  
GLN O    O N N 91  
GLN CB   C N N 92  
GLN CG   C N N 93  
GLN CD   C N N 94  
GLN OE1  O N N 95  
GLN NE2  N N N 96  
GLN OXT  O N N 97  
GLN H    H N N 98  
GLN H2   H N N 99  
GLN HA   H N N 100 
GLN HB2  H N N 101 
GLN HB3  H N N 102 
GLN HG2  H N N 103 
GLN HG3  H N N 104 
GLN HE21 H N N 105 
GLN HE22 H N N 106 
GLN HXT  H N N 107 
GLU N    N N N 108 
GLU CA   C N S 109 
GLU C    C N N 110 
GLU O    O N N 111 
GLU CB   C N N 112 
GLU CG   C N N 113 
GLU CD   C N N 114 
GLU OE1  O N N 115 
GLU OE2  O N N 116 
GLU OXT  O N N 117 
GLU H    H N N 118 
GLU H2   H N N 119 
GLU HA   H N N 120 
GLU HB2  H N N 121 
GLU HB3  H N N 122 
GLU HG2  H N N 123 
GLU HG3  H N N 124 
GLU HE2  H N N 125 
GLU HXT  H N N 126 
GLY N    N N N 127 
GLY CA   C N N 128 
GLY C    C N N 129 
GLY O    O N N 130 
GLY OXT  O N N 131 
GLY H    H N N 132 
GLY H2   H N N 133 
GLY HA2  H N N 134 
GLY HA3  H N N 135 
GLY HXT  H N N 136 
HIS N    N N N 137 
HIS CA   C N S 138 
HIS C    C N N 139 
HIS O    O N N 140 
HIS CB   C N N 141 
HIS CG   C Y N 142 
HIS ND1  N Y N 143 
HIS CD2  C Y N 144 
HIS CE1  C Y N 145 
HIS NE2  N Y N 146 
HIS OXT  O N N 147 
HIS H    H N N 148 
HIS H2   H N N 149 
HIS HA   H N N 150 
HIS HB2  H N N 151 
HIS HB3  H N N 152 
HIS HD1  H N N 153 
HIS HD2  H N N 154 
HIS HE1  H N N 155 
HIS HE2  H N N 156 
HIS HXT  H N N 157 
HOH O    O N N 158 
HOH H1   H N N 159 
HOH H2   H N N 160 
ILE N    N N N 161 
ILE CA   C N S 162 
ILE C    C N N 163 
ILE O    O N N 164 
ILE CB   C N S 165 
ILE CG1  C N N 166 
ILE CG2  C N N 167 
ILE CD1  C N N 168 
ILE OXT  O N N 169 
ILE H    H N N 170 
ILE H2   H N N 171 
ILE HA   H N N 172 
ILE HB   H N N 173 
ILE HG12 H N N 174 
ILE HG13 H N N 175 
ILE HG21 H N N 176 
ILE HG22 H N N 177 
ILE HG23 H N N 178 
ILE HD11 H N N 179 
ILE HD12 H N N 180 
ILE HD13 H N N 181 
ILE HXT  H N N 182 
LEU N    N N N 183 
LEU CA   C N S 184 
LEU C    C N N 185 
LEU O    O N N 186 
LEU CB   C N N 187 
LEU CG   C N N 188 
LEU CD1  C N N 189 
LEU CD2  C N N 190 
LEU OXT  O N N 191 
LEU H    H N N 192 
LEU H2   H N N 193 
LEU HA   H N N 194 
LEU HB2  H N N 195 
LEU HB3  H N N 196 
LEU HG   H N N 197 
LEU HD11 H N N 198 
LEU HD12 H N N 199 
LEU HD13 H N N 200 
LEU HD21 H N N 201 
LEU HD22 H N N 202 
LEU HD23 H N N 203 
LEU HXT  H N N 204 
LYS N    N N N 205 
LYS CA   C N S 206 
LYS C    C N N 207 
LYS O    O N N 208 
LYS CB   C N N 209 
LYS CG   C N N 210 
LYS CD   C N N 211 
LYS CE   C N N 212 
LYS NZ   N N N 213 
LYS OXT  O N N 214 
LYS H    H N N 215 
LYS H2   H N N 216 
LYS HA   H N N 217 
LYS HB2  H N N 218 
LYS HB3  H N N 219 
LYS HG2  H N N 220 
LYS HG3  H N N 221 
LYS HD2  H N N 222 
LYS HD3  H N N 223 
LYS HE2  H N N 224 
LYS HE3  H N N 225 
LYS HZ1  H N N 226 
LYS HZ2  H N N 227 
LYS HZ3  H N N 228 
LYS HXT  H N N 229 
MET N    N N N 230 
MET CA   C N S 231 
MET C    C N N 232 
MET O    O N N 233 
MET CB   C N N 234 
MET CG   C N N 235 
MET SD   S N N 236 
MET CE   C N N 237 
MET OXT  O N N 238 
MET H    H N N 239 
MET H2   H N N 240 
MET HA   H N N 241 
MET HB2  H N N 242 
MET HB3  H N N 243 
MET HG2  H N N 244 
MET HG3  H N N 245 
MET HE1  H N N 246 
MET HE2  H N N 247 
MET HE3  H N N 248 
MET HXT  H N N 249 
PHE N    N N N 250 
PHE CA   C N S 251 
PHE C    C N N 252 
PHE O    O N N 253 
PHE CB   C N N 254 
PHE CG   C Y N 255 
PHE CD1  C Y N 256 
PHE CD2  C Y N 257 
PHE CE1  C Y N 258 
PHE CE2  C Y N 259 
PHE CZ   C Y N 260 
PHE OXT  O N N 261 
PHE H    H N N 262 
PHE H2   H N N 263 
PHE HA   H N N 264 
PHE HB2  H N N 265 
PHE HB3  H N N 266 
PHE HD1  H N N 267 
PHE HD2  H N N 268 
PHE HE1  H N N 269 
PHE HE2  H N N 270 
PHE HZ   H N N 271 
PHE HXT  H N N 272 
PRO N    N N N 273 
PRO CA   C N S 274 
PRO C    C N N 275 
PRO O    O N N 276 
PRO CB   C N N 277 
PRO CG   C N N 278 
PRO CD   C N N 279 
PRO OXT  O N N 280 
PRO H    H N N 281 
PRO HA   H N N 282 
PRO HB2  H N N 283 
PRO HB3  H N N 284 
PRO HG2  H N N 285 
PRO HG3  H N N 286 
PRO HD2  H N N 287 
PRO HD3  H N N 288 
PRO HXT  H N N 289 
SER N    N N N 290 
SER CA   C N S 291 
SER C    C N N 292 
SER O    O N N 293 
SER CB   C N N 294 
SER OG   O N N 295 
SER OXT  O N N 296 
SER H    H N N 297 
SER H2   H N N 298 
SER HA   H N N 299 
SER HB2  H N N 300 
SER HB3  H N N 301 
SER HG   H N N 302 
SER HXT  H N N 303 
THR N    N N N 304 
THR CA   C N S 305 
THR C    C N N 306 
THR O    O N N 307 
THR CB   C N R 308 
THR OG1  O N N 309 
THR CG2  C N N 310 
THR OXT  O N N 311 
THR H    H N N 312 
THR H2   H N N 313 
THR HA   H N N 314 
THR HB   H N N 315 
THR HG1  H N N 316 
THR HG21 H N N 317 
THR HG22 H N N 318 
THR HG23 H N N 319 
THR HXT  H N N 320 
TRP N    N N N 321 
TRP CA   C N S 322 
TRP C    C N N 323 
TRP O    O N N 324 
TRP CB   C N N 325 
TRP CG   C Y N 326 
TRP CD1  C Y N 327 
TRP CD2  C Y N 328 
TRP NE1  N Y N 329 
TRP CE2  C Y N 330 
TRP CE3  C Y N 331 
TRP CZ2  C Y N 332 
TRP CZ3  C Y N 333 
TRP CH2  C Y N 334 
TRP OXT  O N N 335 
TRP H    H N N 336 
TRP H2   H N N 337 
TRP HA   H N N 338 
TRP HB2  H N N 339 
TRP HB3  H N N 340 
TRP HD1  H N N 341 
TRP HE1  H N N 342 
TRP HE3  H N N 343 
TRP HZ2  H N N 344 
TRP HZ3  H N N 345 
TRP HH2  H N N 346 
TRP HXT  H N N 347 
TYR N    N N N 348 
TYR CA   C N S 349 
TYR C    C N N 350 
TYR O    O N N 351 
TYR CB   C N N 352 
TYR CG   C Y N 353 
TYR CD1  C Y N 354 
TYR CD2  C Y N 355 
TYR CE1  C Y N 356 
TYR CE2  C Y N 357 
TYR CZ   C Y N 358 
TYR OH   O N N 359 
TYR OXT  O N N 360 
TYR H    H N N 361 
TYR H2   H N N 362 
TYR HA   H N N 363 
TYR HB2  H N N 364 
TYR HB3  H N N 365 
TYR HD1  H N N 366 
TYR HD2  H N N 367 
TYR HE1  H N N 368 
TYR HE2  H N N 369 
TYR HH   H N N 370 
TYR HXT  H N N 371 
VAL N    N N N 372 
VAL CA   C N S 373 
VAL C    C N N 374 
VAL O    O N N 375 
VAL CB   C N N 376 
VAL CG1  C N N 377 
VAL CG2  C N N 378 
VAL OXT  O N N 379 
VAL H    H N N 380 
VAL H2   H N N 381 
VAL HA   H N N 382 
VAL HB   H N N 383 
VAL HG11 H N N 384 
VAL HG12 H N N 385 
VAL HG13 H N N 386 
VAL HG21 H N N 387 
VAL HG22 H N N 388 
VAL HG23 H N N 389 
VAL HXT  H N N 390 
# 
loop_
_chem_comp_bond.comp_id 
_chem_comp_bond.atom_id_1 
_chem_comp_bond.atom_id_2 
_chem_comp_bond.value_order 
_chem_comp_bond.pdbx_aromatic_flag 
_chem_comp_bond.pdbx_stereo_config 
_chem_comp_bond.pdbx_ordinal 
ALA N   CA   sing N N 1   
ALA N   H    sing N N 2   
ALA N   H2   sing N N 3   
ALA CA  C    sing N N 4   
ALA CA  CB   sing N N 5   
ALA CA  HA   sing N N 6   
ALA C   O    doub N N 7   
ALA C   OXT  sing N N 8   
ALA CB  HB1  sing N N 9   
ALA CB  HB2  sing N N 10  
ALA CB  HB3  sing N N 11  
ALA OXT HXT  sing N N 12  
ARG N   CA   sing N N 13  
ARG N   H    sing N N 14  
ARG N   H2   sing N N 15  
ARG CA  C    sing N N 16  
ARG CA  CB   sing N N 17  
ARG CA  HA   sing N N 18  
ARG C   O    doub N N 19  
ARG C   OXT  sing N N 20  
ARG CB  CG   sing N N 21  
ARG CB  HB2  sing N N 22  
ARG CB  HB3  sing N N 23  
ARG CG  CD   sing N N 24  
ARG CG  HG2  sing N N 25  
ARG CG  HG3  sing N N 26  
ARG CD  NE   sing N N 27  
ARG CD  HD2  sing N N 28  
ARG CD  HD3  sing N N 29  
ARG NE  CZ   sing N N 30  
ARG NE  HE   sing N N 31  
ARG CZ  NH1  sing N N 32  
ARG CZ  NH2  doub N N 33  
ARG NH1 HH11 sing N N 34  
ARG NH1 HH12 sing N N 35  
ARG NH2 HH21 sing N N 36  
ARG NH2 HH22 sing N N 37  
ARG OXT HXT  sing N N 38  
ASN N   CA   sing N N 39  
ASN N   H    sing N N 40  
ASN N   H2   sing N N 41  
ASN CA  C    sing N N 42  
ASN CA  CB   sing N N 43  
ASN CA  HA   sing N N 44  
ASN C   O    doub N N 45  
ASN C   OXT  sing N N 46  
ASN CB  CG   sing N N 47  
ASN CB  HB2  sing N N 48  
ASN CB  HB3  sing N N 49  
ASN CG  OD1  doub N N 50  
ASN CG  ND2  sing N N 51  
ASN ND2 HD21 sing N N 52  
ASN ND2 HD22 sing N N 53  
ASN OXT HXT  sing N N 54  
ASP N   CA   sing N N 55  
ASP N   H    sing N N 56  
ASP N   H2   sing N N 57  
ASP CA  C    sing N N 58  
ASP CA  CB   sing N N 59  
ASP CA  HA   sing N N 60  
ASP C   O    doub N N 61  
ASP C   OXT  sing N N 62  
ASP CB  CG   sing N N 63  
ASP CB  HB2  sing N N 64  
ASP CB  HB3  sing N N 65  
ASP CG  OD1  doub N N 66  
ASP CG  OD2  sing N N 67  
ASP OD2 HD2  sing N N 68  
ASP OXT HXT  sing N N 69  
CYS N   CA   sing N N 70  
CYS N   H    sing N N 71  
CYS N   H2   sing N N 72  
CYS CA  C    sing N N 73  
CYS CA  CB   sing N N 74  
CYS CA  HA   sing N N 75  
CYS C   O    doub N N 76  
CYS C   OXT  sing N N 77  
CYS CB  SG   sing N N 78  
CYS CB  HB2  sing N N 79  
CYS CB  HB3  sing N N 80  
CYS SG  HG   sing N N 81  
CYS OXT HXT  sing N N 82  
GLN N   CA   sing N N 83  
GLN N   H    sing N N 84  
GLN N   H2   sing N N 85  
GLN CA  C    sing N N 86  
GLN CA  CB   sing N N 87  
GLN CA  HA   sing N N 88  
GLN C   O    doub N N 89  
GLN C   OXT  sing N N 90  
GLN CB  CG   sing N N 91  
GLN CB  HB2  sing N N 92  
GLN CB  HB3  sing N N 93  
GLN CG  CD   sing N N 94  
GLN CG  HG2  sing N N 95  
GLN CG  HG3  sing N N 96  
GLN CD  OE1  doub N N 97  
GLN CD  NE2  sing N N 98  
GLN NE2 HE21 sing N N 99  
GLN NE2 HE22 sing N N 100 
GLN OXT HXT  sing N N 101 
GLU N   CA   sing N N 102 
GLU N   H    sing N N 103 
GLU N   H2   sing N N 104 
GLU CA  C    sing N N 105 
GLU CA  CB   sing N N 106 
GLU CA  HA   sing N N 107 
GLU C   O    doub N N 108 
GLU C   OXT  sing N N 109 
GLU CB  CG   sing N N 110 
GLU CB  HB2  sing N N 111 
GLU CB  HB3  sing N N 112 
GLU CG  CD   sing N N 113 
GLU CG  HG2  sing N N 114 
GLU CG  HG3  sing N N 115 
GLU CD  OE1  doub N N 116 
GLU CD  OE2  sing N N 117 
GLU OE2 HE2  sing N N 118 
GLU OXT HXT  sing N N 119 
GLY N   CA   sing N N 120 
GLY N   H    sing N N 121 
GLY N   H2   sing N N 122 
GLY CA  C    sing N N 123 
GLY CA  HA2  sing N N 124 
GLY CA  HA3  sing N N 125 
GLY C   O    doub N N 126 
GLY C   OXT  sing N N 127 
GLY OXT HXT  sing N N 128 
HIS N   CA   sing N N 129 
HIS N   H    sing N N 130 
HIS N   H2   sing N N 131 
HIS CA  C    sing N N 132 
HIS CA  CB   sing N N 133 
HIS CA  HA   sing N N 134 
HIS C   O    doub N N 135 
HIS C   OXT  sing N N 136 
HIS CB  CG   sing N N 137 
HIS CB  HB2  sing N N 138 
HIS CB  HB3  sing N N 139 
HIS CG  ND1  sing Y N 140 
HIS CG  CD2  doub Y N 141 
HIS ND1 CE1  doub Y N 142 
HIS ND1 HD1  sing N N 143 
HIS CD2 NE2  sing Y N 144 
HIS CD2 HD2  sing N N 145 
HIS CE1 NE2  sing Y N 146 
HIS CE1 HE1  sing N N 147 
HIS NE2 HE2  sing N N 148 
HIS OXT HXT  sing N N 149 
HOH O   H1   sing N N 150 
HOH O   H2   sing N N 151 
ILE N   CA   sing N N 152 
ILE N   H    sing N N 153 
ILE N   H2   sing N N 154 
ILE CA  C    sing N N 155 
ILE CA  CB   sing N N 156 
ILE CA  HA   sing N N 157 
ILE C   O    doub N N 158 
ILE C   OXT  sing N N 159 
ILE CB  CG1  sing N N 160 
ILE CB  CG2  sing N N 161 
ILE CB  HB   sing N N 162 
ILE CG1 CD1  sing N N 163 
ILE CG1 HG12 sing N N 164 
ILE CG1 HG13 sing N N 165 
ILE CG2 HG21 sing N N 166 
ILE CG2 HG22 sing N N 167 
ILE CG2 HG23 sing N N 168 
ILE CD1 HD11 sing N N 169 
ILE CD1 HD12 sing N N 170 
ILE CD1 HD13 sing N N 171 
ILE OXT HXT  sing N N 172 
LEU N   CA   sing N N 173 
LEU N   H    sing N N 174 
LEU N   H2   sing N N 175 
LEU CA  C    sing N N 176 
LEU CA  CB   sing N N 177 
LEU CA  HA   sing N N 178 
LEU C   O    doub N N 179 
LEU C   OXT  sing N N 180 
LEU CB  CG   sing N N 181 
LEU CB  HB2  sing N N 182 
LEU CB  HB3  sing N N 183 
LEU CG  CD1  sing N N 184 
LEU CG  CD2  sing N N 185 
LEU CG  HG   sing N N 186 
LEU CD1 HD11 sing N N 187 
LEU CD1 HD12 sing N N 188 
LEU CD1 HD13 sing N N 189 
LEU CD2 HD21 sing N N 190 
LEU CD2 HD22 sing N N 191 
LEU CD2 HD23 sing N N 192 
LEU OXT HXT  sing N N 193 
LYS N   CA   sing N N 194 
LYS N   H    sing N N 195 
LYS N   H2   sing N N 196 
LYS CA  C    sing N N 197 
LYS CA  CB   sing N N 198 
LYS CA  HA   sing N N 199 
LYS C   O    doub N N 200 
LYS C   OXT  sing N N 201 
LYS CB  CG   sing N N 202 
LYS CB  HB2  sing N N 203 
LYS CB  HB3  sing N N 204 
LYS CG  CD   sing N N 205 
LYS CG  HG2  sing N N 206 
LYS CG  HG3  sing N N 207 
LYS CD  CE   sing N N 208 
LYS CD  HD2  sing N N 209 
LYS CD  HD3  sing N N 210 
LYS CE  NZ   sing N N 211 
LYS CE  HE2  sing N N 212 
LYS CE  HE3  sing N N 213 
LYS NZ  HZ1  sing N N 214 
LYS NZ  HZ2  sing N N 215 
LYS NZ  HZ3  sing N N 216 
LYS OXT HXT  sing N N 217 
MET N   CA   sing N N 218 
MET N   H    sing N N 219 
MET N   H2   sing N N 220 
MET CA  C    sing N N 221 
MET CA  CB   sing N N 222 
MET CA  HA   sing N N 223 
MET C   O    doub N N 224 
MET C   OXT  sing N N 225 
MET CB  CG   sing N N 226 
MET CB  HB2  sing N N 227 
MET CB  HB3  sing N N 228 
MET CG  SD   sing N N 229 
MET CG  HG2  sing N N 230 
MET CG  HG3  sing N N 231 
MET SD  CE   sing N N 232 
MET CE  HE1  sing N N 233 
MET CE  HE2  sing N N 234 
MET CE  HE3  sing N N 235 
MET OXT HXT  sing N N 236 
PHE N   CA   sing N N 237 
PHE N   H    sing N N 238 
PHE N   H2   sing N N 239 
PHE CA  C    sing N N 240 
PHE CA  CB   sing N N 241 
PHE CA  HA   sing N N 242 
PHE C   O    doub N N 243 
PHE C   OXT  sing N N 244 
PHE CB  CG   sing N N 245 
PHE CB  HB2  sing N N 246 
PHE CB  HB3  sing N N 247 
PHE CG  CD1  doub Y N 248 
PHE CG  CD2  sing Y N 249 
PHE CD1 CE1  sing Y N 250 
PHE CD1 HD1  sing N N 251 
PHE CD2 CE2  doub Y N 252 
PHE CD2 HD2  sing N N 253 
PHE CE1 CZ   doub Y N 254 
PHE CE1 HE1  sing N N 255 
PHE CE2 CZ   sing Y N 256 
PHE CE2 HE2  sing N N 257 
PHE CZ  HZ   sing N N 258 
PHE OXT HXT  sing N N 259 
PRO N   CA   sing N N 260 
PRO N   CD   sing N N 261 
PRO N   H    sing N N 262 
PRO CA  C    sing N N 263 
PRO CA  CB   sing N N 264 
PRO CA  HA   sing N N 265 
PRO C   O    doub N N 266 
PRO C   OXT  sing N N 267 
PRO CB  CG   sing N N 268 
PRO CB  HB2  sing N N 269 
PRO CB  HB3  sing N N 270 
PRO CG  CD   sing N N 271 
PRO CG  HG2  sing N N 272 
PRO CG  HG3  sing N N 273 
PRO CD  HD2  sing N N 274 
PRO CD  HD3  sing N N 275 
PRO OXT HXT  sing N N 276 
SER N   CA   sing N N 277 
SER N   H    sing N N 278 
SER N   H2   sing N N 279 
SER CA  C    sing N N 280 
SER CA  CB   sing N N 281 
SER CA  HA   sing N N 282 
SER C   O    doub N N 283 
SER C   OXT  sing N N 284 
SER CB  OG   sing N N 285 
SER CB  HB2  sing N N 286 
SER CB  HB3  sing N N 287 
SER OG  HG   sing N N 288 
SER OXT HXT  sing N N 289 
THR N   CA   sing N N 290 
THR N   H    sing N N 291 
THR N   H2   sing N N 292 
THR CA  C    sing N N 293 
THR CA  CB   sing N N 294 
THR CA  HA   sing N N 295 
THR C   O    doub N N 296 
THR C   OXT  sing N N 297 
THR CB  OG1  sing N N 298 
THR CB  CG2  sing N N 299 
THR CB  HB   sing N N 300 
THR OG1 HG1  sing N N 301 
THR CG2 HG21 sing N N 302 
THR CG2 HG22 sing N N 303 
THR CG2 HG23 sing N N 304 
THR OXT HXT  sing N N 305 
TRP N   CA   sing N N 306 
TRP N   H    sing N N 307 
TRP N   H2   sing N N 308 
TRP CA  C    sing N N 309 
TRP CA  CB   sing N N 310 
TRP CA  HA   sing N N 311 
TRP C   O    doub N N 312 
TRP C   OXT  sing N N 313 
TRP CB  CG   sing N N 314 
TRP CB  HB2  sing N N 315 
TRP CB  HB3  sing N N 316 
TRP CG  CD1  doub Y N 317 
TRP CG  CD2  sing Y N 318 
TRP CD1 NE1  sing Y N 319 
TRP CD1 HD1  sing N N 320 
TRP CD2 CE2  doub Y N 321 
TRP CD2 CE3  sing Y N 322 
TRP NE1 CE2  sing Y N 323 
TRP NE1 HE1  sing N N 324 
TRP CE2 CZ2  sing Y N 325 
TRP CE3 CZ3  doub Y N 326 
TRP CE3 HE3  sing N N 327 
TRP CZ2 CH2  doub Y N 328 
TRP CZ2 HZ2  sing N N 329 
TRP CZ3 CH2  sing Y N 330 
TRP CZ3 HZ3  sing N N 331 
TRP CH2 HH2  sing N N 332 
TRP OXT HXT  sing N N 333 
TYR N   CA   sing N N 334 
TYR N   H    sing N N 335 
TYR N   H2   sing N N 336 
TYR CA  C    sing N N 337 
TYR CA  CB   sing N N 338 
TYR CA  HA   sing N N 339 
TYR C   O    doub N N 340 
TYR C   OXT  sing N N 341 
TYR CB  CG   sing N N 342 
TYR CB  HB2  sing N N 343 
TYR CB  HB3  sing N N 344 
TYR CG  CD1  doub Y N 345 
TYR CG  CD2  sing Y N 346 
TYR CD1 CE1  sing Y N 347 
TYR CD1 HD1  sing N N 348 
TYR CD2 CE2  doub Y N 349 
TYR CD2 HD2  sing N N 350 
TYR CE1 CZ   doub Y N 351 
TYR CE1 HE1  sing N N 352 
TYR CE2 CZ   sing Y N 353 
TYR CE2 HE2  sing N N 354 
TYR CZ  OH   sing N N 355 
TYR OH  HH   sing N N 356 
TYR OXT HXT  sing N N 357 
VAL N   CA   sing N N 358 
VAL N   H    sing N N 359 
VAL N   H2   sing N N 360 
VAL CA  C    sing N N 361 
VAL CA  CB   sing N N 362 
VAL CA  HA   sing N N 363 
VAL C   O    doub N N 364 
VAL C   OXT  sing N N 365 
VAL CB  CG1  sing N N 366 
VAL CB  CG2  sing N N 367 
VAL CB  HB   sing N N 368 
VAL CG1 HG11 sing N N 369 
VAL CG1 HG12 sing N N 370 
VAL CG1 HG13 sing N N 371 
VAL CG2 HG21 sing N N 372 
VAL CG2 HG22 sing N N 373 
VAL CG2 HG23 sing N N 374 
VAL OXT HXT  sing N N 375 
# 
_pdbx_entity_nonpoly.entity_id   3 
_pdbx_entity_nonpoly.name        water 
_pdbx_entity_nonpoly.comp_id     HOH 
# 
_pdbx_initial_refinement_model.id               1 
_pdbx_initial_refinement_model.entity_id_list   ? 
_pdbx_initial_refinement_model.type             'experimental model' 
_pdbx_initial_refinement_model.source_name      PDB 
_pdbx_initial_refinement_model.accession_code   2C2L 
_pdbx_initial_refinement_model.details          ? 
# 
